data_8BPJ
# 
_entry.id   8BPJ 
# 
_audit_conform.dict_name       mmcif_pdbx.dic 
_audit_conform.dict_version    5.399 
_audit_conform.dict_location   http://mmcif.pdb.org/dictionaries/ascii/mmcif_pdbx.dic 
# 
loop_
_database_2.database_id 
_database_2.database_code 
_database_2.pdbx_database_accession 
_database_2.pdbx_DOI 
PDB   8BPJ         pdb_00008bpj 10.2210/pdb8bpj/pdb 
WWPDB D_1292126809 ?            ?                   
# 
loop_
_pdbx_audit_revision_history.ordinal 
_pdbx_audit_revision_history.data_content_type 
_pdbx_audit_revision_history.major_revision 
_pdbx_audit_revision_history.minor_revision 
_pdbx_audit_revision_history.revision_date 
1 'Structure model' 1 0 2023-06-28 
2 'Structure model' 1 1 2024-02-07 
3 'Structure model' 1 2 2024-11-20 
# 
_pdbx_audit_revision_details.ordinal             1 
_pdbx_audit_revision_details.revision_ordinal    1 
_pdbx_audit_revision_details.data_content_type   'Structure model' 
_pdbx_audit_revision_details.provider            repository 
_pdbx_audit_revision_details.type                'Initial release' 
_pdbx_audit_revision_details.description         ? 
_pdbx_audit_revision_details.details             ? 
# 
loop_
_pdbx_audit_revision_group.ordinal 
_pdbx_audit_revision_group.revision_ordinal 
_pdbx_audit_revision_group.data_content_type 
_pdbx_audit_revision_group.group 
1 2 'Structure model' 'Data collection'        
2 2 'Structure model' 'Refinement description' 
3 3 'Structure model' 'Structure summary'      
# 
loop_
_pdbx_audit_revision_category.ordinal 
_pdbx_audit_revision_category.revision_ordinal 
_pdbx_audit_revision_category.data_content_type 
_pdbx_audit_revision_category.category 
1 2 'Structure model' chem_comp_atom                
2 2 'Structure model' chem_comp_bond                
3 2 'Structure model' pdbx_initial_refinement_model 
4 3 'Structure model' pdbx_entry_details            
5 3 'Structure model' pdbx_modification_feature     
# 
_pdbx_audit_revision_item.ordinal             1 
_pdbx_audit_revision_item.revision_ordinal    3 
_pdbx_audit_revision_item.data_content_type   'Structure model' 
_pdbx_audit_revision_item.item                '_pdbx_entry_details.has_protein_modification' 
# 
_pdbx_database_status.status_code                     REL 
_pdbx_database_status.status_code_sf                  REL 
_pdbx_database_status.status_code_mr                  ? 
_pdbx_database_status.entry_id                        8BPJ 
_pdbx_database_status.recvd_initial_deposition_date   2023-01-17 
_pdbx_database_status.SG_entry                        N 
_pdbx_database_status.deposit_site                    PDBE 
_pdbx_database_status.process_site                    PDBE 
_pdbx_database_status.status_code_cs                  ? 
_pdbx_database_status.status_code_nmr_data            ? 
_pdbx_database_status.methods_development_category    ? 
_pdbx_database_status.pdb_format_compatible           N 
# 
loop_
_pdbx_contact_author.id 
_pdbx_contact_author.email 
_pdbx_contact_author.name_first 
_pdbx_contact_author.name_last 
_pdbx_contact_author.name_mi 
_pdbx_contact_author.role 
_pdbx_contact_author.identifier_ORCID 
4 giarita.ferraro@unina.it   Giarita   Ferraro ? 'principal investigator/group leader' 0000-0001-9385-2429 
5 aaronter@ucm.es            Aaron     Teran   ? 'principal investigator/group leader' 0000-0001-6126-6230 
6 antonello.merlino@unina.it Antonello Merlino ? 'principal investigator/group leader' 0000-0002-1045-7720 
# 
loop_
_audit_author.name 
_audit_author.pdbx_ordinal 
_audit_author.identifier_ORCID 
'Teran, A.'   1 ? 
'Merlino, A.' 2 ? 
'Ferraro, G.' 3 ? 
# 
_citation.abstract                  ? 
_citation.abstract_id_CAS           ? 
_citation.book_id_ISBN              ? 
_citation.book_publisher            ? 
_citation.book_publisher_city       ? 
_citation.book_title                ? 
_citation.coordinate_linkage        ? 
_citation.country                   US 
_citation.database_id_Medline       ? 
_citation.details                   ? 
_citation.id                        primary 
_citation.journal_abbrev            Inorg.Chem. 
_citation.journal_id_ASTM           INOCAJ 
_citation.journal_id_CSD            0009 
_citation.journal_id_ISSN           0020-1669 
_citation.journal_full              ? 
_citation.journal_issue             ? 
_citation.journal_volume            62 
_citation.language                  ? 
_citation.page_first                670 
_citation.page_last                 674 
_citation.title                     
'Effect of Equatorial Ligand Substitution on the Reactivity with Proteins of Paddlewheel Diruthenium Complexes: Structural Studies.' 
_citation.year                      2023 
_citation.database_id_CSD           ? 
_citation.pdbx_database_id_DOI      10.1021/acs.inorgchem.2c04103 
_citation.pdbx_database_id_PubMed   36597851 
_citation.pdbx_database_id_patent   ? 
_citation.unpublished_flag          ? 
# 
loop_
_citation_author.citation_id 
_citation_author.name 
_citation_author.ordinal 
_citation_author.identifier_ORCID 
primary 'Teran, A.'            1 ?                   
primary 'Ferraro, G.'          2 ?                   
primary 'Sanchez-Pelaez, A.E.' 3 ?                   
primary 'Herrero, S.'          4 0000-0002-9901-1142 
primary 'Merlino, A.'          5 0000-0002-1045-7720 
# 
loop_
_entity.id 
_entity.type 
_entity.src_method 
_entity.pdbx_description 
_entity.formula_weight 
_entity.pdbx_number_of_molecules 
_entity.pdbx_ec 
_entity.pdbx_mutation 
_entity.pdbx_fragment 
_entity.details 
1 polymer     nat Lysozyme 14331.160 1   ? ? ? ? 
2 non-polymer syn 'SODIUM ION' 22.990    1   ? ? ? ? 
3 non-polymer syn 'NITRATE ION' 62.005    5   ? ? ? ? 
4 non-polymer syn 
'9,11-bis(4-fluorophenyl)-3,7-dimethyl-2,4,6,8-tetraoxa-9,11-diaza-1$l^{4},5$l^{4}-diruthenatricyclo[3.3.3.0^{1,5}]undecane' 
554.473   2   ? ? ? ? 
5 water       nat water 18.015    109 ? ? ? ? 
# 
_entity_poly.entity_id                      1 
_entity_poly.type                           'polypeptide(L)' 
_entity_poly.nstd_linkage                   no 
_entity_poly.nstd_monomer                   no 
_entity_poly.pdbx_seq_one_letter_code       
;KVFGRCELAAAMKRHGLDNYRGYSLGNWVCAAKFESNFNTQATNRNTDGSTDYGILQINSRWWCNDGRTPGSRNLCNIPC
SALLSSDITASVNCAKKIVSDGNGMNAWVAWRNRCKGTDVQAWIRGCRL
;
_entity_poly.pdbx_seq_one_letter_code_can   
;KVFGRCELAAAMKRHGLDNYRGYSLGNWVCAAKFESNFNTQATNRNTDGSTDYGILQINSRWWCNDGRTPGSRNLCNIPC
SALLSSDITASVNCAKKIVSDGNGMNAWVAWRNRCKGTDVQAWIRGCRL
;
_entity_poly.pdbx_strand_id                 AAA 
_entity_poly.pdbx_target_identifier         ? 
# 
loop_
_pdbx_entity_nonpoly.entity_id 
_pdbx_entity_nonpoly.name 
_pdbx_entity_nonpoly.comp_id 
2 'SODIUM ION'                                                                                                                 NA  
3 'NITRATE ION'                                                                                                                NO3 
4 '9,11-bis(4-fluorophenyl)-3,7-dimethyl-2,4,6,8-tetraoxa-9,11-diaza-1$l^{4},5$l^{4}-diruthenatricyclo[3.3.3.0^{1,5}]undecane' TZ6 
5 water                                                                                                                        HOH 
# 
loop_
_entity_poly_seq.entity_id 
_entity_poly_seq.num 
_entity_poly_seq.mon_id 
_entity_poly_seq.hetero 
1 1   LYS n 
1 2   VAL n 
1 3   PHE n 
1 4   GLY n 
1 5   ARG n 
1 6   CYS n 
1 7   GLU n 
1 8   LEU n 
1 9   ALA n 
1 10  ALA n 
1 11  ALA n 
1 12  MET n 
1 13  LYS n 
1 14  ARG n 
1 15  HIS n 
1 16  GLY n 
1 17  LEU n 
1 18  ASP n 
1 19  ASN n 
1 20  TYR n 
1 21  ARG n 
1 22  GLY n 
1 23  TYR n 
1 24  SER n 
1 25  LEU n 
1 26  GLY n 
1 27  ASN n 
1 28  TRP n 
1 29  VAL n 
1 30  CYS n 
1 31  ALA n 
1 32  ALA n 
1 33  LYS n 
1 34  PHE n 
1 35  GLU n 
1 36  SER n 
1 37  ASN n 
1 38  PHE n 
1 39  ASN n 
1 40  THR n 
1 41  GLN n 
1 42  ALA n 
1 43  THR n 
1 44  ASN n 
1 45  ARG n 
1 46  ASN n 
1 47  THR n 
1 48  ASP n 
1 49  GLY n 
1 50  SER n 
1 51  THR n 
1 52  ASP n 
1 53  TYR n 
1 54  GLY n 
1 55  ILE n 
1 56  LEU n 
1 57  GLN n 
1 58  ILE n 
1 59  ASN n 
1 60  SER n 
1 61  ARG n 
1 62  TRP n 
1 63  TRP n 
1 64  CYS n 
1 65  ASN n 
1 66  ASP n 
1 67  GLY n 
1 68  ARG n 
1 69  THR n 
1 70  PRO n 
1 71  GLY n 
1 72  SER n 
1 73  ARG n 
1 74  ASN n 
1 75  LEU n 
1 76  CYS n 
1 77  ASN n 
1 78  ILE n 
1 79  PRO n 
1 80  CYS n 
1 81  SER n 
1 82  ALA n 
1 83  LEU n 
1 84  LEU n 
1 85  SER n 
1 86  SER n 
1 87  ASP n 
1 88  ILE n 
1 89  THR n 
1 90  ALA n 
1 91  SER n 
1 92  VAL n 
1 93  ASN n 
1 94  CYS n 
1 95  ALA n 
1 96  LYS n 
1 97  LYS n 
1 98  ILE n 
1 99  VAL n 
1 100 SER n 
1 101 ASP n 
1 102 GLY n 
1 103 ASN n 
1 104 GLY n 
1 105 MET n 
1 106 ASN n 
1 107 ALA n 
1 108 TRP n 
1 109 VAL n 
1 110 ALA n 
1 111 TRP n 
1 112 ARG n 
1 113 ASN n 
1 114 ARG n 
1 115 CYS n 
1 116 LYS n 
1 117 GLY n 
1 118 THR n 
1 119 ASP n 
1 120 VAL n 
1 121 GLN n 
1 122 ALA n 
1 123 TRP n 
1 124 ILE n 
1 125 ARG n 
1 126 GLY n 
1 127 CYS n 
1 128 ARG n 
1 129 LEU n 
# 
_entity_src_nat.entity_id                  1 
_entity_src_nat.pdbx_src_id                1 
_entity_src_nat.pdbx_alt_source_flag       sample 
_entity_src_nat.pdbx_beg_seq_num           1 
_entity_src_nat.pdbx_end_seq_num           129 
_entity_src_nat.common_name                chicken 
_entity_src_nat.pdbx_organism_scientific   'Gallus gallus' 
_entity_src_nat.pdbx_ncbi_taxonomy_id      9031 
_entity_src_nat.genus                      ? 
_entity_src_nat.species                    ? 
_entity_src_nat.strain                     ? 
_entity_src_nat.tissue                     ? 
_entity_src_nat.tissue_fraction            ? 
_entity_src_nat.pdbx_secretion             ? 
_entity_src_nat.pdbx_fragment              ? 
_entity_src_nat.pdbx_variant               ? 
_entity_src_nat.pdbx_cell_line             ? 
_entity_src_nat.pdbx_atcc                  ? 
_entity_src_nat.pdbx_cellular_location     ? 
_entity_src_nat.pdbx_organ                 ? 
_entity_src_nat.pdbx_organelle             ? 
_entity_src_nat.pdbx_cell                  ? 
_entity_src_nat.pdbx_plasmid_name          ? 
_entity_src_nat.pdbx_plasmid_details       ? 
_entity_src_nat.details                    ? 
# 
loop_
_chem_comp.id 
_chem_comp.type 
_chem_comp.mon_nstd_flag 
_chem_comp.name 
_chem_comp.pdbx_synonyms 
_chem_comp.formula 
_chem_comp.formula_weight 
ALA 'L-peptide linking' y ALANINE ? 'C3 H7 N O2'           89.093  
ARG 'L-peptide linking' y ARGININE ? 'C6 H15 N4 O2 1'       175.209 
ASN 'L-peptide linking' y ASPARAGINE ? 'C4 H8 N2 O3'          132.118 
ASP 'L-peptide linking' y 'ASPARTIC ACID' ? 'C4 H7 N O4'           133.103 
CYS 'L-peptide linking' y CYSTEINE ? 'C3 H7 N O2 S'         121.158 
GLN 'L-peptide linking' y GLUTAMINE ? 'C5 H10 N2 O3'         146.144 
GLU 'L-peptide linking' y 'GLUTAMIC ACID' ? 'C5 H9 N O4'           147.129 
GLY 'peptide linking'   y GLYCINE ? 'C2 H5 N O2'           75.067  
HIS 'L-peptide linking' y HISTIDINE ? 'C6 H10 N3 O2 1'       156.162 
HOH non-polymer         . WATER ? 'H2 O'                 18.015  
ILE 'L-peptide linking' y ISOLEUCINE ? 'C6 H13 N O2'          131.173 
LEU 'L-peptide linking' y LEUCINE ? 'C6 H13 N O2'          131.173 
LYS 'L-peptide linking' y LYSINE ? 'C6 H15 N2 O2 1'       147.195 
MET 'L-peptide linking' y METHIONINE ? 'C5 H11 N O2 S'        149.211 
NA  non-polymer         . 'SODIUM ION' ? 'Na 1'                 22.990  
NO3 non-polymer         . 'NITRATE ION' ? 'N O3 -1'              62.005  
PHE 'L-peptide linking' y PHENYLALANINE ? 'C9 H11 N O2'          165.189 
PRO 'L-peptide linking' y PROLINE ? 'C5 H9 N O2'           115.130 
SER 'L-peptide linking' y SERINE ? 'C3 H7 N O3'           105.093 
THR 'L-peptide linking' y THREONINE ? 'C4 H9 N O3'           119.119 
TRP 'L-peptide linking' y TRYPTOPHAN ? 'C11 H12 N2 O2'        204.225 
TYR 'L-peptide linking' y TYROSINE ? 'C9 H11 N O3'          181.189 
TZ6 non-polymer         . 
'9,11-bis(4-fluorophenyl)-3,7-dimethyl-2,4,6,8-tetraoxa-9,11-diaza-1$l^{4},5$l^{4}-diruthenatricyclo[3.3.3.0^{1,5}]undecane' ? 
'C17 H18 F2 N2 O4 Ru2' 554.473 
VAL 'L-peptide linking' y VALINE ? 'C5 H11 N O2'          117.146 
# 
loop_
_pdbx_poly_seq_scheme.asym_id 
_pdbx_poly_seq_scheme.entity_id 
_pdbx_poly_seq_scheme.seq_id 
_pdbx_poly_seq_scheme.mon_id 
_pdbx_poly_seq_scheme.ndb_seq_num 
_pdbx_poly_seq_scheme.pdb_seq_num 
_pdbx_poly_seq_scheme.auth_seq_num 
_pdbx_poly_seq_scheme.pdb_mon_id 
_pdbx_poly_seq_scheme.auth_mon_id 
_pdbx_poly_seq_scheme.pdb_strand_id 
_pdbx_poly_seq_scheme.pdb_ins_code 
_pdbx_poly_seq_scheme.hetero 
A 1 1   LYS 1   1   1   LYS LYS AAA . n 
A 1 2   VAL 2   2   2   VAL VAL AAA . n 
A 1 3   PHE 3   3   3   PHE PHE AAA . n 
A 1 4   GLY 4   4   4   GLY GLY AAA . n 
A 1 5   ARG 5   5   5   ARG ARG AAA . n 
A 1 6   CYS 6   6   6   CYS CYS AAA . n 
A 1 7   GLU 7   7   7   GLU GLU AAA . n 
A 1 8   LEU 8   8   8   LEU LEU AAA . n 
A 1 9   ALA 9   9   9   ALA ALA AAA . n 
A 1 10  ALA 10  10  10  ALA ALA AAA . n 
A 1 11  ALA 11  11  11  ALA ALA AAA . n 
A 1 12  MET 12  12  12  MET MET AAA . n 
A 1 13  LYS 13  13  13  LYS LYS AAA . n 
A 1 14  ARG 14  14  14  ARG ARG AAA . n 
A 1 15  HIS 15  15  15  HIS HIS AAA . n 
A 1 16  GLY 16  16  16  GLY GLY AAA . n 
A 1 17  LEU 17  17  17  LEU LEU AAA . n 
A 1 18  ASP 18  18  18  ASP ASP AAA . n 
A 1 19  ASN 19  19  19  ASN ASN AAA . n 
A 1 20  TYR 20  20  20  TYR TYR AAA . n 
A 1 21  ARG 21  21  21  ARG ARG AAA . n 
A 1 22  GLY 22  22  22  GLY GLY AAA . n 
A 1 23  TYR 23  23  23  TYR TYR AAA . n 
A 1 24  SER 24  24  24  SER SER AAA . n 
A 1 25  LEU 25  25  25  LEU LEU AAA . n 
A 1 26  GLY 26  26  26  GLY GLY AAA . n 
A 1 27  ASN 27  27  27  ASN ASN AAA . n 
A 1 28  TRP 28  28  28  TRP TRP AAA . n 
A 1 29  VAL 29  29  29  VAL VAL AAA . n 
A 1 30  CYS 30  30  30  CYS CYS AAA . n 
A 1 31  ALA 31  31  31  ALA ALA AAA . n 
A 1 32  ALA 32  32  32  ALA ALA AAA . n 
A 1 33  LYS 33  33  33  LYS LYS AAA . n 
A 1 34  PHE 34  34  34  PHE PHE AAA . n 
A 1 35  GLU 35  35  35  GLU GLU AAA . n 
A 1 36  SER 36  36  36  SER SER AAA . n 
A 1 37  ASN 37  37  37  ASN ASN AAA . n 
A 1 38  PHE 38  38  38  PHE PHE AAA . n 
A 1 39  ASN 39  39  39  ASN ASN AAA . n 
A 1 40  THR 40  40  40  THR THR AAA . n 
A 1 41  GLN 41  41  41  GLN GLN AAA . n 
A 1 42  ALA 42  42  42  ALA ALA AAA . n 
A 1 43  THR 43  43  43  THR THR AAA . n 
A 1 44  ASN 44  44  44  ASN ASN AAA . n 
A 1 45  ARG 45  45  45  ARG ARG AAA . n 
A 1 46  ASN 46  46  46  ASN ASN AAA . n 
A 1 47  THR 47  47  47  THR THR AAA . n 
A 1 48  ASP 48  48  48  ASP ASP AAA . n 
A 1 49  GLY 49  49  49  GLY GLY AAA . n 
A 1 50  SER 50  50  50  SER SER AAA . n 
A 1 51  THR 51  51  51  THR THR AAA . n 
A 1 52  ASP 52  52  52  ASP ASP AAA . n 
A 1 53  TYR 53  53  53  TYR TYR AAA . n 
A 1 54  GLY 54  54  54  GLY GLY AAA . n 
A 1 55  ILE 55  55  55  ILE ILE AAA . n 
A 1 56  LEU 56  56  56  LEU LEU AAA . n 
A 1 57  GLN 57  57  57  GLN GLN AAA . n 
A 1 58  ILE 58  58  58  ILE ILE AAA . n 
A 1 59  ASN 59  59  59  ASN ASN AAA . n 
A 1 60  SER 60  60  60  SER SER AAA . n 
A 1 61  ARG 61  61  61  ARG ARG AAA . n 
A 1 62  TRP 62  62  62  TRP TRP AAA . n 
A 1 63  TRP 63  63  63  TRP TRP AAA . n 
A 1 64  CYS 64  64  64  CYS CYS AAA . n 
A 1 65  ASN 65  65  65  ASN ASN AAA . n 
A 1 66  ASP 66  66  66  ASP ASP AAA . n 
A 1 67  GLY 67  67  67  GLY GLY AAA . n 
A 1 68  ARG 68  68  68  ARG ARG AAA . n 
A 1 69  THR 69  69  69  THR THR AAA . n 
A 1 70  PRO 70  70  70  PRO PRO AAA . n 
A 1 71  GLY 71  71  71  GLY GLY AAA . n 
A 1 72  SER 72  72  72  SER SER AAA . n 
A 1 73  ARG 73  73  73  ARG ARG AAA . n 
A 1 74  ASN 74  74  74  ASN ASN AAA . n 
A 1 75  LEU 75  75  75  LEU LEU AAA . n 
A 1 76  CYS 76  76  76  CYS CYS AAA . n 
A 1 77  ASN 77  77  77  ASN ASN AAA . n 
A 1 78  ILE 78  78  78  ILE ILE AAA . n 
A 1 79  PRO 79  79  79  PRO PRO AAA . n 
A 1 80  CYS 80  80  80  CYS CYS AAA . n 
A 1 81  SER 81  81  81  SER SER AAA . n 
A 1 82  ALA 82  82  82  ALA ALA AAA . n 
A 1 83  LEU 83  83  83  LEU LEU AAA . n 
A 1 84  LEU 84  84  84  LEU LEU AAA . n 
A 1 85  SER 85  85  85  SER SER AAA . n 
A 1 86  SER 86  86  86  SER SER AAA . n 
A 1 87  ASP 87  87  87  ASP ASP AAA . n 
A 1 88  ILE 88  88  88  ILE ILE AAA . n 
A 1 89  THR 89  89  89  THR THR AAA . n 
A 1 90  ALA 90  90  90  ALA ALA AAA . n 
A 1 91  SER 91  91  91  SER SER AAA . n 
A 1 92  VAL 92  92  92  VAL VAL AAA . n 
A 1 93  ASN 93  93  93  ASN ASN AAA . n 
A 1 94  CYS 94  94  94  CYS CYS AAA . n 
A 1 95  ALA 95  95  95  ALA ALA AAA . n 
A 1 96  LYS 96  96  96  LYS LYS AAA . n 
A 1 97  LYS 97  97  97  LYS LYS AAA . n 
A 1 98  ILE 98  98  98  ILE ILE AAA . n 
A 1 99  VAL 99  99  99  VAL VAL AAA . n 
A 1 100 SER 100 100 100 SER SER AAA . n 
A 1 101 ASP 101 101 101 ASP ASP AAA . n 
A 1 102 GLY 102 102 102 GLY GLY AAA . n 
A 1 103 ASN 103 103 103 ASN ASN AAA . n 
A 1 104 GLY 104 104 104 GLY GLY AAA . n 
A 1 105 MET 105 105 105 MET MET AAA . n 
A 1 106 ASN 106 106 106 ASN ASN AAA . n 
A 1 107 ALA 107 107 107 ALA ALA AAA . n 
A 1 108 TRP 108 108 108 TRP TRP AAA . n 
A 1 109 VAL 109 109 109 VAL VAL AAA . n 
A 1 110 ALA 110 110 110 ALA ALA AAA . n 
A 1 111 TRP 111 111 111 TRP TRP AAA . n 
A 1 112 ARG 112 112 112 ARG ARG AAA . n 
A 1 113 ASN 113 113 113 ASN ASN AAA . n 
A 1 114 ARG 114 114 114 ARG ARG AAA . n 
A 1 115 CYS 115 115 115 CYS CYS AAA . n 
A 1 116 LYS 116 116 116 LYS LYS AAA . n 
A 1 117 GLY 117 117 117 GLY GLY AAA . n 
A 1 118 THR 118 118 118 THR THR AAA . n 
A 1 119 ASP 119 119 119 ASP ASP AAA . n 
A 1 120 VAL 120 120 120 VAL VAL AAA . n 
A 1 121 GLN 121 121 121 GLN GLN AAA . n 
A 1 122 ALA 122 122 122 ALA ALA AAA . n 
A 1 123 TRP 123 123 123 TRP TRP AAA . n 
A 1 124 ILE 124 124 124 ILE ILE AAA . n 
A 1 125 ARG 125 125 125 ARG ARG AAA . n 
A 1 126 GLY 126 126 126 GLY GLY AAA . n 
A 1 127 CYS 127 127 127 CYS CYS AAA . n 
A 1 128 ARG 128 128 128 ARG ARG AAA . n 
A 1 129 LEU 129 129 129 LEU LEU AAA . n 
# 
_pdbx_entity_instance_feature.ordinal        1 
_pdbx_entity_instance_feature.comp_id        TZ6 
_pdbx_entity_instance_feature.asym_id        ? 
_pdbx_entity_instance_feature.seq_num        ? 
_pdbx_entity_instance_feature.auth_comp_id   TZ6 
_pdbx_entity_instance_feature.auth_asym_id   ? 
_pdbx_entity_instance_feature.auth_seq_num   ? 
_pdbx_entity_instance_feature.feature_type   'SUBJECT OF INVESTIGATION' 
_pdbx_entity_instance_feature.details        ? 
# 
loop_
_pdbx_nonpoly_scheme.asym_id 
_pdbx_nonpoly_scheme.entity_id 
_pdbx_nonpoly_scheme.mon_id 
_pdbx_nonpoly_scheme.ndb_seq_num 
_pdbx_nonpoly_scheme.pdb_seq_num 
_pdbx_nonpoly_scheme.auth_seq_num 
_pdbx_nonpoly_scheme.pdb_mon_id 
_pdbx_nonpoly_scheme.auth_mon_id 
_pdbx_nonpoly_scheme.pdb_strand_id 
_pdbx_nonpoly_scheme.pdb_ins_code 
B 2 NA  1   201 131 NA  NA  AAA . 
C 3 NO3 1   202 132 NO3 NO3 AAA . 
D 3 NO3 1   203 133 NO3 NO3 AAA . 
E 3 NO3 1   204 134 NO3 NO3 AAA . 
F 3 NO3 1   205 135 NO3 NO3 AAA . 
G 3 NO3 1   206 136 NO3 NO3 AAA . 
H 4 TZ6 1   207 1   TZ6 TM5 AAA . 
I 4 TZ6 1   208 2   TZ6 TM5 AAA . 
J 5 HOH 1   301 56  HOH HOH AAA . 
J 5 HOH 2   302 111 HOH HOH AAA . 
J 5 HOH 3   303 38  HOH HOH AAA . 
J 5 HOH 4   304 108 HOH HOH AAA . 
J 5 HOH 5   305 148 HOH HOH AAA . 
J 5 HOH 6   306 27  HOH HOH AAA . 
J 5 HOH 7   307 75  HOH HOH AAA . 
J 5 HOH 8   308 24  HOH HOH AAA . 
J 5 HOH 9   309 85  HOH HOH AAA . 
J 5 HOH 10  310 46  HOH HOH AAA . 
J 5 HOH 11  311 69  HOH HOH AAA . 
J 5 HOH 12  312 130 HOH HOH AAA . 
J 5 HOH 13  313 29  HOH HOH AAA . 
J 5 HOH 14  314 50  HOH HOH AAA . 
J 5 HOH 15  315 4   HOH HOH AAA . 
J 5 HOH 16  316 128 HOH HOH AAA . 
J 5 HOH 17  317 53  HOH HOH AAA . 
J 5 HOH 18  318 5   HOH HOH AAA . 
J 5 HOH 19  319 101 HOH HOH AAA . 
J 5 HOH 20  320 23  HOH HOH AAA . 
J 5 HOH 21  321 99  HOH HOH AAA . 
J 5 HOH 22  322 96  HOH HOH AAA . 
J 5 HOH 23  323 134 HOH HOH AAA . 
J 5 HOH 24  324 110 HOH HOH AAA . 
J 5 HOH 25  325 20  HOH HOH AAA . 
J 5 HOH 26  326 74  HOH HOH AAA . 
J 5 HOH 27  327 100 HOH HOH AAA . 
J 5 HOH 28  328 6   HOH HOH AAA . 
J 5 HOH 29  329 55  HOH HOH AAA . 
J 5 HOH 30  330 41  HOH HOH AAA . 
J 5 HOH 31  331 36  HOH HOH AAA . 
J 5 HOH 32  332 57  HOH HOH AAA . 
J 5 HOH 33  333 44  HOH HOH AAA . 
J 5 HOH 34  334 25  HOH HOH AAA . 
J 5 HOH 35  335 77  HOH HOH AAA . 
J 5 HOH 36  336 2   HOH HOH AAA . 
J 5 HOH 37  337 70  HOH HOH AAA . 
J 5 HOH 38  338 71  HOH HOH AAA . 
J 5 HOH 39  339 81  HOH HOH AAA . 
J 5 HOH 40  340 80  HOH HOH AAA . 
J 5 HOH 41  341 16  HOH HOH AAA . 
J 5 HOH 42  342 3   HOH HOH AAA . 
J 5 HOH 43  343 15  HOH HOH AAA . 
J 5 HOH 44  344 7   HOH HOH AAA . 
J 5 HOH 45  345 103 HOH HOH AAA . 
J 5 HOH 46  346 12  HOH HOH AAA . 
J 5 HOH 47  347 67  HOH HOH AAA . 
J 5 HOH 48  348 33  HOH HOH AAA . 
J 5 HOH 49  349 22  HOH HOH AAA . 
J 5 HOH 50  350 87  HOH HOH AAA . 
J 5 HOH 51  351 1   HOH HOH AAA . 
J 5 HOH 52  352 45  HOH HOH AAA . 
J 5 HOH 53  353 17  HOH HOH AAA . 
J 5 HOH 54  354 98  HOH HOH AAA . 
J 5 HOH 55  355 37  HOH HOH AAA . 
J 5 HOH 56  356 10  HOH HOH AAA . 
J 5 HOH 57  357 91  HOH HOH AAA . 
J 5 HOH 58  358 88  HOH HOH AAA . 
J 5 HOH 59  359 30  HOH HOH AAA . 
J 5 HOH 60  360 59  HOH HOH AAA . 
J 5 HOH 61  361 42  HOH HOH AAA . 
J 5 HOH 62  362 14  HOH HOH AAA . 
J 5 HOH 63  363 84  HOH HOH AAA . 
J 5 HOH 64  364 13  HOH HOH AAA . 
J 5 HOH 65  365 26  HOH HOH AAA . 
J 5 HOH 66  366 151 HOH HOH AAA . 
J 5 HOH 67  367 63  HOH HOH AAA . 
J 5 HOH 68  368 82  HOH HOH AAA . 
J 5 HOH 69  369 65  HOH HOH AAA . 
J 5 HOH 70  370 149 HOH HOH AAA . 
J 5 HOH 71  371 60  HOH HOH AAA . 
J 5 HOH 72  372 92  HOH HOH AAA . 
J 5 HOH 73  373 106 HOH HOH AAA . 
J 5 HOH 74  374 58  HOH HOH AAA . 
J 5 HOH 75  375 54  HOH HOH AAA . 
J 5 HOH 76  376 66  HOH HOH AAA . 
J 5 HOH 77  377 136 HOH HOH AAA . 
J 5 HOH 78  378 107 HOH HOH AAA . 
J 5 HOH 79  379 32  HOH HOH AAA . 
J 5 HOH 80  380 94  HOH HOH AAA . 
J 5 HOH 81  381 72  HOH HOH AAA . 
J 5 HOH 82  382 34  HOH HOH AAA . 
J 5 HOH 83  383 78  HOH HOH AAA . 
J 5 HOH 84  384 127 HOH HOH AAA . 
J 5 HOH 85  385 8   HOH HOH AAA . 
J 5 HOH 86  386 95  HOH HOH AAA . 
J 5 HOH 87  387 68  HOH HOH AAA . 
J 5 HOH 88  388 83  HOH HOH AAA . 
J 5 HOH 89  389 104 HOH HOH AAA . 
J 5 HOH 90  390 19  HOH HOH AAA . 
J 5 HOH 91  391 143 HOH HOH AAA . 
J 5 HOH 92  392 48  HOH HOH AAA . 
J 5 HOH 93  393 140 HOH HOH AAA . 
J 5 HOH 94  394 89  HOH HOH AAA . 
J 5 HOH 95  395 90  HOH HOH AAA . 
J 5 HOH 96  396 76  HOH HOH AAA . 
J 5 HOH 97  397 49  HOH HOH AAA . 
J 5 HOH 98  398 133 HOH HOH AAA . 
J 5 HOH 99  399 40  HOH HOH AAA . 
J 5 HOH 100 400 126 HOH HOH AAA . 
J 5 HOH 101 401 150 HOH HOH AAA . 
J 5 HOH 102 402 93  HOH HOH AAA . 
J 5 HOH 103 403 39  HOH HOH AAA . 
J 5 HOH 104 404 141 HOH HOH AAA . 
J 5 HOH 105 405 86  HOH HOH AAA . 
J 5 HOH 106 406 64  HOH HOH AAA . 
J 5 HOH 107 407 43  HOH HOH AAA . 
J 5 HOH 108 408 51  HOH HOH AAA . 
J 5 HOH 109 409 97  HOH HOH AAA . 
# 
loop_
_pdbx_unobs_or_zero_occ_atoms.id 
_pdbx_unobs_or_zero_occ_atoms.PDB_model_num 
_pdbx_unobs_or_zero_occ_atoms.polymer_flag 
_pdbx_unobs_or_zero_occ_atoms.occupancy_flag 
_pdbx_unobs_or_zero_occ_atoms.auth_asym_id 
_pdbx_unobs_or_zero_occ_atoms.auth_comp_id 
_pdbx_unobs_or_zero_occ_atoms.auth_seq_id 
_pdbx_unobs_or_zero_occ_atoms.PDB_ins_code 
_pdbx_unobs_or_zero_occ_atoms.auth_atom_id 
_pdbx_unobs_or_zero_occ_atoms.label_alt_id 
_pdbx_unobs_or_zero_occ_atoms.label_asym_id 
_pdbx_unobs_or_zero_occ_atoms.label_comp_id 
_pdbx_unobs_or_zero_occ_atoms.label_seq_id 
_pdbx_unobs_or_zero_occ_atoms.label_atom_id 
1 1 N 1 AAA TZ6 208 ? C15 ? I TZ6 1 C15 
2 1 N 1 AAA TZ6 208 ? C16 ? I TZ6 1 C16 
3 1 N 1 AAA TZ6 208 ? C14 ? I TZ6 1 C14 
4 1 N 1 AAA TZ6 208 ? C17 ? I TZ6 1 C17 
# 
loop_
_software.citation_id 
_software.classification 
_software.compiler_name 
_software.compiler_version 
_software.contact_author 
_software.contact_author_email 
_software.date 
_software.description 
_software.dependencies 
_software.hardware 
_software.language 
_software.location 
_software.mods 
_software.name 
_software.os 
_software.os_version 
_software.type 
_software.version 
_software.pdbx_ordinal 
? refinement       ? ? ? ? ? ? ? ? ? ? ? REFMAC   ? ? ? 5.8.0267 1 
? 'data reduction' ? ? ? ? ? ? ? ? ? ? ? autoPROC ? ? ? .        2 
? 'data scaling'   ? ? ? ? ? ? ? ? ? ? ? autoPROC ? ? ? .        3 
? phasing          ? ? ? ? ? ? ? ? ? ? ? PHASER   ? ? ? .        4 
# 
_cell.angle_alpha                  90.000 
_cell.angle_alpha_esd              ? 
_cell.angle_beta                   90.000 
_cell.angle_beta_esd               ? 
_cell.angle_gamma                  90.000 
_cell.angle_gamma_esd              ? 
_cell.entry_id                     8BPJ 
_cell.details                      ? 
_cell.formula_units_Z              ? 
_cell.length_a                     77.480 
_cell.length_a_esd                 ? 
_cell.length_b                     77.480 
_cell.length_b_esd                 ? 
_cell.length_c                     37.270 
_cell.length_c_esd                 ? 
_cell.volume                       ? 
_cell.volume_esd                   ? 
_cell.Z_PDB                        8 
_cell.reciprocal_angle_alpha       ? 
_cell.reciprocal_angle_beta        ? 
_cell.reciprocal_angle_gamma       ? 
_cell.reciprocal_angle_alpha_esd   ? 
_cell.reciprocal_angle_beta_esd    ? 
_cell.reciprocal_angle_gamma_esd   ? 
_cell.reciprocal_length_a          ? 
_cell.reciprocal_length_b          ? 
_cell.reciprocal_length_c          ? 
_cell.reciprocal_length_a_esd      ? 
_cell.reciprocal_length_b_esd      ? 
_cell.reciprocal_length_c_esd      ? 
_cell.pdbx_unique_axis             ? 
_cell.pdbx_esd_method              ? 
# 
_symmetry.entry_id                         8BPJ 
_symmetry.cell_setting                     ? 
_symmetry.Int_Tables_number                96 
_symmetry.space_group_name_Hall            ? 
_symmetry.space_group_name_H-M             'P 43 21 2' 
_symmetry.pdbx_full_space_group_name_H-M   ? 
# 
_exptl.absorpt_coefficient_mu     ? 
_exptl.absorpt_correction_T_max   ? 
_exptl.absorpt_correction_T_min   ? 
_exptl.absorpt_correction_type    ? 
_exptl.absorpt_process_details    ? 
_exptl.entry_id                   8BPJ 
_exptl.crystals_number            1 
_exptl.details                    ? 
_exptl.method                     'X-RAY DIFFRACTION' 
_exptl.method_details             ? 
# 
_exptl_crystal.colour                       ? 
_exptl_crystal.density_diffrn               ? 
_exptl_crystal.density_Matthews             1.95 
_exptl_crystal.density_method               ? 
_exptl_crystal.density_percent_sol          36.97 
_exptl_crystal.description                  ? 
_exptl_crystal.F_000                        ? 
_exptl_crystal.id                           1 
_exptl_crystal.preparation                  ? 
_exptl_crystal.size_max                     ? 
_exptl_crystal.size_mid                     ? 
_exptl_crystal.size_min                     ? 
_exptl_crystal.size_rad                     ? 
_exptl_crystal.colour_lustre                ? 
_exptl_crystal.colour_modifier              ? 
_exptl_crystal.colour_primary               ? 
_exptl_crystal.density_meas                 ? 
_exptl_crystal.density_meas_esd             ? 
_exptl_crystal.density_meas_gt              ? 
_exptl_crystal.density_meas_lt              ? 
_exptl_crystal.density_meas_temp            ? 
_exptl_crystal.density_meas_temp_esd        ? 
_exptl_crystal.density_meas_temp_gt         ? 
_exptl_crystal.density_meas_temp_lt         ? 
_exptl_crystal.pdbx_crystal_image_url       ? 
_exptl_crystal.pdbx_crystal_image_format    ? 
_exptl_crystal.pdbx_mosaicity               ? 
_exptl_crystal.pdbx_mosaicity_esd           ? 
_exptl_crystal.pdbx_mosaic_method           ? 
_exptl_crystal.pdbx_mosaic_block_size       ? 
_exptl_crystal.pdbx_mosaic_block_size_esd   ? 
# 
_exptl_crystal_grow.apparatus       ? 
_exptl_crystal_grow.atmosphere      ? 
_exptl_crystal_grow.crystal_id      1 
_exptl_crystal_grow.details         ? 
_exptl_crystal_grow.method          'VAPOR DIFFUSION, HANGING DROP' 
_exptl_crystal_grow.method_ref      ? 
_exptl_crystal_grow.pH              4 
_exptl_crystal_grow.pressure        ? 
_exptl_crystal_grow.pressure_esd    ? 
_exptl_crystal_grow.seeding         ? 
_exptl_crystal_grow.seeding_ref     ? 
_exptl_crystal_grow.temp_details    ? 
_exptl_crystal_grow.temp_esd        ? 
_exptl_crystal_grow.time            ? 
_exptl_crystal_grow.pdbx_details    '20% ethylene glycol, 0.1 M sodium acetate buffer at pH 4.0, 0.6 M sodium nitrate' 
_exptl_crystal_grow.pdbx_pH_range   ? 
_exptl_crystal_grow.temp            293 
# 
_diffrn.ambient_environment              ? 
_diffrn.ambient_temp                     100 
_diffrn.ambient_temp_details             ? 
_diffrn.ambient_temp_esd                 ? 
_diffrn.crystal_id                       1 
_diffrn.crystal_support                  ? 
_diffrn.crystal_treatment                ? 
_diffrn.details                          ? 
_diffrn.id                               1 
_diffrn.ambient_pressure                 ? 
_diffrn.ambient_pressure_esd             ? 
_diffrn.ambient_pressure_gt              ? 
_diffrn.ambient_pressure_lt              ? 
_diffrn.ambient_temp_gt                  ? 
_diffrn.ambient_temp_lt                  ? 
_diffrn.pdbx_serial_crystal_experiment   N 
# 
_diffrn_detector.details                      ? 
_diffrn_detector.detector                     PIXEL 
_diffrn_detector.diffrn_id                    1 
_diffrn_detector.type                         'DECTRIS PILATUS 6M' 
_diffrn_detector.area_resol_mean              ? 
_diffrn_detector.dtime                        ? 
_diffrn_detector.pdbx_frames_total            ? 
_diffrn_detector.pdbx_collection_time_total   ? 
_diffrn_detector.pdbx_collection_date         2022-06-17 
_diffrn_detector.pdbx_frequency               ? 
# 
_diffrn_radiation.collimation                      ? 
_diffrn_radiation.diffrn_id                        1 
_diffrn_radiation.filter_edge                      ? 
_diffrn_radiation.inhomogeneity                    ? 
_diffrn_radiation.monochromator                    ? 
_diffrn_radiation.polarisn_norm                    ? 
_diffrn_radiation.polarisn_ratio                   ? 
_diffrn_radiation.probe                            ? 
_diffrn_radiation.type                             ? 
_diffrn_radiation.xray_symbol                      ? 
_diffrn_radiation.wavelength_id                    1 
_diffrn_radiation.pdbx_monochromatic_or_laue_m_l   M 
_diffrn_radiation.pdbx_wavelength_list             ? 
_diffrn_radiation.pdbx_wavelength                  ? 
_diffrn_radiation.pdbx_diffrn_protocol             'SINGLE WAVELENGTH' 
_diffrn_radiation.pdbx_analyzer                    ? 
_diffrn_radiation.pdbx_scattering_type             x-ray 
# 
_diffrn_radiation_wavelength.id           1 
_diffrn_radiation_wavelength.wavelength   1 
_diffrn_radiation_wavelength.wt           1.0 
# 
_diffrn_source.current                     ? 
_diffrn_source.details                     ? 
_diffrn_source.diffrn_id                   1 
_diffrn_source.power                       ? 
_diffrn_source.size                        ? 
_diffrn_source.source                      SYNCHROTRON 
_diffrn_source.target                      ? 
_diffrn_source.type                        'ELETTRA BEAMLINE 11.2C' 
_diffrn_source.voltage                     ? 
_diffrn_source.take-off_angle              ? 
_diffrn_source.pdbx_wavelength_list        1 
_diffrn_source.pdbx_wavelength             ? 
_diffrn_source.pdbx_synchrotron_beamline   11.2C 
_diffrn_source.pdbx_synchrotron_site       ELETTRA 
# 
_reflns.B_iso_Wilson_estimate                          ? 
_reflns.entry_id                                       8BPJ 
_reflns.data_reduction_details                         ? 
_reflns.data_reduction_method                          ? 
_reflns.d_resolution_high                              1.38 
_reflns.d_resolution_low                               54.79 
_reflns.details                                        ? 
_reflns.limit_h_max                                    ? 
_reflns.limit_h_min                                    ? 
_reflns.limit_k_max                                    ? 
_reflns.limit_k_min                                    ? 
_reflns.limit_l_max                                    ? 
_reflns.limit_l_min                                    ? 
_reflns.number_all                                     ? 
_reflns.number_obs                                     23817 
_reflns.observed_criterion                             ? 
_reflns.observed_criterion_F_max                       ? 
_reflns.observed_criterion_F_min                       ? 
_reflns.observed_criterion_I_max                       ? 
_reflns.observed_criterion_I_min                       ? 
_reflns.observed_criterion_sigma_F                     ? 
_reflns.observed_criterion_sigma_I                     ? 
_reflns.percent_possible_obs                           99.9 
_reflns.R_free_details                                 ? 
_reflns.Rmerge_F_all                                   ? 
_reflns.Rmerge_F_obs                                   ? 
_reflns.Friedel_coverage                               ? 
_reflns.number_gt                                      ? 
_reflns.threshold_expression                           ? 
_reflns.pdbx_redundancy                                10.3 
_reflns.pdbx_netI_over_av_sigmaI                       ? 
_reflns.pdbx_netI_over_sigmaI                          21.8 
_reflns.pdbx_res_netI_over_av_sigmaI_2                 ? 
_reflns.pdbx_res_netI_over_sigmaI_2                    ? 
_reflns.pdbx_chi_squared                               ? 
_reflns.pdbx_scaling_rejects                           ? 
_reflns.pdbx_d_res_high_opt                            ? 
_reflns.pdbx_d_res_low_opt                             ? 
_reflns.pdbx_d_res_opt_method                          ? 
_reflns.phase_calculation_details                      ? 
_reflns.pdbx_Rrim_I_all                                ? 
_reflns.pdbx_Rpim_I_all                                ? 
_reflns.pdbx_d_opt                                     ? 
_reflns.pdbx_number_measured_all                       ? 
_reflns.pdbx_diffrn_id                                 1 
_reflns.pdbx_ordinal                                   1 
_reflns.pdbx_CC_half                                   0.99 
_reflns.pdbx_CC_star                                   ? 
_reflns.pdbx_R_split                                   ? 
_reflns.pdbx_Rmerge_I_obs                              0.047 
_reflns.pdbx_Rmerge_I_all                              ? 
_reflns.pdbx_Rsym_value                                ? 
_reflns.pdbx_CC_split_method                           ? 
_reflns.pdbx_aniso_diffraction_limit_axis_1_ortho[1]   ? 
_reflns.pdbx_aniso_diffraction_limit_axis_1_ortho[2]   ? 
_reflns.pdbx_aniso_diffraction_limit_axis_1_ortho[3]   ? 
_reflns.pdbx_aniso_diffraction_limit_axis_2_ortho[1]   ? 
_reflns.pdbx_aniso_diffraction_limit_axis_2_ortho[2]   ? 
_reflns.pdbx_aniso_diffraction_limit_axis_2_ortho[3]   ? 
_reflns.pdbx_aniso_diffraction_limit_axis_3_ortho[1]   ? 
_reflns.pdbx_aniso_diffraction_limit_axis_3_ortho[2]   ? 
_reflns.pdbx_aniso_diffraction_limit_axis_3_ortho[3]   ? 
_reflns.pdbx_aniso_diffraction_limit_1                 ? 
_reflns.pdbx_aniso_diffraction_limit_2                 ? 
_reflns.pdbx_aniso_diffraction_limit_3                 ? 
_reflns.pdbx_aniso_B_tensor_eigenvector_1_ortho[1]     ? 
_reflns.pdbx_aniso_B_tensor_eigenvector_1_ortho[2]     ? 
_reflns.pdbx_aniso_B_tensor_eigenvector_1_ortho[3]     ? 
_reflns.pdbx_aniso_B_tensor_eigenvector_2_ortho[1]     ? 
_reflns.pdbx_aniso_B_tensor_eigenvector_2_ortho[2]     ? 
_reflns.pdbx_aniso_B_tensor_eigenvector_2_ortho[3]     ? 
_reflns.pdbx_aniso_B_tensor_eigenvector_3_ortho[1]     ? 
_reflns.pdbx_aniso_B_tensor_eigenvector_3_ortho[2]     ? 
_reflns.pdbx_aniso_B_tensor_eigenvector_3_ortho[3]     ? 
_reflns.pdbx_aniso_B_tensor_eigenvalue_1               ? 
_reflns.pdbx_aniso_B_tensor_eigenvalue_2               ? 
_reflns.pdbx_aniso_B_tensor_eigenvalue_3               ? 
_reflns.pdbx_orthogonalization_convention              ? 
_reflns.pdbx_percent_possible_ellipsoidal              ? 
_reflns.pdbx_percent_possible_spherical                ? 
_reflns.pdbx_percent_possible_ellipsoidal_anomalous    ? 
_reflns.pdbx_percent_possible_spherical_anomalous      ? 
_reflns.pdbx_redundancy_anomalous                      ? 
_reflns.pdbx_CC_half_anomalous                         ? 
_reflns.pdbx_absDiff_over_sigma_anomalous              ? 
_reflns.pdbx_percent_possible_anomalous                ? 
_reflns.pdbx_observed_signal_threshold                 ? 
_reflns.pdbx_signal_type                               ? 
_reflns.pdbx_signal_details                            ? 
_reflns.pdbx_signal_software_id                        ? 
# 
_reflns_shell.d_res_high                                    1.38 
_reflns_shell.d_res_low                                     1.40 
_reflns_shell.meanI_over_sigI_all                           ? 
_reflns_shell.meanI_over_sigI_obs                           2.3 
_reflns_shell.number_measured_all                           ? 
_reflns_shell.number_measured_obs                           ? 
_reflns_shell.number_possible                               ? 
_reflns_shell.number_unique_all                             ? 
_reflns_shell.number_unique_obs                             1153 
_reflns_shell.percent_possible_obs                          ? 
_reflns_shell.Rmerge_F_all                                  ? 
_reflns_shell.Rmerge_F_obs                                  ? 
_reflns_shell.meanI_over_sigI_gt                            ? 
_reflns_shell.meanI_over_uI_all                             ? 
_reflns_shell.meanI_over_uI_gt                              ? 
_reflns_shell.number_measured_gt                            ? 
_reflns_shell.number_unique_gt                              ? 
_reflns_shell.percent_possible_gt                           ? 
_reflns_shell.Rmerge_F_gt                                   ? 
_reflns_shell.Rmerge_I_gt                                   ? 
_reflns_shell.pdbx_redundancy                               ? 
_reflns_shell.pdbx_chi_squared                              ? 
_reflns_shell.pdbx_netI_over_sigmaI_all                     ? 
_reflns_shell.pdbx_netI_over_sigmaI_obs                     ? 
_reflns_shell.pdbx_Rrim_I_all                               ? 
_reflns_shell.pdbx_Rpim_I_all                               ? 
_reflns_shell.pdbx_rejects                                  ? 
_reflns_shell.pdbx_ordinal                                  1 
_reflns_shell.pdbx_diffrn_id                                1 
_reflns_shell.pdbx_CC_half                                  0.833 
_reflns_shell.pdbx_CC_star                                  ? 
_reflns_shell.pdbx_R_split                                  ? 
_reflns_shell.percent_possible_all                          ? 
_reflns_shell.Rmerge_I_all                                  ? 
_reflns_shell.Rmerge_I_obs                                  0.935 
_reflns_shell.pdbx_Rsym_value                               ? 
_reflns_shell.pdbx_percent_possible_ellipsoidal             ? 
_reflns_shell.pdbx_percent_possible_spherical               ? 
_reflns_shell.pdbx_percent_possible_ellipsoidal_anomalous   ? 
_reflns_shell.pdbx_percent_possible_spherical_anomalous     ? 
_reflns_shell.pdbx_redundancy_anomalous                     ? 
_reflns_shell.pdbx_CC_half_anomalous                        ? 
_reflns_shell.pdbx_absDiff_over_sigma_anomalous             ? 
_reflns_shell.pdbx_percent_possible_anomalous               ? 
# 
_refine.aniso_B[1][1]                            -0.049 
_refine.aniso_B[1][2]                            0.000 
_refine.aniso_B[1][3]                            0.000 
_refine.aniso_B[2][2]                            -0.049 
_refine.aniso_B[2][3]                            0.000 
_refine.aniso_B[3][3]                            0.098 
_refine.B_iso_max                                ? 
_refine.B_iso_mean                               24.069 
_refine.B_iso_min                                ? 
_refine.correlation_coeff_Fo_to_Fc               0.964 
_refine.correlation_coeff_Fo_to_Fc_free          0.934 
_refine.details                                  'Hydrogens have been added in their riding positions' 
_refine.diff_density_max                         ? 
_refine.diff_density_max_esd                     ? 
_refine.diff_density_min                         ? 
_refine.diff_density_min_esd                     ? 
_refine.diff_density_rms                         ? 
_refine.diff_density_rms_esd                     ? 
_refine.entry_id                                 8BPJ 
_refine.pdbx_refine_id                           'X-RAY DIFFRACTION' 
_refine.ls_abs_structure_details                 ? 
_refine.ls_abs_structure_Flack                   ? 
_refine.ls_abs_structure_Flack_esd               ? 
_refine.ls_abs_structure_Rogers                  ? 
_refine.ls_abs_structure_Rogers_esd              ? 
_refine.ls_d_res_high                            1.380 
_refine.ls_d_res_low                             54.79 
_refine.ls_extinction_coef                       ? 
_refine.ls_extinction_coef_esd                   ? 
_refine.ls_extinction_expression                 ? 
_refine.ls_extinction_method                     ? 
_refine.ls_goodness_of_fit_all                   ? 
_refine.ls_goodness_of_fit_all_esd               ? 
_refine.ls_goodness_of_fit_obs                   ? 
_refine.ls_goodness_of_fit_obs_esd               ? 
_refine.ls_hydrogen_treatment                    ? 
_refine.ls_matrix_type                           ? 
_refine.ls_number_constraints                    ? 
_refine.ls_number_parameters                     ? 
_refine.ls_number_reflns_all                     ? 
_refine.ls_number_reflns_obs                     23817 
_refine.ls_number_reflns_R_free                  1197 
_refine.ls_number_reflns_R_work                  22704 
_refine.ls_number_restraints                     ? 
_refine.ls_percent_reflns_obs                    99.933 
_refine.ls_percent_reflns_R_free                 5.008 
_refine.ls_R_factor_all                          0.192 
_refine.ls_R_factor_obs                          ? 
_refine.ls_R_factor_R_free                       0.2306 
_refine.ls_R_factor_R_free_error                 ? 
_refine.ls_R_factor_R_free_error_details         ? 
_refine.ls_R_factor_R_work                       0.1901 
_refine.ls_R_Fsqd_factor_obs                     ? 
_refine.ls_R_I_factor_obs                        ? 
_refine.ls_redundancy_reflns_all                 ? 
_refine.ls_redundancy_reflns_obs                 ? 
_refine.ls_restrained_S_all                      ? 
_refine.ls_restrained_S_obs                      ? 
_refine.ls_shift_over_esd_max                    ? 
_refine.ls_shift_over_esd_mean                   ? 
_refine.ls_structure_factor_coef                 ? 
_refine.ls_weighting_details                     ? 
_refine.ls_weighting_scheme                      ? 
_refine.ls_wR_factor_all                         ? 
_refine.ls_wR_factor_obs                         ? 
_refine.ls_wR_factor_R_free                      ? 
_refine.ls_wR_factor_R_work                      ? 
_refine.occupancy_max                            ? 
_refine.occupancy_min                            ? 
_refine.solvent_model_details                    'MASK BULK SOLVENT' 
_refine.solvent_model_param_bsol                 ? 
_refine.solvent_model_param_ksol                 ? 
_refine.pdbx_R_complete                          ? 
_refine.ls_R_factor_gt                           ? 
_refine.ls_goodness_of_fit_gt                    ? 
_refine.ls_goodness_of_fit_ref                   ? 
_refine.ls_shift_over_su_max                     ? 
_refine.ls_shift_over_su_max_lt                  ? 
_refine.ls_shift_over_su_mean                    ? 
_refine.ls_shift_over_su_mean_lt                 ? 
_refine.pdbx_ls_sigma_I                          ? 
_refine.pdbx_ls_sigma_F                          ? 
_refine.pdbx_ls_sigma_Fsqd                       ? 
_refine.pdbx_data_cutoff_high_absF               ? 
_refine.pdbx_data_cutoff_high_rms_absF           ? 
_refine.pdbx_data_cutoff_low_absF                ? 
_refine.pdbx_isotropic_thermal_model             ? 
_refine.pdbx_ls_cross_valid_method               'FREE R-VALUE' 
_refine.pdbx_method_to_determine_struct          'MOLECULAR REPLACEMENT' 
_refine.pdbx_starting_model                      193L 
_refine.pdbx_stereochemistry_target_values       ? 
_refine.pdbx_R_Free_selection_details            ? 
_refine.pdbx_stereochem_target_val_spec_case     ? 
_refine.pdbx_overall_ESU_R                       0.071 
_refine.pdbx_overall_ESU_R_Free                  0.076 
_refine.pdbx_solvent_vdw_probe_radii             1.200 
_refine.pdbx_solvent_ion_probe_radii             0.800 
_refine.pdbx_solvent_shrinkage_radii             0.800 
_refine.pdbx_real_space_R                        ? 
_refine.pdbx_density_correlation                 ? 
_refine.pdbx_pd_number_of_powder_patterns        ? 
_refine.pdbx_pd_number_of_points                 ? 
_refine.pdbx_pd_meas_number_of_points            ? 
_refine.pdbx_pd_proc_ls_prof_R_factor            ? 
_refine.pdbx_pd_proc_ls_prof_wR_factor           ? 
_refine.pdbx_pd_Marquardt_correlation_coeff      ? 
_refine.pdbx_pd_Fsqrd_R_factor                   ? 
_refine.pdbx_pd_ls_matrix_band_width             ? 
_refine.pdbx_overall_phase_error                 ? 
_refine.pdbx_overall_SU_R_free_Cruickshank_DPI   ? 
_refine.pdbx_overall_SU_R_free_Blow_DPI          ? 
_refine.pdbx_overall_SU_R_Blow_DPI               ? 
_refine.pdbx_TLS_residual_ADP_flag               ? 
_refine.pdbx_diffrn_id                           1 
_refine.overall_SU_B                             1.291 
_refine.overall_SU_ML                            0.051 
_refine.overall_SU_R_Cruickshank_DPI             ? 
_refine.overall_SU_R_free                        ? 
_refine.overall_FOM_free_R_set                   ? 
_refine.overall_FOM_work_R_set                   ? 
_refine.pdbx_average_fsc_overall                 ? 
_refine.pdbx_average_fsc_work                    ? 
_refine.pdbx_average_fsc_free                    ? 
# 
_refine_hist.pdbx_refine_id                   'X-RAY DIFFRACTION' 
_refine_hist.cycle_id                         LAST 
_refine_hist.pdbx_number_atoms_protein        1001 
_refine_hist.pdbx_number_atoms_nucleic_acid   0 
_refine_hist.pdbx_number_atoms_ligand         71 
_refine_hist.number_atoms_solvent             109 
_refine_hist.number_atoms_total               1181 
_refine_hist.d_res_high                       1.380 
_refine_hist.d_res_low                        54.79 
# 
loop_
_refine_ls_restr.pdbx_refine_id 
_refine_ls_restr.criterion 
_refine_ls_restr.dev_ideal 
_refine_ls_restr.dev_ideal_target 
_refine_ls_restr.number 
_refine_ls_restr.rejects 
_refine_ls_restr.type 
_refine_ls_restr.weight 
_refine_ls_restr.pdbx_restraint_function 
'X-RAY DIFFRACTION' ? 0.013  0.012  1170 ? r_bond_refined_d               ? ? 
'X-RAY DIFFRACTION' ? 0.001  0.014  997  ? r_bond_other_d                 ? ? 
'X-RAY DIFFRACTION' ? 1.921  1.709  1604 ? r_angle_refined_deg            ? ? 
'X-RAY DIFFRACTION' ? 1.577  1.601  2280 ? r_angle_other_deg              ? ? 
'X-RAY DIFFRACTION' ? 6.640  5.000  142  ? r_dihedral_angle_1_deg         ? ? 
'X-RAY DIFFRACTION' ? 30.303 21.159 69   ? r_dihedral_angle_2_deg         ? ? 
'X-RAY DIFFRACTION' ? 16.080 15.000 180  ? r_dihedral_angle_3_deg         ? ? 
'X-RAY DIFFRACTION' ? 20.462 15.000 12   ? r_dihedral_angle_4_deg         ? ? 
'X-RAY DIFFRACTION' ? 0.100  0.200  139  ? r_chiral_restr                 ? ? 
'X-RAY DIFFRACTION' ? 0.011  0.020  1403 ? r_gen_planes_refined           ? ? 
'X-RAY DIFFRACTION' ? 0.002  0.020  305  ? r_gen_planes_other             ? ? 
'X-RAY DIFFRACTION' ? 0.234  0.200  260  ? r_nbd_refined                  ? ? 
'X-RAY DIFFRACTION' ? 0.198  0.200  960  ? r_symmetry_nbd_other           ? ? 
'X-RAY DIFFRACTION' ? 0.173  0.200  532  ? r_nbtor_refined                ? ? 
'X-RAY DIFFRACTION' ? 0.086  0.200  470  ? r_symmetry_nbtor_other         ? ? 
'X-RAY DIFFRACTION' ? 0.219  0.200  69   ? r_xyhbond_nbd_refined          ? ? 
'X-RAY DIFFRACTION' ? 0.154  0.200  3    ? r_symmetry_xyhbond_nbd_other   ? ? 
'X-RAY DIFFRACTION' ? 0.136  0.200  3    ? r_metal_ion_refined            ? ? 
'X-RAY DIFFRACTION' ? 0.189  0.200  13   ? r_symmetry_nbd_refined         ? ? 
'X-RAY DIFFRACTION' ? 0.227  0.200  57   ? r_nbd_other                    ? ? 
'X-RAY DIFFRACTION' ? 0.258  0.200  16   ? r_symmetry_xyhbond_nbd_refined ? ? 
'X-RAY DIFFRACTION' ? 2.079  2.198  549  ? r_mcbond_it                    ? ? 
'X-RAY DIFFRACTION' ? 2.075  2.198  549  ? r_mcbond_other                 ? ? 
'X-RAY DIFFRACTION' ? 2.908  3.309  698  ? r_mcangle_it                   ? ? 
'X-RAY DIFFRACTION' ? 2.908  3.314  699  ? r_mcangle_other                ? ? 
'X-RAY DIFFRACTION' ? 3.194  2.697  620  ? r_scbond_it                    ? ? 
'X-RAY DIFFRACTION' ? 3.140  2.572  549  ? r_scbond_other                 ? ? 
'X-RAY DIFFRACTION' ? 4.813  3.903  906  ? r_scangle_it                   ? ? 
'X-RAY DIFFRACTION' ? 4.795  3.721  803  ? r_scangle_other                ? ? 
'X-RAY DIFFRACTION' ? 6.341  27.129 1380 ? r_lrange_it                    ? ? 
'X-RAY DIFFRACTION' ? 6.270  26.748 1320 ? r_lrange_other                 ? ? 
# 
loop_
_refine_ls_shell.pdbx_refine_id 
_refine_ls_shell.d_res_high 
_refine_ls_shell.d_res_low 
_refine_ls_shell.number_reflns_all 
_refine_ls_shell.number_reflns_obs 
_refine_ls_shell.number_reflns_R_free 
_refine_ls_shell.number_reflns_R_work 
_refine_ls_shell.percent_reflns_obs 
_refine_ls_shell.percent_reflns_R_free 
_refine_ls_shell.R_factor_all 
_refine_ls_shell.R_factor_obs 
_refine_ls_shell.R_factor_R_free_error 
_refine_ls_shell.R_factor_R_work 
_refine_ls_shell.redundancy_reflns_all 
_refine_ls_shell.redundancy_reflns_obs 
_refine_ls_shell.wR_factor_all 
_refine_ls_shell.wR_factor_obs 
_refine_ls_shell.wR_factor_R_free 
_refine_ls_shell.wR_factor_R_work 
_refine_ls_shell.pdbx_R_complete 
_refine_ls_shell.pdbx_total_number_of_bins_used 
_refine_ls_shell.pdbx_phase_error 
_refine_ls_shell.pdbx_fsc_work 
_refine_ls_shell.pdbx_fsc_free 
_refine_ls_shell.R_factor_R_free 
'X-RAY DIFFRACTION' 1.380 1.416 . . 86  1638 100.0000 . . . . 0.297 . . . . . . . . . . . 0.353 
'X-RAY DIFFRACTION' 1.416 1.455 . . 101 1581 100.0000 . . . . 0.264 . . . . . . . . . . . 0.264 
'X-RAY DIFFRACTION' 1.455 1.497 . . 79  1579 100.0000 . . . . 0.218 . . . . . . . . . . . 0.218 
'X-RAY DIFFRACTION' 1.497 1.543 . . 88  1513 99.9376  . . . . 0.252 . . . . . . . . . . . 0.275 
'X-RAY DIFFRACTION' 1.543 1.593 . . 77  1471 100.0000 . . . . 0.245 . . . . . . . . . . . 0.248 
'X-RAY DIFFRACTION' 1.593 1.649 . . 63  1445 100.0000 . . . . 0.209 . . . . . . . . . . . 0.292 
'X-RAY DIFFRACTION' 1.649 1.711 . . 73  1374 99.8620  . . . . 0.217 . . . . . . . . . . . 0.217 
'X-RAY DIFFRACTION' 1.711 1.781 . . 61  1343 100.0000 . . . . 0.202 . . . . . . . . . . . 0.289 
'X-RAY DIFFRACTION' 1.781 1.860 . . 69  1276 100.0000 . . . . 0.208 . . . . . . . . . . . 0.228 
'X-RAY DIFFRACTION' 1.860 1.951 . . 55  1239 99.9228  . . . . 0.206 . . . . . . . . . . . 0.212 
'X-RAY DIFFRACTION' 1.951 2.056 . . 69  1162 100.0000 . . . . 0.192 . . . . . . . . . . . 0.253 
'X-RAY DIFFRACTION' 2.056 2.181 . . 64  1105 99.9145  . . . . 0.179 . . . . . . . . . . . 0.208 
'X-RAY DIFFRACTION' 2.181 2.331 . . 58  1062 100.0000 . . . . 0.179 . . . . . . . . . . . 0.185 
'X-RAY DIFFRACTION' 2.331 2.518 . . 53  970  99.8049  . . . . 0.169 . . . . . . . . . . . 0.234 
'X-RAY DIFFRACTION' 2.518 2.757 . . 45  910  99.8954  . . . . 0.154 . . . . . . . . . . . 0.194 
'X-RAY DIFFRACTION' 2.757 3.082 . . 47  827  100.0000 . . . . 0.161 . . . . . . . . . . . 0.219 
'X-RAY DIFFRACTION' 3.082 3.557 . . 31  744  100.0000 . . . . 0.155 . . . . . . . . . . . 0.181 
'X-RAY DIFFRACTION' 3.557 4.352 . . 31  639  100.0000 . . . . 0.149 . . . . . . . . . . . 0.163 
'X-RAY DIFFRACTION' 4.352 6.135 . . 35  507  99.6324  . . . . 0.212 . . . . . . . . . . . 0.255 
'X-RAY DIFFRACTION' 6.135 54.79 . . 12  311  98.1763  . . . . 0.307 . . . . . . . . . . . 0.505 
# 
_struct.entry_id                     8BPJ 
_struct.title                        
'X-ray structure of the adduct formed upon reaction of Lysozyme with [Ru2Cl(D-p-FPhF)(O2CCH3)3] (Structure 1)' 
_struct.pdbx_model_details           ? 
_struct.pdbx_formula_weight          ? 
_struct.pdbx_formula_weight_method   ? 
_struct.pdbx_model_type_details      ? 
_struct.pdbx_CASP_flag               N 
# 
_struct_keywords.entry_id        8BPJ 
_struct_keywords.text            'ruthenium, protein interaction, metallodrug, diruthenium, HYDROLASE' 
_struct_keywords.pdbx_keywords   HYDROLASE 
# 
loop_
_struct_asym.id 
_struct_asym.pdbx_blank_PDB_chainid_flag 
_struct_asym.pdbx_modified 
_struct_asym.entity_id 
_struct_asym.details 
A N N 1 ? 
B N N 2 ? 
C N N 3 ? 
D N N 3 ? 
E N N 3 ? 
F N N 3 ? 
G N N 3 ? 
H N N 4 ? 
I N N 4 ? 
J N N 5 ? 
# 
_struct_ref.id                         1 
_struct_ref.db_name                    UNP 
_struct_ref.db_code                    LYSC_CHICK 
_struct_ref.pdbx_db_accession          P00698 
_struct_ref.pdbx_db_isoform            ? 
_struct_ref.entity_id                  1 
_struct_ref.pdbx_seq_one_letter_code   
;KVFGRCELAAAMKRHGLDNYRGYSLGNWVCAAKFESNFNTQATNRNTDGSTDYGILQINSRWWCNDGRTPGSRNLCNIPC
SALLSSDITASVNCAKKIVSDGNGMNAWVAWRNRCKGTDVQAWIRGCRL
;
_struct_ref.pdbx_align_begin           19 
# 
_struct_ref_seq.align_id                      1 
_struct_ref_seq.ref_id                        1 
_struct_ref_seq.pdbx_PDB_id_code              8BPJ 
_struct_ref_seq.pdbx_strand_id                AAA 
_struct_ref_seq.seq_align_beg                 1 
_struct_ref_seq.pdbx_seq_align_beg_ins_code   ? 
_struct_ref_seq.seq_align_end                 129 
_struct_ref_seq.pdbx_seq_align_end_ins_code   ? 
_struct_ref_seq.pdbx_db_accession             P00698 
_struct_ref_seq.db_align_beg                  19 
_struct_ref_seq.pdbx_db_align_beg_ins_code    ? 
_struct_ref_seq.db_align_end                  147 
_struct_ref_seq.pdbx_db_align_end_ins_code    ? 
_struct_ref_seq.pdbx_auth_seq_align_beg       1 
_struct_ref_seq.pdbx_auth_seq_align_end       129 
# 
_pdbx_struct_assembly.id                   1 
_pdbx_struct_assembly.details              author_and_software_defined_assembly 
_pdbx_struct_assembly.method_details       PISA 
_pdbx_struct_assembly.oligomeric_details   monomeric 
_pdbx_struct_assembly.oligomeric_count     1 
# 
loop_
_pdbx_struct_assembly_prop.biol_id 
_pdbx_struct_assembly_prop.type 
_pdbx_struct_assembly_prop.value 
_pdbx_struct_assembly_prop.details 
1 'ABSA (A^2)' 1000 ? 
1 MORE         -6   ? 
1 'SSA (A^2)'  7060 ? 
# 
_pdbx_struct_assembly_gen.assembly_id       1 
_pdbx_struct_assembly_gen.oper_expression   1 
_pdbx_struct_assembly_gen.asym_id_list      A,B,C,D,E,F,G,H,I,J 
# 
_pdbx_struct_assembly_auth_evidence.id                     1 
_pdbx_struct_assembly_auth_evidence.assembly_id            1 
_pdbx_struct_assembly_auth_evidence.experimental_support   none 
_pdbx_struct_assembly_auth_evidence.details                ? 
# 
_pdbx_struct_oper_list.id                   1 
_pdbx_struct_oper_list.type                 'identity operation' 
_pdbx_struct_oper_list.name                 1_555 
_pdbx_struct_oper_list.symmetry_operation   x,y,z 
_pdbx_struct_oper_list.matrix[1][1]         1.0000000000 
_pdbx_struct_oper_list.matrix[1][2]         0.0000000000 
_pdbx_struct_oper_list.matrix[1][3]         0.0000000000 
_pdbx_struct_oper_list.vector[1]            0.0000000000 
_pdbx_struct_oper_list.matrix[2][1]         0.0000000000 
_pdbx_struct_oper_list.matrix[2][2]         1.0000000000 
_pdbx_struct_oper_list.matrix[2][3]         0.0000000000 
_pdbx_struct_oper_list.vector[2]            0.0000000000 
_pdbx_struct_oper_list.matrix[3][1]         0.0000000000 
_pdbx_struct_oper_list.matrix[3][2]         0.0000000000 
_pdbx_struct_oper_list.matrix[3][3]         1.0000000000 
_pdbx_struct_oper_list.vector[3]            0.0000000000 
# 
loop_
_struct_conf.conf_type_id 
_struct_conf.id 
_struct_conf.pdbx_PDB_helix_id 
_struct_conf.beg_label_comp_id 
_struct_conf.beg_label_asym_id 
_struct_conf.beg_label_seq_id 
_struct_conf.pdbx_beg_PDB_ins_code 
_struct_conf.end_label_comp_id 
_struct_conf.end_label_asym_id 
_struct_conf.end_label_seq_id 
_struct_conf.pdbx_end_PDB_ins_code 
_struct_conf.beg_auth_comp_id 
_struct_conf.beg_auth_asym_id 
_struct_conf.beg_auth_seq_id 
_struct_conf.end_auth_comp_id 
_struct_conf.end_auth_asym_id 
_struct_conf.end_auth_seq_id 
_struct_conf.pdbx_PDB_helix_class 
_struct_conf.details 
_struct_conf.pdbx_PDB_helix_length 
HELX_P HELX_P1 AA1 GLY A 4   ? HIS A 15  ? GLY AAA 4   HIS AAA 15  1 ? 12 
HELX_P HELX_P2 AA2 ASN A 19  ? TYR A 23  ? ASN AAA 19  TYR AAA 23  5 ? 5  
HELX_P HELX_P3 AA3 SER A 24  ? ASN A 37  ? SER AAA 24  ASN AAA 37  1 ? 14 
HELX_P HELX_P4 AA4 PRO A 79  ? SER A 85  ? PRO AAA 79  SER AAA 85  5 ? 7  
HELX_P HELX_P5 AA5 ILE A 88  ? SER A 100 ? ILE AAA 88  SER AAA 100 1 ? 13 
HELX_P HELX_P6 AA6 ASN A 103 ? ALA A 107 ? ASN AAA 103 ALA AAA 107 5 ? 5  
HELX_P HELX_P7 AA7 TRP A 108 ? CYS A 115 ? TRP AAA 108 CYS AAA 115 1 ? 8  
HELX_P HELX_P8 AA8 ASP A 119 ? ARG A 125 ? ASP AAA 119 ARG AAA 125 5 ? 7  
# 
_struct_conf_type.id          HELX_P 
_struct_conf_type.criteria    ? 
_struct_conf_type.reference   ? 
# 
loop_
_struct_conn.id 
_struct_conn.conn_type_id 
_struct_conn.pdbx_leaving_atom_flag 
_struct_conn.pdbx_PDB_id 
_struct_conn.ptnr1_label_asym_id 
_struct_conn.ptnr1_label_comp_id 
_struct_conn.ptnr1_label_seq_id 
_struct_conn.ptnr1_label_atom_id 
_struct_conn.pdbx_ptnr1_label_alt_id 
_struct_conn.pdbx_ptnr1_PDB_ins_code 
_struct_conn.pdbx_ptnr1_standard_comp_id 
_struct_conn.ptnr1_symmetry 
_struct_conn.ptnr2_label_asym_id 
_struct_conn.ptnr2_label_comp_id 
_struct_conn.ptnr2_label_seq_id 
_struct_conn.ptnr2_label_atom_id 
_struct_conn.pdbx_ptnr2_label_alt_id 
_struct_conn.pdbx_ptnr2_PDB_ins_code 
_struct_conn.ptnr1_auth_asym_id 
_struct_conn.ptnr1_auth_comp_id 
_struct_conn.ptnr1_auth_seq_id 
_struct_conn.ptnr2_auth_asym_id 
_struct_conn.ptnr2_auth_comp_id 
_struct_conn.ptnr2_auth_seq_id 
_struct_conn.ptnr2_symmetry 
_struct_conn.pdbx_ptnr3_label_atom_id 
_struct_conn.pdbx_ptnr3_label_seq_id 
_struct_conn.pdbx_ptnr3_label_comp_id 
_struct_conn.pdbx_ptnr3_label_asym_id 
_struct_conn.pdbx_ptnr3_label_alt_id 
_struct_conn.pdbx_ptnr3_PDB_ins_code 
_struct_conn.details 
_struct_conn.pdbx_dist_value 
_struct_conn.pdbx_value_order 
_struct_conn.pdbx_role 
disulf1  disulf ? ? A CYS 6   SG  ? ? ? 1_555 A CYS 127 SG  ? ? AAA CYS 6   AAA CYS 127 1_555 ? ? ? ? ? ? ? 1.996 ? ? 
disulf2  disulf ? ? A CYS 30  SG  ? ? ? 1_555 A CYS 115 SG  ? ? AAA CYS 30  AAA CYS 115 1_555 ? ? ? ? ? ? ? 2.027 ? ? 
disulf3  disulf ? ? A CYS 64  SG  ? ? ? 1_555 A CYS 80  SG  ? ? AAA CYS 64  AAA CYS 80  1_555 ? ? ? ? ? ? ? 2.036 ? ? 
disulf4  disulf ? ? A CYS 76  SG  ? ? ? 1_555 A CYS 94  SG  ? ? AAA CYS 76  AAA CYS 94  1_555 ? ? ? ? ? ? ? 2.040 ? ? 
metalc1  metalc ? ? A SER 60  O   ? ? ? 1_555 B NA  .   NA  ? ? AAA SER 60  AAA NA  201 1_555 ? ? ? ? ? ? ? 2.216 ? ? 
metalc2  metalc ? ? A CYS 64  O   ? ? ? 1_555 B NA  .   NA  ? ? AAA CYS 64  AAA NA  201 1_555 ? ? ? ? ? ? ? 2.529 ? ? 
metalc3  metalc ? ? A SER 72  OG  ? ? ? 1_555 B NA  .   NA  ? ? AAA SER 72  AAA NA  201 1_555 ? ? ? ? ? ? ? 2.453 ? ? 
metalc4  metalc ? ? A ARG 73  O   ? ? ? 1_555 B NA  .   NA  ? ? AAA ARG 73  AAA NA  201 1_555 ? ? ? ? ? ? ? 2.323 ? ? 
metalc5  metalc ? ? A ASP 101 OD1 B ? ? 1_555 I TZ6 .   RU2 B ? AAA ASP 101 AAA TZ6 208 1_555 ? ? ? ? ? ? ? 2.263 ? ? 
metalc6  metalc ? ? A ASP 101 OD2 B ? ? 1_555 I TZ6 .   RU1 B ? AAA ASP 101 AAA TZ6 208 1_555 ? ? ? ? ? ? ? 2.144 ? ? 
metalc7  metalc ? ? A ASP 119 OD1 A ? ? 1_555 H TZ6 .   RU2 A ? AAA ASP 119 AAA TZ6 207 4_544 ? ? ? ? ? ? ? 2.174 ? ? 
metalc8  metalc ? ? A ASP 119 OD2 A ? ? 1_555 H TZ6 .   RU1 A ? AAA ASP 119 AAA TZ6 207 4_544 ? ? ? ? ? ? ? 2.033 ? ? 
metalc9  metalc ? ? B NA  .   NA  ? ? ? 1_555 C NO3 .   O3  ? ? AAA NA  201 AAA NO3 202 1_555 ? ? ? ? ? ? ? 2.789 ? ? 
metalc10 metalc ? ? B NA  .   NA  ? ? ? 1_555 J HOH .   O   ? ? AAA NA  201 AAA HOH 315 1_555 ? ? ? ? ? ? ? 2.308 ? ? 
metalc11 metalc ? ? H TZ6 .   RU2 A ? ? 1_555 J HOH .   O   ? ? AAA TZ6 207 AAA HOH 339 1_555 ? ? ? ? ? ? ? 1.974 ? ? 
metalc12 metalc ? ? H TZ6 .   RU1 A ? ? 1_555 J HOH .   O   ? ? AAA TZ6 207 AAA HOH 340 1_555 ? ? ? ? ? ? ? 2.035 ? ? 
# 
loop_
_struct_conn_type.id 
_struct_conn_type.criteria 
_struct_conn_type.reference 
disulf ? ? 
metalc ? ? 
# 
loop_
_pdbx_struct_conn_angle.id 
_pdbx_struct_conn_angle.ptnr1_label_atom_id 
_pdbx_struct_conn_angle.ptnr1_label_alt_id 
_pdbx_struct_conn_angle.ptnr1_label_asym_id 
_pdbx_struct_conn_angle.ptnr1_label_comp_id 
_pdbx_struct_conn_angle.ptnr1_label_seq_id 
_pdbx_struct_conn_angle.ptnr1_auth_atom_id 
_pdbx_struct_conn_angle.ptnr1_auth_asym_id 
_pdbx_struct_conn_angle.ptnr1_auth_comp_id 
_pdbx_struct_conn_angle.ptnr1_auth_seq_id 
_pdbx_struct_conn_angle.ptnr1_PDB_ins_code 
_pdbx_struct_conn_angle.ptnr1_symmetry 
_pdbx_struct_conn_angle.ptnr2_label_atom_id 
_pdbx_struct_conn_angle.ptnr2_label_alt_id 
_pdbx_struct_conn_angle.ptnr2_label_asym_id 
_pdbx_struct_conn_angle.ptnr2_label_comp_id 
_pdbx_struct_conn_angle.ptnr2_label_seq_id 
_pdbx_struct_conn_angle.ptnr2_auth_atom_id 
_pdbx_struct_conn_angle.ptnr2_auth_asym_id 
_pdbx_struct_conn_angle.ptnr2_auth_comp_id 
_pdbx_struct_conn_angle.ptnr2_auth_seq_id 
_pdbx_struct_conn_angle.ptnr2_PDB_ins_code 
_pdbx_struct_conn_angle.ptnr2_symmetry 
_pdbx_struct_conn_angle.ptnr3_label_atom_id 
_pdbx_struct_conn_angle.ptnr3_label_alt_id 
_pdbx_struct_conn_angle.ptnr3_label_asym_id 
_pdbx_struct_conn_angle.ptnr3_label_comp_id 
_pdbx_struct_conn_angle.ptnr3_label_seq_id 
_pdbx_struct_conn_angle.ptnr3_auth_atom_id 
_pdbx_struct_conn_angle.ptnr3_auth_asym_id 
_pdbx_struct_conn_angle.ptnr3_auth_comp_id 
_pdbx_struct_conn_angle.ptnr3_auth_seq_id 
_pdbx_struct_conn_angle.ptnr3_PDB_ins_code 
_pdbx_struct_conn_angle.ptnr3_symmetry 
_pdbx_struct_conn_angle.value 
_pdbx_struct_conn_angle.value_esd 
1  O   ? A SER 60  ? AAA SER 60  ? 1_555 NA  ? B NA  . ? AAA NA  201 ? 1_555 O   ? A CYS 64 ? AAA CYS 64  ? 1_555 89.0  ? 
2  O   ? A SER 60  ? AAA SER 60  ? 1_555 NA  ? B NA  . ? AAA NA  201 ? 1_555 OG  ? A SER 72 ? AAA SER 72  ? 1_555 88.2  ? 
3  O   ? A CYS 64  ? AAA CYS 64  ? 1_555 NA  ? B NA  . ? AAA NA  201 ? 1_555 OG  ? A SER 72 ? AAA SER 72  ? 1_555 162.2 ? 
4  O   ? A SER 60  ? AAA SER 60  ? 1_555 NA  ? B NA  . ? AAA NA  201 ? 1_555 O   ? A ARG 73 ? AAA ARG 73  ? 1_555 98.3  ? 
5  O   ? A CYS 64  ? AAA CYS 64  ? 1_555 NA  ? B NA  . ? AAA NA  201 ? 1_555 O   ? A ARG 73 ? AAA ARG 73  ? 1_555 95.9  ? 
6  OG  ? A SER 72  ? AAA SER 72  ? 1_555 NA  ? B NA  . ? AAA NA  201 ? 1_555 O   ? A ARG 73 ? AAA ARG 73  ? 1_555 101.9 ? 
7  O   ? A SER 60  ? AAA SER 60  ? 1_555 NA  ? B NA  . ? AAA NA  201 ? 1_555 O3  ? C NO3 .  ? AAA NO3 202 ? 1_555 101.6 ? 
8  O   ? A CYS 64  ? AAA CYS 64  ? 1_555 NA  ? B NA  . ? AAA NA  201 ? 1_555 O3  ? C NO3 .  ? AAA NO3 202 ? 1_555 84.3  ? 
9  OG  ? A SER 72  ? AAA SER 72  ? 1_555 NA  ? B NA  . ? AAA NA  201 ? 1_555 O3  ? C NO3 .  ? AAA NO3 202 ? 1_555 79.1  ? 
10 O   ? A ARG 73  ? AAA ARG 73  ? 1_555 NA  ? B NA  . ? AAA NA  201 ? 1_555 O3  ? C NO3 .  ? AAA NO3 202 ? 1_555 160.0 ? 
11 O   ? A SER 60  ? AAA SER 60  ? 1_555 NA  ? B NA  . ? AAA NA  201 ? 1_555 O   ? J HOH .  ? AAA HOH 315 ? 1_555 171.3 ? 
12 O   ? A CYS 64  ? AAA CYS 64  ? 1_555 NA  ? B NA  . ? AAA NA  201 ? 1_555 O   ? J HOH .  ? AAA HOH 315 ? 1_555 99.3  ? 
13 OG  ? A SER 72  ? AAA SER 72  ? 1_555 NA  ? B NA  . ? AAA NA  201 ? 1_555 O   ? J HOH .  ? AAA HOH 315 ? 1_555 83.0  ? 
14 O   ? A ARG 73  ? AAA ARG 73  ? 1_555 NA  ? B NA  . ? AAA NA  201 ? 1_555 O   ? J HOH .  ? AAA HOH 315 ? 1_555 83.8  ? 
15 O3  ? C NO3 .   ? AAA NO3 202 ? 1_555 NA  ? B NA  . ? AAA NA  201 ? 1_555 O   ? J HOH .  ? AAA HOH 315 ? 1_555 76.5  ? 
16 OD1 B A ASP 101 ? AAA ASP 101 ? 1_555 RU2 B I TZ6 . ? AAA TZ6 208 ? 1_555 RU1 B I TZ6 .  ? AAA TZ6 208 ? 1_555 87.8  ? 
17 OD1 B A ASP 101 ? AAA ASP 101 ? 1_555 RU2 B I TZ6 . ? AAA TZ6 208 ? 1_555 O4  B I TZ6 .  ? AAA TZ6 208 ? 1_555 73.1  ? 
18 RU1 B I TZ6 .   ? AAA TZ6 208 ? 1_555 RU2 B I TZ6 . ? AAA TZ6 208 ? 1_555 O4  B I TZ6 .  ? AAA TZ6 208 ? 1_555 85.7  ? 
19 OD1 B A ASP 101 ? AAA ASP 101 ? 1_555 RU2 B I TZ6 . ? AAA TZ6 208 ? 1_555 O2  B I TZ6 .  ? AAA TZ6 208 ? 1_555 101.6 ? 
20 RU1 B I TZ6 .   ? AAA TZ6 208 ? 1_555 RU2 B I TZ6 . ? AAA TZ6 208 ? 1_555 O2  B I TZ6 .  ? AAA TZ6 208 ? 1_555 96.8  ? 
21 O4  B I TZ6 .   ? AAA TZ6 208 ? 1_555 RU2 B I TZ6 . ? AAA TZ6 208 ? 1_555 O2  B I TZ6 .  ? AAA TZ6 208 ? 1_555 174.1 ? 
22 OD1 B A ASP 101 ? AAA ASP 101 ? 1_555 RU2 B I TZ6 . ? AAA TZ6 208 ? 1_555 N2  B I TZ6 .  ? AAA TZ6 208 ? 1_555 168.3 ? 
23 RU1 B I TZ6 .   ? AAA TZ6 208 ? 1_555 RU2 B I TZ6 . ? AAA TZ6 208 ? 1_555 N2  B I TZ6 .  ? AAA TZ6 208 ? 1_555 92.3  ? 
24 O4  B I TZ6 .   ? AAA TZ6 208 ? 1_555 RU2 B I TZ6 . ? AAA TZ6 208 ? 1_555 N2  B I TZ6 .  ? AAA TZ6 208 ? 1_555 95.2  ? 
25 O2  B I TZ6 .   ? AAA TZ6 208 ? 1_555 RU2 B I TZ6 . ? AAA TZ6 208 ? 1_555 N2  B I TZ6 .  ? AAA TZ6 208 ? 1_555 90.0  ? 
26 OD2 B A ASP 101 ? AAA ASP 101 ? 1_555 RU1 B I TZ6 . ? AAA TZ6 208 ? 1_555 O1  B I TZ6 .  ? AAA TZ6 208 ? 1_555 99.5  ? 
27 OD2 B A ASP 101 ? AAA ASP 101 ? 1_555 RU1 B I TZ6 . ? AAA TZ6 208 ? 1_555 O3  B I TZ6 .  ? AAA TZ6 208 ? 1_555 81.4  ? 
28 O1  B I TZ6 .   ? AAA TZ6 208 ? 1_555 RU1 B I TZ6 . ? AAA TZ6 208 ? 1_555 O3  B I TZ6 .  ? AAA TZ6 208 ? 1_555 177.7 ? 
29 OD2 B A ASP 101 ? AAA ASP 101 ? 1_555 RU1 B I TZ6 . ? AAA TZ6 208 ? 1_555 N1  B I TZ6 .  ? AAA TZ6 208 ? 1_555 169.2 ? 
30 O1  B I TZ6 .   ? AAA TZ6 208 ? 1_555 RU1 B I TZ6 . ? AAA TZ6 208 ? 1_555 N1  B I TZ6 .  ? AAA TZ6 208 ? 1_555 90.4  ? 
31 O3  B I TZ6 .   ? AAA TZ6 208 ? 1_555 RU1 B I TZ6 . ? AAA TZ6 208 ? 1_555 N1  B I TZ6 .  ? AAA TZ6 208 ? 1_555 88.6  ? 
32 OD2 B A ASP 101 ? AAA ASP 101 ? 1_555 RU1 B I TZ6 . ? AAA TZ6 208 ? 1_555 RU2 B I TZ6 .  ? AAA TZ6 208 ? 1_555 88.8  ? 
33 O1  B I TZ6 .   ? AAA TZ6 208 ? 1_555 RU1 B I TZ6 . ? AAA TZ6 208 ? 1_555 RU2 B I TZ6 .  ? AAA TZ6 208 ? 1_555 91.1  ? 
34 O3  B I TZ6 .   ? AAA TZ6 208 ? 1_555 RU1 B I TZ6 . ? AAA TZ6 208 ? 1_555 RU2 B I TZ6 .  ? AAA TZ6 208 ? 1_555 86.8  ? 
35 N1  B I TZ6 .   ? AAA TZ6 208 ? 1_555 RU1 B I TZ6 . ? AAA TZ6 208 ? 1_555 RU2 B I TZ6 .  ? AAA TZ6 208 ? 1_555 86.7  ? 
36 OD1 A A ASP 119 ? AAA ASP 119 ? 1_555 RU2 A H TZ6 . ? AAA TZ6 207 ? 4_544 RU1 A H TZ6 .  ? AAA TZ6 207 ? 4_544 89.1  ? 
37 OD1 A A ASP 119 ? AAA ASP 119 ? 1_555 RU2 A H TZ6 . ? AAA TZ6 207 ? 4_544 O4  A H TZ6 .  ? AAA TZ6 207 ? 4_544 174.7 ? 
38 RU1 A H TZ6 .   ? AAA TZ6 207 ? 4_544 RU2 A H TZ6 . ? AAA TZ6 207 ? 4_544 O4  A H TZ6 .  ? AAA TZ6 207 ? 4_544 88.4  ? 
39 OD1 A A ASP 119 ? AAA ASP 119 ? 1_555 RU2 A H TZ6 . ? AAA TZ6 207 ? 4_544 O2  A H TZ6 .  ? AAA TZ6 207 ? 4_544 85.3  ? 
40 RU1 A H TZ6 .   ? AAA TZ6 207 ? 4_544 RU2 A H TZ6 . ? AAA TZ6 207 ? 4_544 O2  A H TZ6 .  ? AAA TZ6 207 ? 4_544 87.3  ? 
41 O4  A H TZ6 .   ? AAA TZ6 207 ? 4_544 RU2 A H TZ6 . ? AAA TZ6 207 ? 4_544 O2  A H TZ6 .  ? AAA TZ6 207 ? 4_544 90.0  ? 
42 OD1 A A ASP 119 ? AAA ASP 119 ? 1_555 RU2 A H TZ6 . ? AAA TZ6 207 ? 4_544 N2  A H TZ6 .  ? AAA TZ6 207 ? 4_544 92.9  ? 
43 RU1 A H TZ6 .   ? AAA TZ6 207 ? 4_544 RU2 A H TZ6 . ? AAA TZ6 207 ? 4_544 N2  A H TZ6 .  ? AAA TZ6 207 ? 4_544 89.7  ? 
44 O4  A H TZ6 .   ? AAA TZ6 207 ? 4_544 RU2 A H TZ6 . ? AAA TZ6 207 ? 4_544 N2  A H TZ6 .  ? AAA TZ6 207 ? 4_544 91.8  ? 
45 O2  A H TZ6 .   ? AAA TZ6 207 ? 4_544 RU2 A H TZ6 . ? AAA TZ6 207 ? 4_544 N2  A H TZ6 .  ? AAA TZ6 207 ? 4_544 176.5 ? 
46 OD1 A A ASP 119 ? AAA ASP 119 ? 1_555 RU2 A H TZ6 . ? AAA TZ6 207 ? 4_544 O   ? J HOH .  ? AAA HOH 339 ? 1_555 68.1  ? 
47 RU1 A H TZ6 .   ? AAA TZ6 207 ? 4_544 RU2 A H TZ6 . ? AAA TZ6 207 ? 4_544 O   ? J HOH .  ? AAA HOH 339 ? 1_555 131.2 ? 
48 O4  A H TZ6 .   ? AAA TZ6 207 ? 4_544 RU2 A H TZ6 . ? AAA TZ6 207 ? 4_544 O   ? J HOH .  ? AAA HOH 339 ? 1_555 116.9 ? 
49 O2  A H TZ6 .   ? AAA TZ6 207 ? 4_544 RU2 A H TZ6 . ? AAA TZ6 207 ? 4_544 O   ? J HOH .  ? AAA HOH 339 ? 1_555 130.1 ? 
50 N2  A H TZ6 .   ? AAA TZ6 207 ? 4_544 RU2 A H TZ6 . ? AAA TZ6 207 ? 4_544 O   ? J HOH .  ? AAA HOH 339 ? 1_555 51.4  ? 
51 OD2 A A ASP 119 ? AAA ASP 119 ? 1_555 RU1 A H TZ6 . ? AAA TZ6 207 ? 4_544 O1  A H TZ6 .  ? AAA TZ6 207 ? 4_544 90.0  ? 
52 OD2 A A ASP 119 ? AAA ASP 119 ? 1_555 RU1 A H TZ6 . ? AAA TZ6 207 ? 4_544 O3  A H TZ6 .  ? AAA TZ6 207 ? 4_544 178.4 ? 
53 O1  A H TZ6 .   ? AAA TZ6 207 ? 4_544 RU1 A H TZ6 . ? AAA TZ6 207 ? 4_544 O3  A H TZ6 .  ? AAA TZ6 207 ? 4_544 91.6  ? 
54 OD2 A A ASP 119 ? AAA ASP 119 ? 1_555 RU1 A H TZ6 . ? AAA TZ6 207 ? 4_544 N1  A H TZ6 .  ? AAA TZ6 207 ? 4_544 86.2  ? 
55 O1  A H TZ6 .   ? AAA TZ6 207 ? 4_544 RU1 A H TZ6 . ? AAA TZ6 207 ? 4_544 N1  A H TZ6 .  ? AAA TZ6 207 ? 4_544 175.5 ? 
56 O3  A H TZ6 .   ? AAA TZ6 207 ? 4_544 RU1 A H TZ6 . ? AAA TZ6 207 ? 4_544 N1  A H TZ6 .  ? AAA TZ6 207 ? 4_544 92.2  ? 
57 OD2 A A ASP 119 ? AAA ASP 119 ? 1_555 RU1 A H TZ6 . ? AAA TZ6 207 ? 4_544 RU2 A H TZ6 .  ? AAA TZ6 207 ? 4_544 89.4  ? 
58 O1  A H TZ6 .   ? AAA TZ6 207 ? 4_544 RU1 A H TZ6 . ? AAA TZ6 207 ? 4_544 RU2 A H TZ6 .  ? AAA TZ6 207 ? 4_544 91.2  ? 
59 O3  A H TZ6 .   ? AAA TZ6 207 ? 4_544 RU1 A H TZ6 . ? AAA TZ6 207 ? 4_544 RU2 A H TZ6 .  ? AAA TZ6 207 ? 4_544 90.6  ? 
60 N1  A H TZ6 .   ? AAA TZ6 207 ? 4_544 RU1 A H TZ6 . ? AAA TZ6 207 ? 4_544 RU2 A H TZ6 .  ? AAA TZ6 207 ? 4_544 91.3  ? 
61 OD2 A A ASP 119 ? AAA ASP 119 ? 1_555 RU1 A H TZ6 . ? AAA TZ6 207 ? 4_544 O   ? J HOH .  ? AAA HOH 340 ? 1_555 72.2  ? 
62 O1  A H TZ6 .   ? AAA TZ6 207 ? 4_544 RU1 A H TZ6 . ? AAA TZ6 207 ? 4_544 O   ? J HOH .  ? AAA HOH 340 ? 1_555 132.3 ? 
63 O3  A H TZ6 .   ? AAA TZ6 207 ? 4_544 RU1 A H TZ6 . ? AAA TZ6 207 ? 4_544 O   ? J HOH .  ? AAA HOH 340 ? 1_555 106.7 ? 
64 N1  A H TZ6 .   ? AAA TZ6 207 ? 4_544 RU1 A H TZ6 . ? AAA TZ6 207 ? 4_544 O   ? J HOH .  ? AAA HOH 340 ? 1_555 48.5  ? 
65 RU2 A H TZ6 .   ? AAA TZ6 207 ? 4_544 RU1 A H TZ6 . ? AAA TZ6 207 ? 4_544 O   ? J HOH .  ? AAA HOH 340 ? 1_555 46.4  ? 
# 
loop_
_pdbx_modification_feature.ordinal 
_pdbx_modification_feature.label_comp_id 
_pdbx_modification_feature.label_asym_id 
_pdbx_modification_feature.label_seq_id 
_pdbx_modification_feature.label_alt_id 
_pdbx_modification_feature.modified_residue_label_comp_id 
_pdbx_modification_feature.modified_residue_label_asym_id 
_pdbx_modification_feature.modified_residue_label_seq_id 
_pdbx_modification_feature.modified_residue_label_alt_id 
_pdbx_modification_feature.auth_comp_id 
_pdbx_modification_feature.auth_asym_id 
_pdbx_modification_feature.auth_seq_id 
_pdbx_modification_feature.PDB_ins_code 
_pdbx_modification_feature.symmetry 
_pdbx_modification_feature.modified_residue_auth_comp_id 
_pdbx_modification_feature.modified_residue_auth_asym_id 
_pdbx_modification_feature.modified_residue_auth_seq_id 
_pdbx_modification_feature.modified_residue_PDB_ins_code 
_pdbx_modification_feature.modified_residue_symmetry 
_pdbx_modification_feature.comp_id_linking_atom 
_pdbx_modification_feature.modified_residue_id_linking_atom 
_pdbx_modification_feature.modified_residue_id 
_pdbx_modification_feature.ref_pcm_id 
_pdbx_modification_feature.ref_comp_id 
_pdbx_modification_feature.type 
_pdbx_modification_feature.category 
1 CYS A 6  ? CYS A 127 ? CYS AAA 6  ? 1_555 CYS AAA 127 ? 1_555 SG SG . . . None 'Disulfide bridge' 
2 CYS A 30 ? CYS A 115 ? CYS AAA 30 ? 1_555 CYS AAA 115 ? 1_555 SG SG . . . None 'Disulfide bridge' 
3 CYS A 64 ? CYS A 80  ? CYS AAA 64 ? 1_555 CYS AAA 80  ? 1_555 SG SG . . . None 'Disulfide bridge' 
4 CYS A 76 ? CYS A 94  ? CYS AAA 76 ? 1_555 CYS AAA 94  ? 1_555 SG SG . . . None 'Disulfide bridge' 
# 
_struct_sheet.id               AA1 
_struct_sheet.type             ? 
_struct_sheet.number_strands   3 
_struct_sheet.details          ? 
# 
loop_
_struct_sheet_order.sheet_id 
_struct_sheet_order.range_id_1 
_struct_sheet_order.range_id_2 
_struct_sheet_order.offset 
_struct_sheet_order.sense 
AA1 1 2 ? anti-parallel 
AA1 2 3 ? anti-parallel 
# 
loop_
_struct_sheet_range.sheet_id 
_struct_sheet_range.id 
_struct_sheet_range.beg_label_comp_id 
_struct_sheet_range.beg_label_asym_id 
_struct_sheet_range.beg_label_seq_id 
_struct_sheet_range.pdbx_beg_PDB_ins_code 
_struct_sheet_range.end_label_comp_id 
_struct_sheet_range.end_label_asym_id 
_struct_sheet_range.end_label_seq_id 
_struct_sheet_range.pdbx_end_PDB_ins_code 
_struct_sheet_range.beg_auth_comp_id 
_struct_sheet_range.beg_auth_asym_id 
_struct_sheet_range.beg_auth_seq_id 
_struct_sheet_range.end_auth_comp_id 
_struct_sheet_range.end_auth_asym_id 
_struct_sheet_range.end_auth_seq_id 
AA1 1 THR A 43 ? ARG A 45 ? THR AAA 43 ARG AAA 45 
AA1 2 THR A 51 ? TYR A 53 ? THR AAA 51 TYR AAA 53 
AA1 3 ILE A 58 ? ASN A 59 ? ILE AAA 58 ASN AAA 59 
# 
loop_
_pdbx_struct_sheet_hbond.sheet_id 
_pdbx_struct_sheet_hbond.range_id_1 
_pdbx_struct_sheet_hbond.range_id_2 
_pdbx_struct_sheet_hbond.range_1_label_atom_id 
_pdbx_struct_sheet_hbond.range_1_label_comp_id 
_pdbx_struct_sheet_hbond.range_1_label_asym_id 
_pdbx_struct_sheet_hbond.range_1_label_seq_id 
_pdbx_struct_sheet_hbond.range_1_PDB_ins_code 
_pdbx_struct_sheet_hbond.range_1_auth_atom_id 
_pdbx_struct_sheet_hbond.range_1_auth_comp_id 
_pdbx_struct_sheet_hbond.range_1_auth_asym_id 
_pdbx_struct_sheet_hbond.range_1_auth_seq_id 
_pdbx_struct_sheet_hbond.range_2_label_atom_id 
_pdbx_struct_sheet_hbond.range_2_label_comp_id 
_pdbx_struct_sheet_hbond.range_2_label_asym_id 
_pdbx_struct_sheet_hbond.range_2_label_seq_id 
_pdbx_struct_sheet_hbond.range_2_PDB_ins_code 
_pdbx_struct_sheet_hbond.range_2_auth_atom_id 
_pdbx_struct_sheet_hbond.range_2_auth_comp_id 
_pdbx_struct_sheet_hbond.range_2_auth_asym_id 
_pdbx_struct_sheet_hbond.range_2_auth_seq_id 
AA1 1 2 N ASN A 44 ? N ASN AAA 44 O ASP A 52 ? O ASP AAA 52 
AA1 2 3 N TYR A 53 ? N TYR AAA 53 O ILE A 58 ? O ILE AAA 58 
# 
_pdbx_entry_details.entry_id                   8BPJ 
_pdbx_entry_details.has_ligand_of_interest     Y 
_pdbx_entry_details.compound_details           ? 
_pdbx_entry_details.source_details             ? 
_pdbx_entry_details.nonpolymer_details         ? 
_pdbx_entry_details.sequence_details           ? 
_pdbx_entry_details.has_protein_modification   Y 
# 
loop_
_pdbx_validate_symm_contact.id 
_pdbx_validate_symm_contact.PDB_model_num 
_pdbx_validate_symm_contact.auth_atom_id_1 
_pdbx_validate_symm_contact.auth_asym_id_1 
_pdbx_validate_symm_contact.auth_comp_id_1 
_pdbx_validate_symm_contact.auth_seq_id_1 
_pdbx_validate_symm_contact.PDB_ins_code_1 
_pdbx_validate_symm_contact.label_alt_id_1 
_pdbx_validate_symm_contact.site_symmetry_1 
_pdbx_validate_symm_contact.auth_atom_id_2 
_pdbx_validate_symm_contact.auth_asym_id_2 
_pdbx_validate_symm_contact.auth_comp_id_2 
_pdbx_validate_symm_contact.auth_seq_id_2 
_pdbx_validate_symm_contact.PDB_ins_code_2 
_pdbx_validate_symm_contact.label_alt_id_2 
_pdbx_validate_symm_contact.site_symmetry_2 
_pdbx_validate_symm_contact.dist 
1 1 O AAA LEU 129 ? ? 1_555 O AAA LEU 129 ? ? 8_554 1.81 
2 1 O AAA HOH 360 ? ? 1_555 O AAA HOH 379 ? ? 4_545 2.16 
# 
_pdbx_validate_torsion.id              1 
_pdbx_validate_torsion.PDB_model_num   1 
_pdbx_validate_torsion.auth_comp_id    TRP 
_pdbx_validate_torsion.auth_asym_id    AAA 
_pdbx_validate_torsion.auth_seq_id     62 
_pdbx_validate_torsion.PDB_ins_code    ? 
_pdbx_validate_torsion.label_alt_id    ? 
_pdbx_validate_torsion.phi             -130.35 
_pdbx_validate_torsion.psi             -33.70 
# 
loop_
_pdbx_struct_special_symmetry.id 
_pdbx_struct_special_symmetry.PDB_model_num 
_pdbx_struct_special_symmetry.auth_asym_id 
_pdbx_struct_special_symmetry.auth_comp_id 
_pdbx_struct_special_symmetry.auth_seq_id 
_pdbx_struct_special_symmetry.PDB_ins_code 
_pdbx_struct_special_symmetry.label_asym_id 
_pdbx_struct_special_symmetry.label_comp_id 
_pdbx_struct_special_symmetry.label_seq_id 
1 1 AAA HOH 334 ? J HOH . 
2 1 AAA HOH 353 ? J HOH . 
3 1 AAA HOH 403 ? J HOH . 
4 1 AAA HOH 409 ? J HOH . 
# 
loop_
_chem_comp_atom.comp_id 
_chem_comp_atom.atom_id 
_chem_comp_atom.type_symbol 
_chem_comp_atom.pdbx_aromatic_flag 
_chem_comp_atom.pdbx_stereo_config 
_chem_comp_atom.pdbx_ordinal 
ALA N    N  N N 1   
ALA CA   C  N S 2   
ALA C    C  N N 3   
ALA O    O  N N 4   
ALA CB   C  N N 5   
ALA OXT  O  N N 6   
ALA H    H  N N 7   
ALA H2   H  N N 8   
ALA HA   H  N N 9   
ALA HB1  H  N N 10  
ALA HB2  H  N N 11  
ALA HB3  H  N N 12  
ALA HXT  H  N N 13  
ARG N    N  N N 14  
ARG CA   C  N S 15  
ARG C    C  N N 16  
ARG O    O  N N 17  
ARG CB   C  N N 18  
ARG CG   C  N N 19  
ARG CD   C  N N 20  
ARG NE   N  N N 21  
ARG CZ   C  N N 22  
ARG NH1  N  N N 23  
ARG NH2  N  N N 24  
ARG OXT  O  N N 25  
ARG H    H  N N 26  
ARG H2   H  N N 27  
ARG HA   H  N N 28  
ARG HB2  H  N N 29  
ARG HB3  H  N N 30  
ARG HG2  H  N N 31  
ARG HG3  H  N N 32  
ARG HD2  H  N N 33  
ARG HD3  H  N N 34  
ARG HE   H  N N 35  
ARG HH11 H  N N 36  
ARG HH12 H  N N 37  
ARG HH21 H  N N 38  
ARG HH22 H  N N 39  
ARG HXT  H  N N 40  
ASN N    N  N N 41  
ASN CA   C  N S 42  
ASN C    C  N N 43  
ASN O    O  N N 44  
ASN CB   C  N N 45  
ASN CG   C  N N 46  
ASN OD1  O  N N 47  
ASN ND2  N  N N 48  
ASN OXT  O  N N 49  
ASN H    H  N N 50  
ASN H2   H  N N 51  
ASN HA   H  N N 52  
ASN HB2  H  N N 53  
ASN HB3  H  N N 54  
ASN HD21 H  N N 55  
ASN HD22 H  N N 56  
ASN HXT  H  N N 57  
ASP N    N  N N 58  
ASP CA   C  N S 59  
ASP C    C  N N 60  
ASP O    O  N N 61  
ASP CB   C  N N 62  
ASP CG   C  N N 63  
ASP OD1  O  N N 64  
ASP OD2  O  N N 65  
ASP OXT  O  N N 66  
ASP H    H  N N 67  
ASP H2   H  N N 68  
ASP HA   H  N N 69  
ASP HB2  H  N N 70  
ASP HB3  H  N N 71  
ASP HD2  H  N N 72  
ASP HXT  H  N N 73  
CYS N    N  N N 74  
CYS CA   C  N R 75  
CYS C    C  N N 76  
CYS O    O  N N 77  
CYS CB   C  N N 78  
CYS SG   S  N N 79  
CYS OXT  O  N N 80  
CYS H    H  N N 81  
CYS H2   H  N N 82  
CYS HA   H  N N 83  
CYS HB2  H  N N 84  
CYS HB3  H  N N 85  
CYS HG   H  N N 86  
CYS HXT  H  N N 87  
GLN N    N  N N 88  
GLN CA   C  N S 89  
GLN C    C  N N 90  
GLN O    O  N N 91  
GLN CB   C  N N 92  
GLN CG   C  N N 93  
GLN CD   C  N N 94  
GLN OE1  O  N N 95  
GLN NE2  N  N N 96  
GLN OXT  O  N N 97  
GLN H    H  N N 98  
GLN H2   H  N N 99  
GLN HA   H  N N 100 
GLN HB2  H  N N 101 
GLN HB3  H  N N 102 
GLN HG2  H  N N 103 
GLN HG3  H  N N 104 
GLN HE21 H  N N 105 
GLN HE22 H  N N 106 
GLN HXT  H  N N 107 
GLU N    N  N N 108 
GLU CA   C  N S 109 
GLU C    C  N N 110 
GLU O    O  N N 111 
GLU CB   C  N N 112 
GLU CG   C  N N 113 
GLU CD   C  N N 114 
GLU OE1  O  N N 115 
GLU OE2  O  N N 116 
GLU OXT  O  N N 117 
GLU H    H  N N 118 
GLU H2   H  N N 119 
GLU HA   H  N N 120 
GLU HB2  H  N N 121 
GLU HB3  H  N N 122 
GLU HG2  H  N N 123 
GLU HG3  H  N N 124 
GLU HE2  H  N N 125 
GLU HXT  H  N N 126 
GLY N    N  N N 127 
GLY CA   C  N N 128 
GLY C    C  N N 129 
GLY O    O  N N 130 
GLY OXT  O  N N 131 
GLY H    H  N N 132 
GLY H2   H  N N 133 
GLY HA2  H  N N 134 
GLY HA3  H  N N 135 
GLY HXT  H  N N 136 
HIS N    N  N N 137 
HIS CA   C  N S 138 
HIS C    C  N N 139 
HIS O    O  N N 140 
HIS CB   C  N N 141 
HIS CG   C  Y N 142 
HIS ND1  N  Y N 143 
HIS CD2  C  Y N 144 
HIS CE1  C  Y N 145 
HIS NE2  N  Y N 146 
HIS OXT  O  N N 147 
HIS H    H  N N 148 
HIS H2   H  N N 149 
HIS HA   H  N N 150 
HIS HB2  H  N N 151 
HIS HB3  H  N N 152 
HIS HD1  H  N N 153 
HIS HD2  H  N N 154 
HIS HE1  H  N N 155 
HIS HE2  H  N N 156 
HIS HXT  H  N N 157 
HOH O    O  N N 158 
HOH H1   H  N N 159 
HOH H2   H  N N 160 
ILE N    N  N N 161 
ILE CA   C  N S 162 
ILE C    C  N N 163 
ILE O    O  N N 164 
ILE CB   C  N S 165 
ILE CG1  C  N N 166 
ILE CG2  C  N N 167 
ILE CD1  C  N N 168 
ILE OXT  O  N N 169 
ILE H    H  N N 170 
ILE H2   H  N N 171 
ILE HA   H  N N 172 
ILE HB   H  N N 173 
ILE HG12 H  N N 174 
ILE HG13 H  N N 175 
ILE HG21 H  N N 176 
ILE HG22 H  N N 177 
ILE HG23 H  N N 178 
ILE HD11 H  N N 179 
ILE HD12 H  N N 180 
ILE HD13 H  N N 181 
ILE HXT  H  N N 182 
LEU N    N  N N 183 
LEU CA   C  N S 184 
LEU C    C  N N 185 
LEU O    O  N N 186 
LEU CB   C  N N 187 
LEU CG   C  N N 188 
LEU CD1  C  N N 189 
LEU CD2  C  N N 190 
LEU OXT  O  N N 191 
LEU H    H  N N 192 
LEU H2   H  N N 193 
LEU HA   H  N N 194 
LEU HB2  H  N N 195 
LEU HB3  H  N N 196 
LEU HG   H  N N 197 
LEU HD11 H  N N 198 
LEU HD12 H  N N 199 
LEU HD13 H  N N 200 
LEU HD21 H  N N 201 
LEU HD22 H  N N 202 
LEU HD23 H  N N 203 
LEU HXT  H  N N 204 
LYS N    N  N N 205 
LYS CA   C  N S 206 
LYS C    C  N N 207 
LYS O    O  N N 208 
LYS CB   C  N N 209 
LYS CG   C  N N 210 
LYS CD   C  N N 211 
LYS CE   C  N N 212 
LYS NZ   N  N N 213 
LYS OXT  O  N N 214 
LYS H    H  N N 215 
LYS H2   H  N N 216 
LYS HA   H  N N 217 
LYS HB2  H  N N 218 
LYS HB3  H  N N 219 
LYS HG2  H  N N 220 
LYS HG3  H  N N 221 
LYS HD2  H  N N 222 
LYS HD3  H  N N 223 
LYS HE2  H  N N 224 
LYS HE3  H  N N 225 
LYS HZ1  H  N N 226 
LYS HZ2  H  N N 227 
LYS HZ3  H  N N 228 
LYS HXT  H  N N 229 
MET N    N  N N 230 
MET CA   C  N S 231 
MET C    C  N N 232 
MET O    O  N N 233 
MET CB   C  N N 234 
MET CG   C  N N 235 
MET SD   S  N N 236 
MET CE   C  N N 237 
MET OXT  O  N N 238 
MET H    H  N N 239 
MET H2   H  N N 240 
MET HA   H  N N 241 
MET HB2  H  N N 242 
MET HB3  H  N N 243 
MET HG2  H  N N 244 
MET HG3  H  N N 245 
MET HE1  H  N N 246 
MET HE2  H  N N 247 
MET HE3  H  N N 248 
MET HXT  H  N N 249 
NA  NA   NA N N 250 
NO3 N    N  N N 251 
NO3 O1   O  N N 252 
NO3 O2   O  N N 253 
NO3 O3   O  N N 254 
PHE N    N  N N 255 
PHE CA   C  N S 256 
PHE C    C  N N 257 
PHE O    O  N N 258 
PHE CB   C  N N 259 
PHE CG   C  Y N 260 
PHE CD1  C  Y N 261 
PHE CD2  C  Y N 262 
PHE CE1  C  Y N 263 
PHE CE2  C  Y N 264 
PHE CZ   C  Y N 265 
PHE OXT  O  N N 266 
PHE H    H  N N 267 
PHE H2   H  N N 268 
PHE HA   H  N N 269 
PHE HB2  H  N N 270 
PHE HB3  H  N N 271 
PHE HD1  H  N N 272 
PHE HD2  H  N N 273 
PHE HE1  H  N N 274 
PHE HE2  H  N N 275 
PHE HZ   H  N N 276 
PHE HXT  H  N N 277 
PRO N    N  N N 278 
PRO CA   C  N S 279 
PRO C    C  N N 280 
PRO O    O  N N 281 
PRO CB   C  N N 282 
PRO CG   C  N N 283 
PRO CD   C  N N 284 
PRO OXT  O  N N 285 
PRO H    H  N N 286 
PRO HA   H  N N 287 
PRO HB2  H  N N 288 
PRO HB3  H  N N 289 
PRO HG2  H  N N 290 
PRO HG3  H  N N 291 
PRO HD2  H  N N 292 
PRO HD3  H  N N 293 
PRO HXT  H  N N 294 
SER N    N  N N 295 
SER CA   C  N S 296 
SER C    C  N N 297 
SER O    O  N N 298 
SER CB   C  N N 299 
SER OG   O  N N 300 
SER OXT  O  N N 301 
SER H    H  N N 302 
SER H2   H  N N 303 
SER HA   H  N N 304 
SER HB2  H  N N 305 
SER HB3  H  N N 306 
SER HG   H  N N 307 
SER HXT  H  N N 308 
THR N    N  N N 309 
THR CA   C  N S 310 
THR C    C  N N 311 
THR O    O  N N 312 
THR CB   C  N R 313 
THR OG1  O  N N 314 
THR CG2  C  N N 315 
THR OXT  O  N N 316 
THR H    H  N N 317 
THR H2   H  N N 318 
THR HA   H  N N 319 
THR HB   H  N N 320 
THR HG1  H  N N 321 
THR HG21 H  N N 322 
THR HG22 H  N N 323 
THR HG23 H  N N 324 
THR HXT  H  N N 325 
TRP N    N  N N 326 
TRP CA   C  N S 327 
TRP C    C  N N 328 
TRP O    O  N N 329 
TRP CB   C  N N 330 
TRP CG   C  Y N 331 
TRP CD1  C  Y N 332 
TRP CD2  C  Y N 333 
TRP NE1  N  Y N 334 
TRP CE2  C  Y N 335 
TRP CE3  C  Y N 336 
TRP CZ2  C  Y N 337 
TRP CZ3  C  Y N 338 
TRP CH2  C  Y N 339 
TRP OXT  O  N N 340 
TRP H    H  N N 341 
TRP H2   H  N N 342 
TRP HA   H  N N 343 
TRP HB2  H  N N 344 
TRP HB3  H  N N 345 
TRP HD1  H  N N 346 
TRP HE1  H  N N 347 
TRP HE3  H  N N 348 
TRP HZ2  H  N N 349 
TRP HZ3  H  N N 350 
TRP HH2  H  N N 351 
TRP HXT  H  N N 352 
TYR N    N  N N 353 
TYR CA   C  N S 354 
TYR C    C  N N 355 
TYR O    O  N N 356 
TYR CB   C  N N 357 
TYR CG   C  Y N 358 
TYR CD1  C  Y N 359 
TYR CD2  C  Y N 360 
TYR CE1  C  Y N 361 
TYR CE2  C  Y N 362 
TYR CZ   C  Y N 363 
TYR OH   O  N N 364 
TYR OXT  O  N N 365 
TYR H    H  N N 366 
TYR H2   H  N N 367 
TYR HA   H  N N 368 
TYR HB2  H  N N 369 
TYR HB3  H  N N 370 
TYR HD1  H  N N 371 
TYR HD2  H  N N 372 
TYR HE1  H  N N 373 
TYR HE2  H  N N 374 
TYR HH   H  N N 375 
TYR HXT  H  N N 376 
TZ6 C11  C  Y N 377 
TZ6 C12  C  Y N 378 
TZ6 C13  C  Y N 379 
TZ6 RU1  RU N N 380 
TZ6 RU2  RU N N 381 
TZ6 F1   F  N N 382 
TZ6 F2   F  N N 383 
TZ6 O3   O  N N 384 
TZ6 O1   O  N N 385 
TZ6 O2   O  N N 386 
TZ6 O4   O  N N 387 
TZ6 N1   N  N N 388 
TZ6 N2   N  N N 389 
TZ6 C2   C  Y N 390 
TZ6 C3   C  Y N 391 
TZ6 C4   C  Y N 392 
TZ6 C7   C  Y N 393 
TZ6 C1   C  N N 394 
TZ6 C6   C  Y N 395 
TZ6 C5   C  Y N 396 
TZ6 C8   C  Y N 397 
TZ6 C10  C  Y N 398 
TZ6 C9   C  Y N 399 
TZ6 H1   H  N N 400 
TZ6 H2   H  N N 401 
TZ6 H7   H  N N 402 
TZ6 H8   H  N N 403 
TZ6 H9   H  N N 404 
TZ6 H10  H  N N 405 
TZ6 H11  H  N N 406 
TZ6 H12  H  N N 407 
TZ6 H13  H  N N 408 
TZ6 H14  H  N N 409 
TZ6 C15  C  N N 410 
TZ6 C16  C  N N 411 
TZ6 C14  C  N N 412 
TZ6 C17  C  N N 413 
TZ6 H3   H  N N 414 
TZ6 H4   H  N N 415 
TZ6 H5   H  N N 416 
TZ6 H6   H  N N 417 
TZ6 H15  H  N N 418 
TZ6 H16  H  N N 419 
TZ6 H17  H  N N 420 
TZ6 H18  H  N N 421 
VAL N    N  N N 422 
VAL CA   C  N S 423 
VAL C    C  N N 424 
VAL O    O  N N 425 
VAL CB   C  N N 426 
VAL CG1  C  N N 427 
VAL CG2  C  N N 428 
VAL OXT  O  N N 429 
VAL H    H  N N 430 
VAL H2   H  N N 431 
VAL HA   H  N N 432 
VAL HB   H  N N 433 
VAL HG11 H  N N 434 
VAL HG12 H  N N 435 
VAL HG13 H  N N 436 
VAL HG21 H  N N 437 
VAL HG22 H  N N 438 
VAL HG23 H  N N 439 
VAL HXT  H  N N 440 
# 
loop_
_chem_comp_bond.comp_id 
_chem_comp_bond.atom_id_1 
_chem_comp_bond.atom_id_2 
_chem_comp_bond.value_order 
_chem_comp_bond.pdbx_aromatic_flag 
_chem_comp_bond.pdbx_stereo_config 
_chem_comp_bond.pdbx_ordinal 
ALA N   CA   sing N N 1   
ALA N   H    sing N N 2   
ALA N   H2   sing N N 3   
ALA CA  C    sing N N 4   
ALA CA  CB   sing N N 5   
ALA CA  HA   sing N N 6   
ALA C   O    doub N N 7   
ALA C   OXT  sing N N 8   
ALA CB  HB1  sing N N 9   
ALA CB  HB2  sing N N 10  
ALA CB  HB3  sing N N 11  
ALA OXT HXT  sing N N 12  
ARG N   CA   sing N N 13  
ARG N   H    sing N N 14  
ARG N   H2   sing N N 15  
ARG CA  C    sing N N 16  
ARG CA  CB   sing N N 17  
ARG CA  HA   sing N N 18  
ARG C   O    doub N N 19  
ARG C   OXT  sing N N 20  
ARG CB  CG   sing N N 21  
ARG CB  HB2  sing N N 22  
ARG CB  HB3  sing N N 23  
ARG CG  CD   sing N N 24  
ARG CG  HG2  sing N N 25  
ARG CG  HG3  sing N N 26  
ARG CD  NE   sing N N 27  
ARG CD  HD2  sing N N 28  
ARG CD  HD3  sing N N 29  
ARG NE  CZ   sing N N 30  
ARG NE  HE   sing N N 31  
ARG CZ  NH1  sing N N 32  
ARG CZ  NH2  doub N N 33  
ARG NH1 HH11 sing N N 34  
ARG NH1 HH12 sing N N 35  
ARG NH2 HH21 sing N N 36  
ARG NH2 HH22 sing N N 37  
ARG OXT HXT  sing N N 38  
ASN N   CA   sing N N 39  
ASN N   H    sing N N 40  
ASN N   H2   sing N N 41  
ASN CA  C    sing N N 42  
ASN CA  CB   sing N N 43  
ASN CA  HA   sing N N 44  
ASN C   O    doub N N 45  
ASN C   OXT  sing N N 46  
ASN CB  CG   sing N N 47  
ASN CB  HB2  sing N N 48  
ASN CB  HB3  sing N N 49  
ASN CG  OD1  doub N N 50  
ASN CG  ND2  sing N N 51  
ASN ND2 HD21 sing N N 52  
ASN ND2 HD22 sing N N 53  
ASN OXT HXT  sing N N 54  
ASP N   CA   sing N N 55  
ASP N   H    sing N N 56  
ASP N   H2   sing N N 57  
ASP CA  C    sing N N 58  
ASP CA  CB   sing N N 59  
ASP CA  HA   sing N N 60  
ASP C   O    doub N N 61  
ASP C   OXT  sing N N 62  
ASP CB  CG   sing N N 63  
ASP CB  HB2  sing N N 64  
ASP CB  HB3  sing N N 65  
ASP CG  OD1  doub N N 66  
ASP CG  OD2  sing N N 67  
ASP OD2 HD2  sing N N 68  
ASP OXT HXT  sing N N 69  
CYS N   CA   sing N N 70  
CYS N   H    sing N N 71  
CYS N   H2   sing N N 72  
CYS CA  C    sing N N 73  
CYS CA  CB   sing N N 74  
CYS CA  HA   sing N N 75  
CYS C   O    doub N N 76  
CYS C   OXT  sing N N 77  
CYS CB  SG   sing N N 78  
CYS CB  HB2  sing N N 79  
CYS CB  HB3  sing N N 80  
CYS SG  HG   sing N N 81  
CYS OXT HXT  sing N N 82  
GLN N   CA   sing N N 83  
GLN N   H    sing N N 84  
GLN N   H2   sing N N 85  
GLN CA  C    sing N N 86  
GLN CA  CB   sing N N 87  
GLN CA  HA   sing N N 88  
GLN C   O    doub N N 89  
GLN C   OXT  sing N N 90  
GLN CB  CG   sing N N 91  
GLN CB  HB2  sing N N 92  
GLN CB  HB3  sing N N 93  
GLN CG  CD   sing N N 94  
GLN CG  HG2  sing N N 95  
GLN CG  HG3  sing N N 96  
GLN CD  OE1  doub N N 97  
GLN CD  NE2  sing N N 98  
GLN NE2 HE21 sing N N 99  
GLN NE2 HE22 sing N N 100 
GLN OXT HXT  sing N N 101 
GLU N   CA   sing N N 102 
GLU N   H    sing N N 103 
GLU N   H2   sing N N 104 
GLU CA  C    sing N N 105 
GLU CA  CB   sing N N 106 
GLU CA  HA   sing N N 107 
GLU C   O    doub N N 108 
GLU C   OXT  sing N N 109 
GLU CB  CG   sing N N 110 
GLU CB  HB2  sing N N 111 
GLU CB  HB3  sing N N 112 
GLU CG  CD   sing N N 113 
GLU CG  HG2  sing N N 114 
GLU CG  HG3  sing N N 115 
GLU CD  OE1  doub N N 116 
GLU CD  OE2  sing N N 117 
GLU OE2 HE2  sing N N 118 
GLU OXT HXT  sing N N 119 
GLY N   CA   sing N N 120 
GLY N   H    sing N N 121 
GLY N   H2   sing N N 122 
GLY CA  C    sing N N 123 
GLY CA  HA2  sing N N 124 
GLY CA  HA3  sing N N 125 
GLY C   O    doub N N 126 
GLY C   OXT  sing N N 127 
GLY OXT HXT  sing N N 128 
HIS N   CA   sing N N 129 
HIS N   H    sing N N 130 
HIS N   H2   sing N N 131 
HIS CA  C    sing N N 132 
HIS CA  CB   sing N N 133 
HIS CA  HA   sing N N 134 
HIS C   O    doub N N 135 
HIS C   OXT  sing N N 136 
HIS CB  CG   sing N N 137 
HIS CB  HB2  sing N N 138 
HIS CB  HB3  sing N N 139 
HIS CG  ND1  sing Y N 140 
HIS CG  CD2  doub Y N 141 
HIS ND1 CE1  doub Y N 142 
HIS ND1 HD1  sing N N 143 
HIS CD2 NE2  sing Y N 144 
HIS CD2 HD2  sing N N 145 
HIS CE1 NE2  sing Y N 146 
HIS CE1 HE1  sing N N 147 
HIS NE2 HE2  sing N N 148 
HIS OXT HXT  sing N N 149 
HOH O   H1   sing N N 150 
HOH O   H2   sing N N 151 
ILE N   CA   sing N N 152 
ILE N   H    sing N N 153 
ILE N   H2   sing N N 154 
ILE CA  C    sing N N 155 
ILE CA  CB   sing N N 156 
ILE CA  HA   sing N N 157 
ILE C   O    doub N N 158 
ILE C   OXT  sing N N 159 
ILE CB  CG1  sing N N 160 
ILE CB  CG2  sing N N 161 
ILE CB  HB   sing N N 162 
ILE CG1 CD1  sing N N 163 
ILE CG1 HG12 sing N N 164 
ILE CG1 HG13 sing N N 165 
ILE CG2 HG21 sing N N 166 
ILE CG2 HG22 sing N N 167 
ILE CG2 HG23 sing N N 168 
ILE CD1 HD11 sing N N 169 
ILE CD1 HD12 sing N N 170 
ILE CD1 HD13 sing N N 171 
ILE OXT HXT  sing N N 172 
LEU N   CA   sing N N 173 
LEU N   H    sing N N 174 
LEU N   H2   sing N N 175 
LEU CA  C    sing N N 176 
LEU CA  CB   sing N N 177 
LEU CA  HA   sing N N 178 
LEU C   O    doub N N 179 
LEU C   OXT  sing N N 180 
LEU CB  CG   sing N N 181 
LEU CB  HB2  sing N N 182 
LEU CB  HB3  sing N N 183 
LEU CG  CD1  sing N N 184 
LEU CG  CD2  sing N N 185 
LEU CG  HG   sing N N 186 
LEU CD1 HD11 sing N N 187 
LEU CD1 HD12 sing N N 188 
LEU CD1 HD13 sing N N 189 
LEU CD2 HD21 sing N N 190 
LEU CD2 HD22 sing N N 191 
LEU CD2 HD23 sing N N 192 
LEU OXT HXT  sing N N 193 
LYS N   CA   sing N N 194 
LYS N   H    sing N N 195 
LYS N   H2   sing N N 196 
LYS CA  C    sing N N 197 
LYS CA  CB   sing N N 198 
LYS CA  HA   sing N N 199 
LYS C   O    doub N N 200 
LYS C   OXT  sing N N 201 
LYS CB  CG   sing N N 202 
LYS CB  HB2  sing N N 203 
LYS CB  HB3  sing N N 204 
LYS CG  CD   sing N N 205 
LYS CG  HG2  sing N N 206 
LYS CG  HG3  sing N N 207 
LYS CD  CE   sing N N 208 
LYS CD  HD2  sing N N 209 
LYS CD  HD3  sing N N 210 
LYS CE  NZ   sing N N 211 
LYS CE  HE2  sing N N 212 
LYS CE  HE3  sing N N 213 
LYS NZ  HZ1  sing N N 214 
LYS NZ  HZ2  sing N N 215 
LYS NZ  HZ3  sing N N 216 
LYS OXT HXT  sing N N 217 
MET N   CA   sing N N 218 
MET N   H    sing N N 219 
MET N   H2   sing N N 220 
MET CA  C    sing N N 221 
MET CA  CB   sing N N 222 
MET CA  HA   sing N N 223 
MET C   O    doub N N 224 
MET C   OXT  sing N N 225 
MET CB  CG   sing N N 226 
MET CB  HB2  sing N N 227 
MET CB  HB3  sing N N 228 
MET CG  SD   sing N N 229 
MET CG  HG2  sing N N 230 
MET CG  HG3  sing N N 231 
MET SD  CE   sing N N 232 
MET CE  HE1  sing N N 233 
MET CE  HE2  sing N N 234 
MET CE  HE3  sing N N 235 
MET OXT HXT  sing N N 236 
NO3 N   O1   doub N N 237 
NO3 N   O2   sing N N 238 
NO3 N   O3   sing N N 239 
PHE N   CA   sing N N 240 
PHE N   H    sing N N 241 
PHE N   H2   sing N N 242 
PHE CA  C    sing N N 243 
PHE CA  CB   sing N N 244 
PHE CA  HA   sing N N 245 
PHE C   O    doub N N 246 
PHE C   OXT  sing N N 247 
PHE CB  CG   sing N N 248 
PHE CB  HB2  sing N N 249 
PHE CB  HB3  sing N N 250 
PHE CG  CD1  doub Y N 251 
PHE CG  CD2  sing Y N 252 
PHE CD1 CE1  sing Y N 253 
PHE CD1 HD1  sing N N 254 
PHE CD2 CE2  doub Y N 255 
PHE CD2 HD2  sing N N 256 
PHE CE1 CZ   doub Y N 257 
PHE CE1 HE1  sing N N 258 
PHE CE2 CZ   sing Y N 259 
PHE CE2 HE2  sing N N 260 
PHE CZ  HZ   sing N N 261 
PHE OXT HXT  sing N N 262 
PRO N   CA   sing N N 263 
PRO N   CD   sing N N 264 
PRO N   H    sing N N 265 
PRO CA  C    sing N N 266 
PRO CA  CB   sing N N 267 
PRO CA  HA   sing N N 268 
PRO C   O    doub N N 269 
PRO C   OXT  sing N N 270 
PRO CB  CG   sing N N 271 
PRO CB  HB2  sing N N 272 
PRO CB  HB3  sing N N 273 
PRO CG  CD   sing N N 274 
PRO CG  HG2  sing N N 275 
PRO CG  HG3  sing N N 276 
PRO CD  HD2  sing N N 277 
PRO CD  HD3  sing N N 278 
PRO OXT HXT  sing N N 279 
SER N   CA   sing N N 280 
SER N   H    sing N N 281 
SER N   H2   sing N N 282 
SER CA  C    sing N N 283 
SER CA  CB   sing N N 284 
SER CA  HA   sing N N 285 
SER C   O    doub N N 286 
SER C   OXT  sing N N 287 
SER CB  OG   sing N N 288 
SER CB  HB2  sing N N 289 
SER CB  HB3  sing N N 290 
SER OG  HG   sing N N 291 
SER OXT HXT  sing N N 292 
THR N   CA   sing N N 293 
THR N   H    sing N N 294 
THR N   H2   sing N N 295 
THR CA  C    sing N N 296 
THR CA  CB   sing N N 297 
THR CA  HA   sing N N 298 
THR C   O    doub N N 299 
THR C   OXT  sing N N 300 
THR CB  OG1  sing N N 301 
THR CB  CG2  sing N N 302 
THR CB  HB   sing N N 303 
THR OG1 HG1  sing N N 304 
THR CG2 HG21 sing N N 305 
THR CG2 HG22 sing N N 306 
THR CG2 HG23 sing N N 307 
THR OXT HXT  sing N N 308 
TRP N   CA   sing N N 309 
TRP N   H    sing N N 310 
TRP N   H2   sing N N 311 
TRP CA  C    sing N N 312 
TRP CA  CB   sing N N 313 
TRP CA  HA   sing N N 314 
TRP C   O    doub N N 315 
TRP C   OXT  sing N N 316 
TRP CB  CG   sing N N 317 
TRP CB  HB2  sing N N 318 
TRP CB  HB3  sing N N 319 
TRP CG  CD1  doub Y N 320 
TRP CG  CD2  sing Y N 321 
TRP CD1 NE1  sing Y N 322 
TRP CD1 HD1  sing N N 323 
TRP CD2 CE2  doub Y N 324 
TRP CD2 CE3  sing Y N 325 
TRP NE1 CE2  sing Y N 326 
TRP NE1 HE1  sing N N 327 
TRP CE2 CZ2  sing Y N 328 
TRP CE3 CZ3  doub Y N 329 
TRP CE3 HE3  sing N N 330 
TRP CZ2 CH2  doub Y N 331 
TRP CZ2 HZ2  sing N N 332 
TRP CZ3 CH2  sing Y N 333 
TRP CZ3 HZ3  sing N N 334 
TRP CH2 HH2  sing N N 335 
TRP OXT HXT  sing N N 336 
TYR N   CA   sing N N 337 
TYR N   H    sing N N 338 
TYR N   H2   sing N N 339 
TYR CA  C    sing N N 340 
TYR CA  CB   sing N N 341 
TYR CA  HA   sing N N 342 
TYR C   O    doub N N 343 
TYR C   OXT  sing N N 344 
TYR CB  CG   sing N N 345 
TYR CB  HB2  sing N N 346 
TYR CB  HB3  sing N N 347 
TYR CG  CD1  doub Y N 348 
TYR CG  CD2  sing Y N 349 
TYR CD1 CE1  sing Y N 350 
TYR CD1 HD1  sing N N 351 
TYR CD2 CE2  doub Y N 352 
TYR CD2 HD2  sing N N 353 
TYR CE1 CZ   doub Y N 354 
TYR CE1 HE1  sing N N 355 
TYR CE2 CZ   sing Y N 356 
TYR CE2 HE2  sing N N 357 
TYR CZ  OH   sing N N 358 
TYR OH  HH   sing N N 359 
TYR OXT HXT  sing N N 360 
TZ6 F1  C5   sing N N 361 
TZ6 C4  C5   doub Y N 362 
TZ6 C4  C3   sing Y N 363 
TZ6 RU1 O1   sing N N 364 
TZ6 RU1 O3   sing N N 365 
TZ6 RU1 N1   sing N N 366 
TZ6 RU1 RU2  sing N N 367 
TZ6 C5  C6   sing Y N 368 
TZ6 C3  C2   doub Y N 369 
TZ6 C6  C7   doub Y N 370 
TZ6 C2  C7   sing Y N 371 
TZ6 C2  N1   sing N N 372 
TZ6 O4  RU2  sing N N 373 
TZ6 N1  C1   sing N N 374 
TZ6 RU2 O2   sing N N 375 
TZ6 RU2 N2   sing N N 376 
TZ6 C1  N2   sing N N 377 
TZ6 N2  C8   sing N N 378 
TZ6 C8  C9   doub Y N 379 
TZ6 C8  C13  sing Y N 380 
TZ6 C9  C10  sing Y N 381 
TZ6 C13 C12  doub Y N 382 
TZ6 C10 C11  doub Y N 383 
TZ6 C12 C11  sing Y N 384 
TZ6 C11 F2   sing N N 385 
TZ6 C12 H1   sing N N 386 
TZ6 C13 H2   sing N N 387 
TZ6 C3  H7   sing N N 388 
TZ6 C4  H8   sing N N 389 
TZ6 C7  H9   sing N N 390 
TZ6 C1  H10  sing N N 391 
TZ6 C1  H11  sing N N 392 
TZ6 C6  H12  sing N N 393 
TZ6 C10 H13  sing N N 394 
TZ6 C9  H14  sing N N 395 
TZ6 O1  C15  sing N N 396 
TZ6 O2  C15  sing N N 397 
TZ6 O4  C16  sing N N 398 
TZ6 O3  C16  sing N N 399 
TZ6 C16 C14  sing N N 400 
TZ6 C15 C17  sing N N 401 
TZ6 C15 H3   sing N N 402 
TZ6 C16 H4   sing N N 403 
TZ6 C14 H5   sing N N 404 
TZ6 C14 H6   sing N N 405 
TZ6 C14 H15  sing N N 406 
TZ6 C17 H16  sing N N 407 
TZ6 C17 H17  sing N N 408 
TZ6 C17 H18  sing N N 409 
VAL N   CA   sing N N 410 
VAL N   H    sing N N 411 
VAL N   H2   sing N N 412 
VAL CA  C    sing N N 413 
VAL CA  CB   sing N N 414 
VAL CA  HA   sing N N 415 
VAL C   O    doub N N 416 
VAL C   OXT  sing N N 417 
VAL CB  CG1  sing N N 418 
VAL CB  CG2  sing N N 419 
VAL CB  HB   sing N N 420 
VAL CG1 HG11 sing N N 421 
VAL CG1 HG12 sing N N 422 
VAL CG1 HG13 sing N N 423 
VAL CG2 HG21 sing N N 424 
VAL CG2 HG22 sing N N 425 
VAL CG2 HG23 sing N N 426 
VAL OXT HXT  sing N N 427 
# 
_pdbx_audit_support.funding_organization   'Not funded' 
_pdbx_audit_support.country                ? 
_pdbx_audit_support.grant_number           ? 
_pdbx_audit_support.ordinal                1 
# 
_pdbx_initial_refinement_model.id               1 
_pdbx_initial_refinement_model.entity_id_list   ? 
_pdbx_initial_refinement_model.type             'experimental model' 
_pdbx_initial_refinement_model.source_name      PDB 
_pdbx_initial_refinement_model.accession_code   193L 
_pdbx_initial_refinement_model.details          ? 
# 
_atom_sites.entry_id                    8BPJ 
_atom_sites.Cartn_transf_matrix[1][1]   ? 
_atom_sites.Cartn_transf_matrix[1][2]   ? 
_atom_sites.Cartn_transf_matrix[1][3]   ? 
_atom_sites.Cartn_transf_matrix[2][1]   ? 
_atom_sites.Cartn_transf_matrix[2][2]   ? 
_atom_sites.Cartn_transf_matrix[2][3]   ? 
_atom_sites.Cartn_transf_matrix[3][1]   ? 
_atom_sites.Cartn_transf_matrix[3][2]   ? 
_atom_sites.Cartn_transf_matrix[3][3]   ? 
_atom_sites.Cartn_transf_vector[1]      ? 
_atom_sites.Cartn_transf_vector[2]      ? 
_atom_sites.Cartn_transf_vector[3]      ? 
_atom_sites.fract_transf_matrix[1][1]   -0.00687179 
_atom_sites.fract_transf_matrix[1][2]   -0.00335265 
_atom_sites.fract_transf_matrix[1][3]   -0.01039850 
_atom_sites.fract_transf_matrix[2][1]   0.01080346 
_atom_sites.fract_transf_matrix[2][2]   -0.00391695 
_atom_sites.fract_transf_matrix[2][3]   -0.00587651 
_atom_sites.fract_transf_matrix[3][1]   -0.00338684 
_atom_sites.fract_transf_matrix[3][2]   -0.02459732 
_atom_sites.fract_transf_matrix[3][3]   0.01016876 
_atom_sites.fract_transf_vector[1]      0.012027 
_atom_sites.fract_transf_vector[2]      -0.254331 
_atom_sites.fract_transf_vector[3]      0.016870 
_atom_sites.solution_primary            ? 
_atom_sites.solution_secondary          ? 
_atom_sites.solution_hydrogens          ? 
_atom_sites.special_details             ? 
# 
loop_
_atom_type.symbol 
_atom_type.pdbx_scat_Z 
_atom_type.pdbx_N_electrons 
_atom_type.scat_Cromer_Mann_a1 
_atom_type.scat_Cromer_Mann_b1 
_atom_type.scat_Cromer_Mann_a2 
_atom_type.scat_Cromer_Mann_b2 
_atom_type.scat_Cromer_Mann_a3 
_atom_type.scat_Cromer_Mann_b3 
_atom_type.scat_Cromer_Mann_a4 
_atom_type.scat_Cromer_Mann_b4 
_atom_type.scat_Cromer_Mann_c 
C  6  6  2.310  20.844 1.020  10.208 1.589 0.569  0.865 51.651  0.216   
F  9  9  3.539  10.282 2.641  4.294  1.517 0.262  1.024 26.148  0.306   
H  1  1  0.493  10.511 0.323  26.126 0.140 3.142  0.041 57.800  0.003   
N  7  7  12.222 0.006  3.135  9.893  2.014 28.997 1.167 0.583   -11.538 
NA 11 11 4.766  3.285  3.176  8.842  1.268 0.314  1.114 129.424 0.736   
O  8  8  3.049  13.277 2.287  5.701  1.546 0.324  0.867 32.909  0.251   
RU 44 44 19.269 0.809  12.920 8.435  4.864 24.800 1.568 94.293  4.690   
S  16 16 6.905  1.468  5.203  22.215 1.438 0.254  1.586 56.172  1.056   
# 
loop_
_atom_site.group_PDB 
_atom_site.id 
_atom_site.type_symbol 
_atom_site.label_atom_id 
_atom_site.label_alt_id 
_atom_site.label_comp_id 
_atom_site.label_asym_id 
_atom_site.label_entity_id 
_atom_site.label_seq_id 
_atom_site.pdbx_PDB_ins_code 
_atom_site.Cartn_x 
_atom_site.Cartn_y 
_atom_site.Cartn_z 
_atom_site.occupancy 
_atom_site.B_iso_or_equiv 
_atom_site.pdbx_formal_charge 
_atom_site.auth_seq_id 
_atom_site.auth_comp_id 
_atom_site.auth_asym_id 
_atom_site.auth_atom_id 
_atom_site.pdbx_PDB_model_num 
_atom_site.calc_flag 
ATOM   1    N  N   . LYS A 1 1   ? 11.541  6.046   -5.483  1.000 24.292 0 1   LYS AAA N   1 ? 
ATOM   2    C  CA  . LYS A 1 1   ? 10.876  6.902   -6.510  1.000 24.988 0 1   LYS AAA CA  1 ? 
ATOM   3    C  C   . LYS A 1 1   ? 9.715   7.613   -5.835  1.000 23.130 0 1   LYS AAA C   1 ? 
ATOM   4    O  O   . LYS A 1 1   ? 8.939   6.898   -5.142  1.000 22.439 0 1   LYS AAA O   1 ? 
ATOM   5    C  CB  . LYS A 1 1   ? 10.381  6.031   -7.661  1.000 25.617 0 1   LYS AAA CB  1 ? 
ATOM   6    C  CG  . LYS A 1 1   ? 9.534   6.768   -8.684  1.000 28.114 0 1   LYS AAA CG  1 ? 
ATOM   7    C  CD  A LYS A 1 1   ? 9.170   5.907   -9.860  0.450 29.894 0 1   LYS AAA CD  1 ? 
ATOM   8    C  CD  B LYS A 1 1   ? 9.174   5.911   -9.869  0.550 30.716 0 1   LYS AAA CD  1 ? 
ATOM   9    C  CE  A LYS A 1 1   ? 8.394   6.658   -10.924 0.450 31.052 0 1   LYS AAA CE  1 ? 
ATOM   10   C  CE  B LYS A 1 1   ? 8.158   6.547   -10.802 0.550 32.509 0 1   LYS AAA CE  1 ? 
ATOM   11   N  NZ  A LYS A 1 1   ? 7.972   5.763   -12.025 0.450 31.871 0 1   LYS AAA NZ  1 ? 
ATOM   12   N  NZ  B LYS A 1 1   ? 8.770   7.488   -11.775 0.550 33.257 0 1   LYS AAA NZ  1 ? 
ATOM   13   N  N   . VAL A 1 2   ? 9.585   8.909   -6.004  1.000 21.633 0 2   VAL AAA N   1 ? 
ATOM   14   C  CA  . VAL A 1 2   ? 8.429   9.711   -5.541  1.000 20.969 0 2   VAL AAA CA  1 ? 
ATOM   15   C  C   . VAL A 1 2   ? 7.521   9.840   -6.768  1.000 24.094 0 2   VAL AAA C   1 ? 
ATOM   16   O  O   . VAL A 1 2   ? 7.911   10.519  -7.717  1.000 26.984 0 2   VAL AAA O   1 ? 
ATOM   17   C  CB  . VAL A 1 2   ? 8.777   11.065  -4.900  1.000 23.942 0 2   VAL AAA CB  1 ? 
ATOM   18   C  CG1 . VAL A 1 2   ? 7.555   11.846  -4.466  1.000 28.866 0 2   VAL AAA CG1 1 ? 
ATOM   19   C  CG2 . VAL A 1 2   ? 9.701   10.842  -3.701  1.000 22.604 0 2   VAL AAA CG2 1 ? 
ATOM   20   N  N   . PHE A 1 3   ? 6.418   9.114   -6.797  1.000 21.456 0 3   PHE AAA N   1 ? 
ATOM   21   C  CA  . PHE A 1 3   ? 5.406   9.200   -7.878  1.000 20.452 0 3   PHE AAA CA  1 ? 
ATOM   22   C  C   . PHE A 1 3   ? 4.655   10.507  -7.750  1.000 20.565 0 3   PHE AAA C   1 ? 
ATOM   23   O  O   . PHE A 1 3   ? 4.378   11.062  -6.696  1.000 22.170 0 3   PHE AAA O   1 ? 
ATOM   24   C  CB  . PHE A 1 3   ? 4.374   8.078   -7.787  1.000 20.418 0 3   PHE AAA CB  1 ? 
ATOM   25   C  CG  . PHE A 1 3   ? 4.781   6.760   -8.350  1.000 21.704 0 3   PHE AAA CG  1 ? 
ATOM   26   C  CD1 . PHE A 1 3   ? 5.633   5.902   -7.668  1.000 21.347 0 3   PHE AAA CD1 1 ? 
ATOM   27   C  CD2 . PHE A 1 3   ? 4.378   6.379   -9.610  1.000 21.687 0 3   PHE AAA CD2 1 ? 
ATOM   28   C  CE1 . PHE A 1 3   ? 5.985   4.664   -8.184  1.000 23.169 0 3   PHE AAA CE1 1 ? 
ATOM   29   C  CE2 . PHE A 1 3   ? 4.735   5.158   -10.130 1.000 22.720 0 3   PHE AAA CE2 1 ? 
ATOM   30   C  CZ  . PHE A 1 3   ? 5.551   4.297   -9.434  1.000 23.350 0 3   PHE AAA CZ  1 ? 
ATOM   31   N  N   . GLY A 1 4   ? 4.287   10.994  -8.948  1.000 23.971 0 4   GLY AAA N   1 ? 
ATOM   32   C  CA  . GLY A 1 4   ? 3.203   11.975  -9.081  1.000 23.810 0 4   GLY AAA CA  1 ? 
ATOM   33   C  C   . GLY A 1 4   ? 1.863   11.294  -8.814  1.000 20.293 0 4   GLY AAA C   1 ? 
ATOM   34   O  O   . GLY A 1 4   ? 1.750   10.094  -9.059  1.000 21.737 0 4   GLY AAA O   1 ? 
ATOM   35   N  N   . ARG A 1 5   ? 0.899   12.032  -8.329  1.000 24.582 0 5   ARG AAA N   1 ? 
ATOM   36   C  CA  . ARG A 1 5   ? -0.461  11.524  -8.022  1.000 24.246 0 5   ARG AAA CA  1 ? 
ATOM   37   C  C   . ARG A 1 5   ? -1.046  10.764  -9.227  1.000 23.394 0 5   ARG AAA C   1 ? 
ATOM   38   O  O   . ARG A 1 5   ? -1.432  9.546   -9.166  1.000 21.357 0 5   ARG AAA O   1 ? 
ATOM   39   C  CB  . ARG A 1 5   ? -1.276  12.713  -7.538  1.000 24.670 0 5   ARG AAA CB  1 ? 
ATOM   40   C  CG  . ARG A 1 5   ? -2.752  12.409  -7.348  1.000 25.679 0 5   ARG AAA CG  1 ? 
ATOM   41   C  CD  . ARG A 1 5   ? -3.549  13.603  -6.864  1.000 27.728 0 5   ARG AAA CD  1 ? 
ATOM   42   N  NE  . ARG A 1 5   ? -3.607  14.701  -7.835  1.000 30.124 0 5   ARG AAA NE  1 ? 
ATOM   43   C  CZ  . ARG A 1 5   ? -4.558  14.857  -8.764  1.000 32.851 0 5   ARG AAA CZ  1 ? 
ATOM   44   N  NH1 . ARG A 1 5   ? -5.565  14.008  -8.871  1.000 29.972 0 5   ARG AAA NH1 1 ? 
ATOM   45   N  NH2 . ARG A 1 5   ? -4.512  15.889  -9.580  1.000 36.155 0 5   ARG AAA NH2 1 ? 
ATOM   46   N  N   . CYS A 1 6   ? -1.072  11.399  -10.402 1.000 25.445 0 6   CYS AAA N   1 ? 
ATOM   47   C  CA  . CYS A 1 6   ? -1.706  10.782  -11.593 1.000 25.377 0 6   CYS AAA CA  1 ? 
ATOM   48   C  C   . CYS A 1 6   ? -0.848  9.652   -12.155 1.000 21.004 0 6   CYS AAA C   1 ? 
ATOM   49   O  O   . CYS A 1 6   ? -1.345  8.666   -12.655 1.000 23.770 0 6   CYS AAA O   1 ? 
ATOM   50   C  CB  . CYS A 1 6   ? -2.011  11.808  -12.681 1.000 26.506 0 6   CYS AAA CB  1 ? 
ATOM   51   S  SG  . CYS A 1 6   ? -3.327  12.953  -12.205 1.000 30.969 0 6   CYS AAA SG  1 ? 
ATOM   52   N  N   . GLU A 1 7   ? 0.472   9.770   -12.037 1.000 22.219 0 7   GLU AAA N   1 ? 
ATOM   53   C  CA  . GLU A 1 7   ? 1.398   8.687   -12.400 1.000 23.573 0 7   GLU AAA CA  1 ? 
ATOM   54   C  C   . GLU A 1 7   ? 1.114   7.440   -11.568 1.000 20.507 0 7   GLU AAA C   1 ? 
ATOM   55   O  O   . GLU A 1 7   ? 1.079   6.319   -12.106 1.000 21.340 0 7   GLU AAA O   1 ? 
ATOM   56   C  CB  . GLU A 1 7   ? 2.831   9.143   -12.146 1.000 23.817 0 7   GLU AAA CB  1 ? 
ATOM   57   C  CG  . GLU A 1 7   ? 3.877   8.212   -12.693 1.000 26.566 0 7   GLU AAA CG  1 ? 
ATOM   58   C  CD  . GLU A 1 7   ? 5.289   8.611   -12.289 1.000 29.169 0 7   GLU AAA CD  1 ? 
ATOM   59   O  OE1 . GLU A 1 7   ? 5.474   9.546   -11.413 1.000 29.690 0 7   GLU AAA OE1 1 ? 
ATOM   60   O  OE2 . GLU A 1 7   ? 6.193   7.972   -12.845 1.000 37.311 0 7   GLU AAA OE2 1 ? 
ATOM   61   N  N   . LEU A 1 8   ? 0.944   7.639   -10.250 1.000 21.349 0 8   LEU AAA N   1 ? 
ATOM   62   C  CA  . LEU A 1 8   ? 0.658   6.472   -9.404  1.000 21.281 0 8   LEU AAA CA  1 ? 
ATOM   63   C  C   . LEU A 1 8   ? -0.748  5.920   -9.681  1.000 18.444 0 8   LEU AAA C   1 ? 
ATOM   64   O  O   . LEU A 1 8   ? -0.872  4.705   -9.776  1.000 20.093 0 8   LEU AAA O   1 ? 
ATOM   65   C  CB  . LEU A 1 8   ? 0.787   6.884   -7.944  1.000 20.281 0 8   LEU AAA CB  1 ? 
ATOM   66   C  CG  . LEU A 1 8   ? 0.622   5.702   -6.992  1.000 19.967 0 8   LEU AAA CG  1 ? 
ATOM   67   C  CD1 . LEU A 1 8   ? 1.654   4.607   -7.205  1.000 23.013 0 8   LEU AAA CD1 1 ? 
ATOM   68   C  CD2 . LEU A 1 8   ? 0.640   6.193   -5.535  1.000 20.337 0 8   LEU AAA CD2 1 ? 
ATOM   69   N  N   . ALA A 1 9   ? -1.711  6.784   -9.936  1.000 21.419 0 9   ALA AAA N   1 ? 
ATOM   70   C  CA  . ALA A 1 9   ? -3.080  6.333   -10.277 1.000 21.265 0 9   ALA AAA CA  1 ? 
ATOM   71   C  C   . ALA A 1 9   ? -3.012  5.443   -11.530 1.000 21.629 0 9   ALA AAA C   1 ? 
ATOM   72   O  O   . ALA A 1 9   ? -3.568  4.349   -11.554 1.000 21.546 0 9   ALA AAA O   1 ? 
ATOM   73   C  CB  . ALA A 1 9   ? -3.997  7.500   -10.440 1.000 21.584 0 9   ALA AAA CB  1 ? 
ATOM   74   N  N   . ALA A 1 10  ? -2.228  5.848   -12.539 1.000 24.303 0 10  ALA AAA N   1 ? 
ATOM   75   C  CA  . ALA A 1 10  ? -2.131  5.068   -13.795 1.000 25.281 0 10  ALA AAA CA  1 ? 
ATOM   76   C  C   . ALA A 1 10  ? -1.441  3.743   -13.537 1.000 20.508 0 10  ALA AAA C   1 ? 
ATOM   77   O  O   . ALA A 1 10  ? -1.871  2.691   -14.027 1.000 25.013 0 10  ALA AAA O   1 ? 
ATOM   78   C  CB  . ALA A 1 10  ? -1.410  5.907   -14.824 1.000 28.514 0 10  ALA AAA CB  1 ? 
ATOM   79   N  N   . ALA A 1 11  ? -0.364  3.728   -12.741 1.000 21.617 0 11  ALA AAA N   1 ? 
ATOM   80   C  CA  . ALA A 1 11  ? 0.354   2.469   -12.444 1.000 21.961 0 11  ALA AAA CA  1 ? 
ATOM   81   C  C   . ALA A 1 11  ? -0.519  1.509   -11.628 1.000 20.953 0 11  ALA AAA C   1 ? 
ATOM   82   O  O   . ALA A 1 11  ? -0.575  0.318   -11.886 1.000 22.061 0 11  ALA AAA O   1 ? 
ATOM   83   C  CB  . ALA A 1 11  ? 1.652   2.782   -11.747 1.000 22.518 0 11  ALA AAA CB  1 ? 
ATOM   84   N  N   . MET A 1 12  ? -1.268  2.050   -10.682 1.000 22.760 0 12  MET AAA N   1 ? 
ATOM   85   C  CA  . MET A 1 12  ? -2.167  1.199   -9.864  1.000 22.382 0 12  MET AAA CA  1 ? 
ATOM   86   C  C   . MET A 1 12  ? -3.284  0.615   -10.747 1.000 20.689 0 12  MET AAA C   1 ? 
ATOM   87   O  O   . MET A 1 12  ? -3.599  -0.574  -10.584 1.000 22.102 0 12  MET AAA O   1 ? 
ATOM   88   C  CB  . MET A 1 12  ? -2.747  2.009   -8.708  1.000 19.761 0 12  MET AAA CB  1 ? 
ATOM   89   C  CG  . MET A 1 12  ? -1.727  2.276   -7.640  1.000 19.542 0 12  MET AAA CG  1 ? 
ATOM   90   S  SD  . MET A 1 12  ? -2.490  3.293   -6.299  1.000 20.558 0 12  MET AAA SD  1 ? 
ATOM   91   C  CE  . MET A 1 12  ? -1.531  2.727   -4.910  1.000 20.611 0 12  MET AAA CE  1 ? 
ATOM   92   N  N   . LYS A 1 13  ? -3.841  1.445   -11.637 1.000 22.411 0 13  LYS AAA N   1 ? 
ATOM   93   C  CA  . LYS A 1 13  ? -4.871  0.986   -12.617 1.000 25.541 0 13  LYS AAA CA  1 ? 
ATOM   94   C  C   . LYS A 1 13  ? -4.305  -0.115  -13.516 1.000 24.463 0 13  LYS AAA C   1 ? 
ATOM   95   O  O   . LYS A 1 13  ? -4.938  -1.197  -13.635 1.000 25.953 0 13  LYS AAA O   1 ? 
ATOM   96   C  CB  . LYS A 1 13  ? -5.364  2.146   -13.464 1.000 27.003 0 13  LYS AAA CB  1 ? 
ATOM   97   C  CG  . LYS A 1 13  ? -6.654  1.839   -14.223 1.000 30.829 0 13  LYS AAA CG  1 ? 
ATOM   98   C  CD  . LYS A 1 13  ? -7.150  3.062   -14.982 1.000 36.117 0 13  LYS AAA CD  1 ? 
ATOM   99   C  CE  . LYS A 1 13  ? -8.587  2.996   -15.470 1.000 43.634 0 13  LYS AAA CE  1 ? 
ATOM   100  N  NZ  . LYS A 1 13  ? -9.056  1.606   -15.680 1.000 49.803 0 13  LYS AAA NZ  1 ? 
ATOM   101  N  N   . ARG A 1 14  ? -3.142  0.116   -14.107 1.000 23.499 0 14  ARG AAA N   1 ? 
ATOM   102  C  CA  . ARG A 1 14  ? -2.470  -0.906  -14.958 1.000 28.516 0 14  ARG AAA CA  1 ? 
ATOM   103  C  C   . ARG A 1 14  ? -2.319  -2.242  -14.218 1.000 27.764 0 14  ARG AAA C   1 ? 
ATOM   104  O  O   . ARG A 1 14  ? -2.447  -3.305  -14.854 1.000 29.349 0 14  ARG AAA O   1 ? 
ATOM   105  C  CB  . ARG A 1 14  ? -1.140  -0.322  -15.428 1.000 32.056 0 14  ARG AAA CB  1 ? 
ATOM   106  C  CG  . ARG A 1 14  ? -0.749  -0.713  -16.838 1.000 42.174 0 14  ARG AAA CG  1 ? 
ATOM   107  C  CD  . ARG A 1 14  ? 0.501   -1.545  -16.859 1.000 45.197 0 14  ARG AAA CD  1 ? 
ATOM   108  N  NE  . ARG A 1 14  ? 1.584   -0.978  -16.069 1.000 45.127 0 14  ARG AAA NE  1 ? 
ATOM   109  C  CZ  . ARG A 1 14  ? 2.655   -1.664  -15.685 1.000 40.323 0 14  ARG AAA CZ  1 ? 
ATOM   110  N  NH1 . ARG A 1 14  ? 2.789   -2.941  -16.011 1.000 40.632 0 14  ARG AAA NH1 1 ? 
ATOM   111  N  NH2 . ARG A 1 14  ? 3.588   -1.062  -14.967 1.000 42.843 0 14  ARG AAA NH2 1 ? 
ATOM   112  N  N   . HIS A 1 15  ? -2.089  -2.215  -12.896 1.000 26.750 0 15  HIS AAA N   1 ? 
ATOM   113  C  CA  . HIS A 1 15  ? -1.770  -3.411  -12.079 1.000 26.089 0 15  HIS AAA CA  1 ? 
ATOM   114  C  C   . HIS A 1 15  ? -3.040  -3.978  -11.431 1.000 27.095 0 15  HIS AAA C   1 ? 
ATOM   115  O  O   . HIS A 1 15  ? -2.917  -4.953  -10.612 1.000 29.197 0 15  HIS AAA O   1 ? 
ATOM   116  C  CB  . HIS A 1 15  ? -0.750  -3.047  -10.994 1.000 29.133 0 15  HIS AAA CB  1 ? 
ATOM   117  C  CG  . HIS A 1 15  ? 0.657   -3.081  -11.465 1.000 29.383 0 15  HIS AAA CG  1 ? 
ATOM   118  N  ND1 . HIS A 1 15  ? 1.377   -1.946  -11.756 1.000 31.267 0 15  HIS AAA ND1 1 ? 
ATOM   119  C  CD2 . HIS A 1 15  ? 1.478   -4.113  -11.698 1.000 35.448 0 15  HIS AAA CD2 1 ? 
ATOM   120  C  CE1 . HIS A 1 15  ? 2.596   -2.290  -12.121 1.000 32.784 0 15  HIS AAA CE1 1 ? 
ATOM   121  N  NE2 . HIS A 1 15  ? 2.670   -3.601  -12.120 1.000 36.400 0 15  HIS AAA NE2 1 ? 
ATOM   122  N  N   . GLY A 1 16  ? -4.206  -3.468  -11.816 1.000 25.611 0 16  GLY AAA N   1 ? 
ATOM   123  C  CA  . GLY A 1 16  ? -5.506  -4.094  -11.514 1.000 28.767 0 16  GLY AAA CA  1 ? 
ATOM   124  C  C   . GLY A 1 16  ? -6.097  -3.711  -10.159 1.000 28.727 0 16  GLY AAA C   1 ? 
ATOM   125  O  O   . GLY A 1 16  ? -6.993  -4.460  -9.705  1.000 29.978 0 16  GLY AAA O   1 ? 
ATOM   126  N  N   . LEU A 1 17  ? -5.728  -2.554  -9.587  1.000 27.393 0 17  LEU AAA N   1 ? 
ATOM   127  C  CA  . LEU A 1 17  ? -6.307  -2.135  -8.275  1.000 25.087 0 17  LEU AAA CA  1 ? 
ATOM   128  C  C   . LEU A 1 17  ? -7.616  -1.376  -8.440  1.000 26.205 0 17  LEU AAA C   1 ? 
ATOM   129  O  O   . LEU A 1 17  ? -8.368  -1.377  -7.460  1.000 25.666 0 17  LEU AAA O   1 ? 
ATOM   130  C  CB  . LEU A 1 17  ? -5.313  -1.271  -7.488  1.000 24.008 0 17  LEU AAA CB  1 ? 
ATOM   131  C  CG  . LEU A 1 17  ? -4.180  -2.034  -6.821  1.000 24.601 0 17  LEU AAA CG  1 ? 
ATOM   132  C  CD1 . LEU A 1 17  ? -3.317  -1.048  -6.058  1.000 25.502 0 17  LEU AAA CD1 1 ? 
ATOM   133  C  CD2 . LEU A 1 17  ? -4.689  -3.120  -5.879  1.000 24.568 0 17  LEU AAA CD2 1 ? 
ATOM   134  N  N   . ASP A 1 18  ? -7.951  -0.780  -9.589  1.000 25.698 0 18  ASP AAA N   1 ? 
ATOM   135  C  CA  . ASP A 1 18  ? -9.235  -0.040  -9.723  1.000 28.126 0 18  ASP AAA CA  1 ? 
ATOM   136  C  C   . ASP A 1 18  ? -10.381 -1.040  -9.522  1.000 28.350 0 18  ASP AAA C   1 ? 
ATOM   137  O  O   . ASP A 1 18  ? -10.496 -2.050  -10.290 1.000 28.468 0 18  ASP AAA O   1 ? 
ATOM   138  C  CB  . ASP A 1 18  ? -9.371  0.724   -11.040 1.000 31.098 0 18  ASP AAA CB  1 ? 
ATOM   139  C  CG  . ASP A 1 18  ? -10.614 1.616   -11.149 1.000 38.493 0 18  ASP AAA CG  1 ? 
ATOM   140  O  OD1 . ASP A 1 18  ? -11.210 2.052   -10.094 1.000 33.383 0 18  ASP AAA OD1 1 ? 
ATOM   141  O  OD2 . ASP A 1 18  ? -10.982 1.905   -12.312 1.000 46.629 0 18  ASP AAA OD2 1 ? 
ATOM   142  N  N   . ASN A 1 19  ? -11.164 -0.827  -8.470  1.000 26.272 0 19  ASN AAA N   1 ? 
ATOM   143  C  CA  . ASN A 1 19  ? -12.318 -1.668  -8.058  1.000 26.320 0 19  ASN AAA CA  1 ? 
ATOM   144  C  C   . ASN A 1 19  ? -11.906 -3.084  -7.639  1.000 24.240 0 19  ASN AAA C   1 ? 
ATOM   145  O  O   . ASN A 1 19  ? -12.776 -3.958  -7.501  1.000 26.035 0 19  ASN AAA O   1 ? 
ATOM   146  C  CB  . ASN A 1 19  ? -13.400 -1.656  -9.142  1.000 33.495 0 19  ASN AAA CB  1 ? 
ATOM   147  C  CG  . ASN A 1 19  ? -14.034 -0.292  -9.146  1.000 37.336 0 19  ASN AAA CG  1 ? 
ATOM   148  O  OD1 . ASN A 1 19  ? -14.584 0.120   -8.115  1.000 48.031 0 19  ASN AAA OD1 1 ? 
ATOM   149  N  ND2 . ASN A 1 19  ? -13.901 0.429   -10.251 1.000 44.919 0 19  ASN AAA ND2 1 ? 
ATOM   150  N  N   . TYR A 1 20  ? -10.657 -3.306  -7.257  1.000 22.556 0 20  TYR AAA N   1 ? 
ATOM   151  C  CA  . TYR A 1 20  ? -10.191 -4.561  -6.649  1.000 22.392 0 20  TYR AAA CA  1 ? 
ATOM   152  C  C   . TYR A 1 20  ? -10.839 -4.735  -5.276  1.000 25.586 0 20  TYR AAA C   1 ? 
ATOM   153  O  O   . TYR A 1 20  ? -10.739 -3.834  -4.421  1.000 22.836 0 20  TYR AAA O   1 ? 
ATOM   154  C  CB  . TYR A 1 20  ? -8.677  -4.598  -6.564  1.000 22.425 0 20  TYR AAA CB  1 ? 
ATOM   155  C  CG  . TYR A 1 20  ? -8.198  -5.971  -6.231  1.000 23.165 0 20  TYR AAA CG  1 ? 
ATOM   156  C  CD1 . TYR A 1 20  ? -8.041  -6.905  -7.244  1.000 25.922 0 20  TYR AAA CD1 1 ? 
ATOM   157  C  CD2 . TYR A 1 20  ? -8.013  -6.395  -4.925  1.000 22.873 0 20  TYR AAA CD2 1 ? 
ATOM   158  C  CE1 . TYR A 1 20  ? -7.619  -8.178  -6.946  1.000 23.182 0 20  TYR AAA CE1 1 ? 
ATOM   159  C  CE2 . TYR A 1 20  ? -7.682  -7.698  -4.617  1.000 24.647 0 20  TYR AAA CE2 1 ? 
ATOM   160  C  CZ  . TYR A 1 20  ? -7.491  -8.602  -5.638  1.000 25.881 0 20  TYR AAA CZ  1 ? 
ATOM   161  O  OH  . TYR A 1 20  ? -7.106  -9.864  -5.347  1.000 30.800 0 20  TYR AAA OH  1 ? 
ATOM   162  N  N   . ARG A 1 21  ? -11.605 -5.812  -5.115  1.000 25.909 0 21  ARG AAA N   1 ? 
ATOM   163  C  CA  . ARG A 1 21  ? -12.450 -6.069  -3.915  1.000 29.188 0 21  ARG AAA CA  1 ? 
ATOM   164  C  C   . ARG A 1 21  ? -13.386 -4.871  -3.686  1.000 23.857 0 21  ARG AAA C   1 ? 
ATOM   165  O  O   . ARG A 1 21  ? -13.839 -4.653  -2.534  1.000 24.586 0 21  ARG AAA O   1 ? 
ATOM   166  C  CB  . ARG A 1 21  ? -11.553 -6.386  -2.717  1.000 31.156 0 21  ARG AAA CB  1 ? 
ATOM   167  C  CG  . ARG A 1 21  ? -10.861 -7.736  -2.789  1.000 37.833 0 21  ARG AAA CG  1 ? 
ATOM   168  C  CD  . ARG A 1 21  ? -11.749 -8.933  -2.504  1.000 43.811 0 21  ARG AAA CD  1 ? 
ATOM   169  N  NE  . ARG A 1 21  ? -12.194 -8.931  -1.115  1.000 49.394 0 21  ARG AAA NE  1 ? 
ATOM   170  C  CZ  . ARG A 1 21  ? -12.426 -10.003 -0.361  1.000 55.953 0 21  ARG AAA CZ  1 ? 
ATOM   171  N  NH1 . ARG A 1 21  ? -12.226 -11.229 -0.826  1.000 53.778 0 21  ARG AAA NH1 1 ? 
ATOM   172  N  NH2 . ARG A 1 21  ? -12.833 -9.831  0.887   1.000 60.100 0 21  ARG AAA NH2 1 ? 
ATOM   173  N  N   . GLY A 1 22  ? -13.795 -4.194  -4.751  1.000 22.447 0 22  GLY AAA N   1 ? 
ATOM   174  C  CA  . GLY A 1 22  ? -14.752 -3.094  -4.727  1.000 22.231 0 22  GLY AAA CA  1 ? 
ATOM   175  C  C   . GLY A 1 22  ? -14.201 -1.766  -4.276  1.000 21.596 0 22  GLY AAA C   1 ? 
ATOM   176  O  O   . GLY A 1 22  ? -14.982 -0.828  -4.124  1.000 22.195 0 22  GLY AAA O   1 ? 
ATOM   177  N  N   . TYR A 1 23  ? -12.868 -1.642  -4.188  1.000 19.735 0 23  TYR AAA N   1 ? 
ATOM   178  C  CA  . TYR A 1 23  ? -12.272 -0.344  -3.807  1.000 19.106 0 23  TYR AAA CA  1 ? 
ATOM   179  C  C   . TYR A 1 23  ? -11.870 0.424   -5.061  1.000 16.689 0 23  TYR AAA C   1 ? 
ATOM   180  O  O   . TYR A 1 23  ? -10.879 0.021   -5.729  1.000 18.803 0 23  TYR AAA O   1 ? 
ATOM   181  C  CB  . TYR A 1 23  ? -11.104 -0.581  -2.847  1.000 16.841 0 23  TYR AAA CB  1 ? 
ATOM   182  C  CG  . TYR A 1 23  ? -11.535 -1.123  -1.513  1.000 16.023 0 23  TYR AAA CG  1 ? 
ATOM   183  C  CD1 . TYR A 1 23  ? -11.911 -0.262  -0.505  1.000 15.088 0 23  TYR AAA CD1 1 ? 
ATOM   184  C  CD2 . TYR A 1 23  ? -11.625 -2.479  -1.269  1.000 14.995 0 23  TYR AAA CD2 1 ? 
ATOM   185  C  CE1 . TYR A 1 23  ? -12.311 -0.752  0.737   1.000 14.958 0 23  TYR AAA CE1 1 ? 
ATOM   186  C  CE2 . TYR A 1 23  ? -12.019 -2.998  -0.049  1.000 14.430 0 23  TYR AAA CE2 1 ? 
ATOM   187  C  CZ  . TYR A 1 23  ? -12.361 -2.109  0.974   1.000 15.073 0 23  TYR AAA CZ  1 ? 
ATOM   188  O  OH  . TYR A 1 23  ? -12.768 -2.542  2.203   1.000 16.397 0 23  TYR AAA OH  1 ? 
ATOM   189  N  N   . SER A 1 24  ? -12.544 1.542   -5.272  1.000 18.722 0 24  SER AAA N   1 ? 
ATOM   190  C  CA  . SER A 1 24  ? -12.250 2.414   -6.442  1.000 18.361 0 24  SER AAA CA  1 ? 
ATOM   191  C  C   . SER A 1 24  ? -10.797 2.892   -6.376  1.000 19.652 0 24  SER AAA C   1 ? 
ATOM   192  O  O   . SER A 1 24  ? -10.198 2.995   -5.273  1.000 19.071 0 24  SER AAA O   1 ? 
ATOM   193  C  CB  . SER A 1 24  ? -13.188 3.550   -6.490  1.000 21.499 0 24  SER AAA CB  1 ? 
ATOM   194  O  OG  . SER A 1 24  ? -12.920 4.435   -5.406  1.000 22.162 0 24  SER AAA OG  1 ? 
ATOM   195  N  N   . LEU A 1 25  ? -10.236 3.269   -7.511  1.000 18.447 0 25  LEU AAA N   1 ? 
ATOM   196  C  CA  . LEU A 1 25  ? -8.841  3.746   -7.643  1.000 18.852 0 25  LEU AAA CA  1 ? 
ATOM   197  C  C   . LEU A 1 25  ? -8.557  4.876   -6.657  1.000 18.515 0 25  LEU AAA C   1 ? 
ATOM   198  O  O   . LEU A 1 25  ? -7.426  4.854   -6.052  1.000 17.024 0 25  LEU AAA O   1 ? 
ATOM   199  C  CB  . LEU A 1 25  ? -8.593  4.168   -9.094  1.000 21.419 0 25  LEU AAA CB  1 ? 
ATOM   200  C  CG  . LEU A 1 25  ? -7.142  4.436   -9.445  1.000 21.339 0 25  LEU AAA CG  1 ? 
ATOM   201  C  CD1 . LEU A 1 25  ? -6.267  3.206   -9.229  1.000 24.112 0 25  LEU AAA CD1 1 ? 
ATOM   202  C  CD2 . LEU A 1 25  ? -7.065  4.886   -10.890 1.000 23.203 0 25  LEU AAA CD2 1 ? 
ATOM   203  N  N   . GLY A 1 26  ? -9.428  5.835   -6.457  1.000 17.028 0 26  GLY AAA N   1 ? 
ATOM   204  C  CA  . GLY A 1 26  ? -9.180  6.928   -5.525  1.000 15.492 0 26  GLY AAA CA  1 ? 
ATOM   205  C  C   . GLY A 1 26  ? -8.868  6.449   -4.105  1.000 15.595 0 26  GLY AAA C   1 ? 
ATOM   206  O  O   . GLY A 1 26  ? -8.115  7.122   -3.407  1.000 16.878 0 26  GLY AAA O   1 ? 
ATOM   207  N  N   . ASN A 1 27  ? -9.507  5.370   -3.651  1.000 16.376 0 27  ASN AAA N   1 ? 
ATOM   208  C  CA  . ASN A 1 27  ? -9.173  4.784   -2.322  1.000 15.716 0 27  ASN AAA CA  1 ? 
ATOM   209  C  C   . ASN A 1 27  ? -7.690  4.417   -2.251  1.000 15.098 0 27  ASN AAA C   1 ? 
ATOM   210  O  O   . ASN A 1 27  ? -7.049  4.670   -1.212  1.000 14.698 0 27  ASN AAA O   1 ? 
ATOM   211  C  CB  . ASN A 1 27  ? -10.029 3.556   -2.045  1.000 14.928 0 27  ASN AAA CB  1 ? 
ATOM   212  C  CG  . ASN A 1 27  ? -11.429 3.922   -1.650  1.000 16.244 0 27  ASN AAA CG  1 ? 
ATOM   213  O  OD1 . ASN A 1 27  ? -11.653 4.439   -0.592  1.000 15.190 0 27  ASN AAA OD1 1 ? 
ATOM   214  N  ND2 . ASN A 1 27  ? -12.351 3.762   -2.585  1.000 18.397 0 27  ASN AAA ND2 1 ? 
ATOM   215  N  N   . TRP A 1 28  ? -7.172  3.752   -3.268  1.000 14.914 0 28  TRP AAA N   1 ? 
ATOM   216  C  CA  . TRP A 1 28  ? -5.771  3.303   -3.286  1.000 15.126 0 28  TRP AAA CA  1 ? 
ATOM   217  C  C   . TRP A 1 28  ? -4.821  4.488   -3.346  1.000 16.266 0 28  TRP AAA C   1 ? 
ATOM   218  O  O   . TRP A 1 28  ? -3.773  4.428   -2.707  1.000 15.434 0 28  TRP AAA O   1 ? 
ATOM   219  C  CB  . TRP A 1 28  ? -5.520  2.321   -4.435  1.000 15.837 0 28  TRP AAA CB  1 ? 
ATOM   220  C  CG  . TRP A 1 28  ? -6.370  1.094   -4.308  1.000 15.974 0 28  TRP AAA CG  1 ? 
ATOM   221  C  CD1 . TRP A 1 28  ? -7.523  0.781   -4.996  1.000 17.552 0 28  TRP AAA CD1 1 ? 
ATOM   222  C  CD2 . TRP A 1 28  ? -6.125  -0.026  -3.449  1.000 16.634 0 28  TRP AAA CD2 1 ? 
ATOM   223  N  NE1 . TRP A 1 28  ? -7.974  -0.441  -4.616  1.000 17.448 0 28  TRP AAA NE1 1 ? 
ATOM   224  C  CE2 . TRP A 1 28  ? -7.151  -0.962  -3.662  1.000 18.692 0 28  TRP AAA CE2 1 ? 
ATOM   225  C  CE3 . TRP A 1 28  ? -5.130  -0.322  -2.504  1.000 16.926 0 28  TRP AAA CE3 1 ? 
ATOM   226  C  CZ2 . TRP A 1 28  ? -7.181  -2.173  -2.974  1.000 18.620 0 28  TRP AAA CZ2 1 ? 
ATOM   227  C  CZ3 . TRP A 1 28  ? -5.166  -1.526  -1.832  1.000 17.901 0 28  TRP AAA CZ3 1 ? 
ATOM   228  C  CH2 . TRP A 1 28  ? -6.222  -2.419  -2.029  1.000 19.469 0 28  TRP AAA CH2 1 ? 
ATOM   229  N  N   . VAL A 1 29  ? -5.147  5.504   -4.138  1.000 16.043 0 29  VAL AAA N   1 ? 
ATOM   230  C  CA  . VAL A 1 29  ? -4.298  6.707   -4.286  1.000 15.940 0 29  VAL AAA CA  1 ? 
ATOM   231  C  C   . VAL A 1 29  ? -4.290  7.454   -2.952  1.000 15.904 0 29  VAL AAA C   1 ? 
ATOM   232  O  O   . VAL A 1 29  ? -3.234  7.914   -2.480  1.000 15.525 0 29  VAL AAA O   1 ? 
ATOM   233  C  CB  . VAL A 1 29  ? -4.740  7.569   -5.486  1.000 16.717 0 29  VAL AAA CB  1 ? 
ATOM   234  C  CG1 . VAL A 1 29  ? -3.941  8.859   -5.476  1.000 16.498 0 29  VAL AAA CG1 1 ? 
ATOM   235  C  CG2 . VAL A 1 29  ? -4.572  6.794   -6.771  1.000 18.041 0 29  VAL AAA CG2 1 ? 
ATOM   236  N  N   . CYS A 1 30  ? -5.460  7.630   -2.329  1.000 15.447 0 30  CYS AAA N   1 ? 
ATOM   237  C  CA  . CYS A 1 30  ? -5.590  8.296   -1.042  1.000 15.157 0 30  CYS AAA CA  1 ? 
ATOM   238  C  C   . CYS A 1 30  ? -4.743  7.514   -0.008  1.000 14.234 0 30  CYS AAA C   1 ? 
ATOM   239  O  O   . CYS A 1 30  ? -3.999  8.154   0.752   1.000 14.305 0 30  CYS AAA O   1 ? 
ATOM   240  C  CB  . CYS A 1 30  ? -7.062  8.347   -0.651  1.000 16.007 0 30  CYS AAA CB  1 ? 
ATOM   241  S  SG  . CYS A 1 30  ? -7.375  9.258   0.887   1.000 16.161 0 30  CYS AAA SG  1 ? 
ATOM   242  N  N   . ALA A 1 31  ? -4.865  6.192   0.004   1.000 14.031 0 31  ALA AAA N   1 ? 
ATOM   243  C  CA  . ALA A 1 31  ? -4.130  5.361   0.992   1.000 14.762 0 31  ALA AAA CA  1 ? 
ATOM   244  C  C   . ALA A 1 31  ? -2.640  5.638   0.772   1.000 13.712 0 31  ALA AAA C   1 ? 
ATOM   245  O  O   . ALA A 1 31  ? -1.908  5.830   1.748   1.000 14.847 0 31  ALA AAA O   1 ? 
ATOM   246  C  CB  . ALA A 1 31  ? -4.452  3.918   0.858   1.000 15.168 0 31  ALA AAA CB  1 ? 
ATOM   247  N  N   . ALA A 1 32  ? -2.157  5.583   -0.461  1.000 14.081 0 32  ALA AAA N   1 ? 
ATOM   248  C  CA  . ALA A 1 32  ? -0.710  5.763   -0.721  1.000 14.282 0 32  ALA AAA CA  1 ? 
ATOM   249  C  C   . ALA A 1 32  ? -0.284  7.152   -0.314  1.000 14.473 0 32  ALA AAA C   1 ? 
ATOM   250  O  O   . ALA A 1 32  ? 0.845   7.335   0.211   1.000 16.075 0 32  ALA AAA O   1 ? 
ATOM   251  C  CB  . ALA A 1 32  ? -0.381  5.472   -2.169  1.000 16.208 0 32  ALA AAA CB  1 ? 
ATOM   252  N  N   . LYS A 1 33  ? -1.089  8.181   -0.530  1.000 14.679 0 33  LYS AAA N   1 ? 
ATOM   253  C  CA  . LYS A 1 33  ? -0.719  9.543   -0.169  1.000 15.055 0 33  LYS AAA CA  1 ? 
ATOM   254  C  C   . LYS A 1 33  ? -0.433  9.608   1.317   1.000 16.100 0 33  LYS AAA C   1 ? 
ATOM   255  O  O   . LYS A 1 33  ? 0.634   10.138  1.714   1.000 16.431 0 33  LYS AAA O   1 ? 
ATOM   256  C  CB  . LYS A 1 33  ? -1.830  10.542  -0.478  1.000 18.460 0 33  LYS AAA CB  1 ? 
ATOM   257  C  CG  . LYS A 1 33  ? -1.606  11.933  0.074   1.000 20.638 0 33  LYS AAA CG  1 ? 
ATOM   258  C  CD  . LYS A 1 33  ? -0.416  12.668  -0.472  1.000 23.784 0 33  LYS AAA CD  1 ? 
ATOM   259  C  CE  . LYS A 1 33  ? -0.317  14.020  0.208   1.000 27.489 0 33  LYS AAA CE  1 ? 
ATOM   260  N  NZ  . LYS A 1 33  ? 0.872   14.753  -0.275  1.000 29.422 0 33  LYS AAA NZ  1 ? 
ATOM   261  N  N   . PHE A 1 34  ? -1.333  9.100   2.145   1.000 15.284 0 34  PHE AAA N   1 ? 
ATOM   262  C  CA  . PHE A 1 34  ? -1.234  9.277   3.604   1.000 16.062 0 34  PHE AAA CA  1 ? 
ATOM   263  C  C   . PHE A 1 34  ? -0.349  8.194   4.225   1.000 17.559 0 34  PHE AAA C   1 ? 
ATOM   264  O  O   . PHE A 1 34  ? 0.155   8.415   5.329   1.000 22.419 0 34  PHE AAA O   1 ? 
ATOM   265  C  CB  . PHE A 1 34  ? -2.625  9.400   4.201   1.000 15.822 0 34  PHE AAA CB  1 ? 
ATOM   266  C  CG  . PHE A 1 34  ? -3.334  10.652  3.751   1.000 16.213 0 34  PHE AAA CG  1 ? 
ATOM   267  C  CD1 . PHE A 1 34  ? -2.773  11.909  3.896   1.000 16.401 0 34  PHE AAA CD1 1 ? 
ATOM   268  C  CD2 . PHE A 1 34  ? -4.592  10.579  3.213   1.000 19.865 0 34  PHE AAA CD2 1 ? 
ATOM   269  C  CE1 . PHE A 1 34  ? -3.439  13.065  3.490   1.000 18.835 0 34  PHE AAA CE1 1 ? 
ATOM   270  C  CE2 . PHE A 1 34  ? -5.272  11.729  2.824   1.000 22.617 0 34  PHE AAA CE2 1 ? 
ATOM   271  C  CZ  . PHE A 1 34  ? -4.715  12.962  2.997   1.000 19.726 0 34  PHE AAA CZ  1 ? 
ATOM   272  N  N   . GLU A 1 35  ? -0.069  7.113   3.562   1.000 14.818 0 35  GLU AAA N   1 ? 
ATOM   273  C  CA  . GLU A 1 35  ? 0.863   6.085   4.072   1.000 14.587 0 35  GLU AAA CA  1 ? 
ATOM   274  C  C   . GLU A 1 35  ? 2.310   6.523   3.795   1.000 17.243 0 35  GLU AAA C   1 ? 
ATOM   275  O  O   . GLU A 1 35  ? 3.184   6.343   4.683   1.000 18.397 0 35  GLU AAA O   1 ? 
ATOM   276  C  CB  . GLU A 1 35  ? 0.543   4.713   3.458   1.000 16.640 0 35  GLU AAA CB  1 ? 
ATOM   277  C  CG  . GLU A 1 35  ? -0.750  4.078   3.957   1.000 16.693 0 35  GLU AAA CG  1 ? 
ATOM   278  C  CD  . GLU A 1 35  ? -0.717  3.615   5.399   1.000 17.142 0 35  GLU AAA CD  1 ? 
ATOM   279  O  OE1 . GLU A 1 35  ? 0.331   3.831   6.047   1.000 18.533 0 35  GLU AAA OE1 1 ? 
ATOM   280  O  OE2 . GLU A 1 35  ? -1.760  3.221   5.918   1.000 17.642 0 35  GLU AAA OE2 1 ? 
ATOM   281  N  N   . SER A 1 36  ? 2.618   6.987   2.596   1.000 16.311 0 36  SER AAA N   1 ? 
ATOM   282  C  CA  . SER A 1 36  ? 4.013   7.088   2.094   1.000 17.173 0 36  SER AAA CA  1 ? 
ATOM   283  C  C   . SER A 1 36  ? 4.283   8.431   1.424   1.000 18.338 0 36  SER AAA C   1 ? 
ATOM   284  O  O   . SER A 1 36  ? 5.414   8.647   1.003   1.000 18.476 0 36  SER AAA O   1 ? 
ATOM   285  C  CB  . SER A 1 36  ? 4.340   6.020   1.142   1.000 16.866 0 36  SER AAA CB  1 ? 
ATOM   286  O  OG  . SER A 1 36  ? 3.601   6.176   -0.057  1.000 16.200 0 36  SER AAA OG  1 ? 
ATOM   287  N  N   A ASN A 1 37  ? 3.258   9.266   1.243   0.500 17.387 0 37  ASN AAA N   1 ? 
ATOM   288  N  N   B ASN A 1 37  ? 3.290   9.306   1.221   0.500 18.313 0 37  ASN AAA N   1 ? 
ATOM   289  C  CA  A ASN A 1 37  ? 3.414   10.503  0.437   0.500 18.028 0 37  ASN AAA CA  1 ? 
ATOM   290  C  CA  B ASN A 1 37  ? 3.505   10.531  0.393   0.500 19.400 0 37  ASN AAA CA  1 ? 
ATOM   291  C  C   A ASN A 1 37  ? 3.902   10.101  -0.955  0.500 17.239 0 37  ASN AAA C   1 ? 
ATOM   292  C  C   B ASN A 1 37  ? 3.914   10.107  -1.019  0.500 18.359 0 37  ASN AAA C   1 ? 
ATOM   293  O  O   A ASN A 1 37  ? 4.698   10.854  -1.498  0.500 19.609 0 37  ASN AAA O   1 ? 
ATOM   294  O  O   B ASN A 1 37  ? 4.643   10.849  -1.686  0.500 20.814 0 37  ASN AAA O   1 ? 
ATOM   295  C  CB  A ASN A 1 37  ? 4.374   11.498  1.083   0.500 19.872 0 37  ASN AAA CB  1 ? 
ATOM   296  C  CB  B ASN A 1 37  ? 4.536   11.486  0.997   0.500 23.326 0 37  ASN AAA CB  1 ? 
ATOM   297  C  CG  A ASN A 1 37  ? 4.040   12.909  0.681   0.500 20.924 0 37  ASN AAA CG  1 ? 
ATOM   298  C  CG  B ASN A 1 37  ? 3.951   12.236  2.168   0.500 26.018 0 37  ASN AAA CG  1 ? 
ATOM   299  O  OD1 A ASN A 1 37  ? 2.967   13.160  0.167   0.500 21.308 0 37  ASN AAA OD1 1 ? 
ATOM   300  O  OD1 B ASN A 1 37  ? 2.913   12.871  2.011   0.500 32.899 0 37  ASN AAA OD1 1 ? 
ATOM   301  N  ND2 A ASN A 1 37  ? 4.945   13.838  0.924   0.500 24.682 0 37  ASN AAA ND2 1 ? 
ATOM   302  N  ND2 B ASN A 1 37  ? 4.569   12.134  3.332   0.500 31.294 0 37  ASN AAA ND2 1 ? 
ATOM   303  N  N   . PHE A 1 38  ? 3.489   8.938   -1.479  1.000 16.639 0 38  PHE AAA N   1 ? 
ATOM   304  C  CA  . PHE A 1 38  ? 3.772   8.423   -2.828  1.000 17.115 0 38  PHE AAA CA  1 ? 
ATOM   305  C  C   . PHE A 1 38  ? 5.247   8.073   -3.040  1.000 17.587 0 38  PHE AAA C   1 ? 
ATOM   306  O  O   . PHE A 1 38  ? 5.712   7.957   -4.199  1.000 17.665 0 38  PHE AAA O   1 ? 
ATOM   307  C  CB  . PHE A 1 38  ? 3.339   9.394   -3.935  1.000 18.138 0 38  PHE AAA CB  1 ? 
ATOM   308  C  CG  . PHE A 1 38  ? 1.897   9.869   -3.912  1.000 17.148 0 38  PHE AAA CG  1 ? 
ATOM   309  C  CD1 . PHE A 1 38  ? 0.838   8.994   -3.683  1.000 17.388 0 38  PHE AAA CD1 1 ? 
ATOM   310  C  CD2 . PHE A 1 38  ? 1.595   11.191  -4.230  1.000 20.383 0 38  PHE AAA CD2 1 ? 
ATOM   311  C  CE1 . PHE A 1 38  ? -0.479  9.457   -3.721  1.000 16.919 0 38  PHE AAA CE1 1 ? 
ATOM   312  C  CE2 . PHE A 1 38  ? 0.274   11.610  -4.334  1.000 18.611 0 38  PHE AAA CE2 1 ? 
ATOM   313  C  CZ  . PHE A 1 38  ? -0.753  10.747  -4.072  1.000 18.147 0 38  PHE AAA CZ  1 ? 
ATOM   314  N  N   . ASN A 1 39  ? 5.958   7.839   -1.923  1.000 17.046 0 39  ASN AAA N   1 ? 
ATOM   315  C  CA  . ASN A 1 39  ? 7.415   7.538   -1.965  1.000 17.891 0 39  ASN AAA CA  1 ? 
ATOM   316  C  C   . ASN A 1 39  ? 7.651   6.031   -1.851  1.000 15.475 0 39  ASN AAA C   1 ? 
ATOM   317  O  O   . ASN A 1 39  ? 7.369   5.456   -0.717  1.000 16.739 0 39  ASN AAA O   1 ? 
ATOM   318  C  CB  . ASN A 1 39  ? 8.094   8.299   -0.852  1.000 18.025 0 39  ASN AAA CB  1 ? 
ATOM   319  C  CG  . ASN A 1 39  ? 9.598   8.084   -0.810  1.000 16.086 0 39  ASN AAA CG  1 ? 
ATOM   320  O  OD1 . ASN A 1 39  ? 10.174  7.490   -1.692  1.000 17.824 0 39  ASN AAA OD1 1 ? 
ATOM   321  N  ND2 . ASN A 1 39  ? 10.156  8.588   0.251   1.000 21.802 0 39  ASN AAA ND2 1 ? 
ATOM   322  N  N   . THR A 1 40  ? 8.154   5.354   -2.871  1.000 17.413 0 40  THR AAA N   1 ? 
ATOM   323  C  CA  . THR A 1 40  ? 8.390   3.890   -2.820  1.000 17.386 0 40  THR AAA CA  1 ? 
ATOM   324  C  C   . THR A 1 40  ? 9.429   3.574   -1.729  1.000 17.557 0 40  THR AAA C   1 ? 
ATOM   325  O  O   . THR A 1 40  ? 9.398   2.463   -1.273  1.000 17.689 0 40  THR AAA O   1 ? 
ATOM   326  C  CB  . THR A 1 40  ? 8.798   3.268   -4.152  1.000 20.030 0 40  THR AAA CB  1 ? 
ATOM   327  O  OG1 . THR A 1 40  ? 10.102  3.775   -4.462  1.000 21.475 0 40  THR AAA OG1 1 ? 
ATOM   328  C  CG2 . THR A 1 40  ? 7.833   3.610   -5.267  1.000 19.281 0 40  THR AAA CG2 1 ? 
ATOM   329  N  N   . GLN A 1 41  ? 10.265  4.501   -1.324  1.000 16.620 0 41  GLN AAA N   1 ? 
ATOM   330  C  CA  . GLN A 1 41  ? 11.362  4.122   -0.374  1.000 16.177 0 41  GLN AAA CA  1 ? 
ATOM   331  C  C   . GLN A 1 41  ? 10.936  4.328   1.066   1.000 18.263 0 41  GLN AAA C   1 ? 
ATOM   332  O  O   . GLN A 1 41  ? 11.738  4.109   1.942   1.000 17.781 0 41  GLN AAA O   1 ? 
ATOM   333  C  CB  . GLN A 1 41  ? 12.604  4.969   -0.622  1.000 17.949 0 41  GLN AAA CB  1 ? 
ATOM   334  C  CG  . GLN A 1 41  ? 13.204  4.748   -1.992  1.000 18.388 0 41  GLN AAA CG  1 ? 
ATOM   335  C  CD  . GLN A 1 41  ? 14.612  5.265   -2.110  1.000 21.040 0 41  GLN AAA CD  1 ? 
ATOM   336  O  OE1 . GLN A 1 41  ? 15.540  4.702   -1.514  1.000 23.282 0 41  GLN AAA OE1 1 ? 
ATOM   337  N  NE2 . GLN A 1 41  ? 14.785  6.359   -2.817  1.000 21.105 0 41  GLN AAA NE2 1 ? 
ATOM   338  N  N   . ALA A 1 42  ? 9.700   4.754   1.339   1.000 16.334 0 42  ALA AAA N   1 ? 
ATOM   339  C  CA  . ALA A 1 42  ? 9.254   5.053   2.705   1.000 15.367 0 42  ALA AAA CA  1 ? 
ATOM   340  C  C   . ALA A 1 42  ? 9.335   3.788   3.598   1.000 15.852 0 42  ALA AAA C   1 ? 
ATOM   341  O  O   . ALA A 1 42  ? 8.889   2.700   3.210   1.000 16.463 0 42  ALA AAA O   1 ? 
ATOM   342  C  CB  . ALA A 1 42  ? 7.819   5.578   2.688   1.000 17.501 0 42  ALA AAA CB  1 ? 
ATOM   343  N  N   . THR A 1 43  ? 9.907   3.965   4.791   1.000 16.031 0 43  THR AAA N   1 ? 
ATOM   344  C  CA  . THR A 1 43  ? 9.996   2.908   5.827   1.000 16.091 0 43  THR AAA CA  1 ? 
ATOM   345  C  C   . THR A 1 43  ? 9.646   3.556   7.143   1.000 17.892 0 43  THR AAA C   1 ? 
ATOM   346  O  O   . THR A 1 43  ? 10.069  4.685   7.424   1.000 20.169 0 43  THR AAA O   1 ? 
ATOM   347  C  CB  . THR A 1 43  ? 11.363  2.211   5.898   1.000 17.908 0 43  THR AAA CB  1 ? 
ATOM   348  O  OG1 . THR A 1 43  ? 12.366  3.162   6.290   1.000 19.111 0 43  THR AAA OG1 1 ? 
ATOM   349  C  CG2 . THR A 1 43  ? 11.722  1.471   4.642   1.000 19.157 0 43  THR AAA CG2 1 ? 
ATOM   350  N  N   . ASN A 1 44  ? 8.892   2.871   7.986   1.000 17.076 0 44  ASN AAA N   1 ? 
ATOM   351  C  CA  . ASN A 1 44  ? 8.540   3.372   9.318   1.000 17.944 0 44  ASN AAA CA  1 ? 
ATOM   352  C  C   . ASN A 1 44  ? 8.433   2.214   10.316  1.000 18.148 0 44  ASN AAA C   1 ? 
ATOM   353  O  O   . ASN A 1 44  ? 7.738   1.244   10.049  1.000 18.231 0 44  ASN AAA O   1 ? 
ATOM   354  C  CB  . ASN A 1 44  ? 7.209   4.142   9.280   1.000 18.832 0 44  ASN AAA CB  1 ? 
ATOM   355  C  CG  . ASN A 1 44  ? 7.270   5.428   8.471   1.000 21.633 0 44  ASN AAA CG  1 ? 
ATOM   356  O  OD1 . ASN A 1 44  ? 6.803   5.510   7.322   1.000 23.463 0 44  ASN AAA OD1 1 ? 
ATOM   357  N  ND2 . ASN A 1 44  ? 7.871   6.402   9.080   1.000 21.088 0 44  ASN AAA ND2 1 ? 
ATOM   358  N  N   A ARG A 1 45  ? 9.204   2.264   11.389  0.500 17.540 0 45  ARG AAA N   1 ? 
ATOM   359  N  N   B ARG A 1 45  ? 8.963   2.476   11.501  0.500 19.524 0 45  ARG AAA N   1 ? 
ATOM   360  C  CA  A ARG A 1 45  ? 9.139   1.279   12.503  0.500 18.808 0 45  ARG AAA CA  1 ? 
ATOM   361  C  CA  B ARG A 1 45  ? 9.061   1.507   12.608  0.500 20.464 0 45  ARG AAA CA  1 ? 
ATOM   362  C  C   A ARG A 1 45  ? 7.821   1.423   13.267  0.500 20.423 0 45  ARG AAA C   1 ? 
ATOM   363  C  C   B ARG A 1 45  ? 7.722   1.479   13.322  0.500 21.162 0 45  ARG AAA C   1 ? 
ATOM   364  O  O   A ARG A 1 45  ? 7.459   2.520   13.636  0.500 22.158 0 45  ARG AAA O   1 ? 
ATOM   365  O  O   B ARG A 1 45  ? 7.198   2.532   13.656  0.500 22.333 0 45  ARG AAA O   1 ? 
ATOM   366  C  CB  A ARG A 1 45  ? 10.315  1.482   13.462  0.500 19.221 0 45  ARG AAA CB  1 ? 
ATOM   367  C  CB  B ARG A 1 45  ? 10.187  1.915   13.554  0.500 22.139 0 45  ARG AAA CB  1 ? 
ATOM   368  C  CG  A ARG A 1 45  ? 10.715  0.231   14.231  0.500 19.634 0 45  ARG AAA CG  1 ? 
ATOM   369  C  CG  B ARG A 1 45  ? 10.426  0.911   14.669  0.500 24.697 0 45  ARG AAA CG  1 ? 
ATOM   370  C  CD  A ARG A 1 45  ? 11.414  -0.641  13.227  0.500 22.245 0 45  ARG AAA CD  1 ? 
ATOM   371  C  CD  B ARG A 1 45  ? 10.830  -0.401  14.047  0.500 26.490 0 45  ARG AAA CD  1 ? 
ATOM   372  N  NE  A ARG A 1 45  ? 11.759  -1.940  13.781  0.500 24.401 0 45  ARG AAA NE  1 ? 
ATOM   373  N  NE  B ARG A 1 45  ? 11.997  -1.015  14.650  0.500 31.110 0 45  ARG AAA NE  1 ? 
ATOM   374  C  CZ  A ARG A 1 45  ? 12.940  -2.249  14.310  0.500 20.698 0 45  ARG AAA CZ  1 ? 
ATOM   375  C  CZ  B ARG A 1 45  ? 13.256  -0.646  14.429  0.500 32.480 0 45  ARG AAA CZ  1 ? 
ATOM   376  N  NH1 A ARG A 1 45  ? 13.900  -1.345  14.381  0.500 22.489 0 45  ARG AAA NH1 1 ? 
ATOM   377  N  NH1 B ARG A 1 45  ? 13.544  0.352   13.610  0.500 31.305 0 45  ARG AAA NH1 1 ? 
ATOM   378  N  NH2 A ARG A 1 45  ? 13.150  -3.487  14.669  0.500 19.235 0 45  ARG AAA NH2 1 ? 
ATOM   379  N  NH2 B ARG A 1 45  ? 14.230  -1.295  15.038  0.500 37.294 0 45  ARG AAA NH2 1 ? 
ATOM   380  N  N   . ASN A 1 46  ? 7.197   0.289   13.569  1.000 21.075 0 46  ASN AAA N   1 ? 
ATOM   381  C  CA  . ASN A 1 46  ? 6.010   0.187   14.437  1.000 22.418 0 46  ASN AAA CA  1 ? 
ATOM   382  C  C   . ASN A 1 46  ? 6.481   -0.036  15.883  1.000 23.881 0 46  ASN AAA C   1 ? 
ATOM   383  O  O   . ASN A 1 46  ? 7.557   -0.637  16.088  1.000 23.642 0 46  ASN AAA O   1 ? 
ATOM   384  C  CB  . ASN A 1 46  ? 5.147   -0.955  13.912  1.000 21.577 0 46  ASN AAA CB  1 ? 
ATOM   385  C  CG  . ASN A 1 46  ? 4.686   -0.823  12.476  1.000 20.727 0 46  ASN AAA CG  1 ? 
ATOM   386  O  OD1 . ASN A 1 46  ? 4.759   -1.781  11.681  1.000 21.906 0 46  ASN AAA OD1 1 ? 
ATOM   387  N  ND2 . ASN A 1 46  ? 4.210   0.358   12.166  1.000 22.197 0 46  ASN AAA ND2 1 ? 
ATOM   388  N  N   . THR A 1 47  ? 5.594   0.235   16.822  1.000 28.337 0 47  THR AAA N   1 ? 
ATOM   389  C  CA  . THR A 1 47  ? 5.865   0.063   18.267  1.000 29.341 0 47  THR AAA CA  1 ? 
ATOM   390  C  C   . THR A 1 47  ? 6.210   -1.400  18.587  1.000 30.660 0 47  THR AAA C   1 ? 
ATOM   391  O  O   . THR A 1 47  ? 7.057   -1.610  19.488  1.000 33.834 0 47  THR AAA O   1 ? 
ATOM   392  C  CB  . THR A 1 47  ? 4.697   0.633   19.081  1.000 33.212 0 47  THR AAA CB  1 ? 
ATOM   393  O  OG1 . THR A 1 47  ? 3.482   -0.049  18.793  1.000 37.199 0 47  THR AAA OG1 1 ? 
ATOM   394  C  CG2 . THR A 1 47  ? 4.474   2.098   18.810  1.000 33.537 0 47  THR AAA CG2 1 ? 
ATOM   395  N  N   . ASP A 1 48  ? 5.622   -2.385  17.886  1.000 29.079 0 48  ASP AAA N   1 ? 
ATOM   396  C  CA  . ASP A 1 48  ? 5.831   -3.827  18.195  1.000 28.636 0 48  ASP AAA CA  1 ? 
ATOM   397  C  C   . ASP A 1 48  ? 7.179   -4.318  17.663  1.000 29.489 0 48  ASP AAA C   1 ? 
ATOM   398  O  O   . ASP A 1 48  ? 7.442   -5.506  17.814  1.000 30.528 0 48  ASP AAA O   1 ? 
ATOM   399  C  CB  . ASP A 1 48  ? 4.676   -4.699  17.669  1.000 30.421 0 48  ASP AAA CB  1 ? 
ATOM   400  C  CG  . ASP A 1 48  ? 4.554   -4.824  16.144  1.000 32.109 0 48  ASP AAA CG  1 ? 
ATOM   401  O  OD1 . ASP A 1 48  ? 5.340   -4.165  15.413  1.000 29.843 0 48  ASP AAA OD1 1 ? 
ATOM   402  O  OD2 . ASP A 1 48  ? 3.712   -5.615  15.678  1.000 33.463 0 48  ASP AAA OD2 1 ? 
ATOM   403  N  N   . GLY A 1 49  ? 7.979   -3.473  16.986  1.000 24.933 0 49  GLY AAA N   1 ? 
ATOM   404  C  CA  . GLY A 1 49  ? 9.289   -3.852  16.427  1.000 27.307 0 49  GLY AAA CA  1 ? 
ATOM   405  C  C   . GLY A 1 49  ? 9.237   -4.225  14.957  1.000 23.819 0 49  GLY AAA C   1 ? 
ATOM   406  O  O   . GLY A 1 49  ? 10.286  -4.432  14.349  1.000 26.389 0 49  GLY AAA O   1 ? 
ATOM   407  N  N   . SER A 1 50  ? 8.035   -4.382  14.390  1.000 21.555 0 50  SER AAA N   1 ? 
ATOM   408  C  CA  . SER A 1 50  ? 7.872   -4.588  12.945  1.000 20.693 0 50  SER AAA CA  1 ? 
ATOM   409  C  C   . SER A 1 50  ? 8.147   -3.251  12.231  1.000 17.083 0 50  SER AAA C   1 ? 
ATOM   410  O  O   . SER A 1 50  ? 8.253   -2.240  12.911  1.000 18.678 0 50  SER AAA O   1 ? 
ATOM   411  C  CB  . SER A 1 50  ? 6.516   -5.147  12.654  1.000 19.352 0 50  SER AAA CB  1 ? 
ATOM   412  O  OG  . SER A 1 50  ? 5.529   -4.218  12.948  1.000 18.946 0 50  SER AAA OG  1 ? 
ATOM   413  N  N   . THR A 1 51  ? 8.228   -3.306  10.920  1.000 17.077 0 51  THR AAA N   1 ? 
ATOM   414  C  CA  . THR A 1 51  ? 8.440   -2.102  10.099  1.000 16.125 0 51  THR AAA CA  1 ? 
ATOM   415  C  C   . THR A 1 51  ? 7.401   -2.159  8.971   1.000 16.127 0 51  THR AAA C   1 ? 
ATOM   416  O  O   . THR A 1 51  ? 7.104   -3.256  8.436   1.000 16.033 0 51  THR AAA O   1 ? 
ATOM   417  C  CB  . THR A 1 51  ? 9.902   -2.051  9.602   1.000 17.184 0 51  THR AAA CB  1 ? 
ATOM   418  O  OG1 . THR A 1 51  ? 10.746  -2.047  10.757  1.000 18.996 0 51  THR AAA OG1 1 ? 
ATOM   419  C  CG2 . THR A 1 51  ? 10.173  -0.799  8.782   1.000 18.001 0 51  THR AAA CG2 1 ? 
ATOM   420  N  N   . ASP A 1 52  ? 6.992   -0.973  8.508   1.000 16.968 0 52  ASP AAA N   1 ? 
ATOM   421  C  CA  . ASP A 1 52  ? 6.142   -0.812  7.317   1.000 17.049 0 52  ASP AAA CA  1 ? 
ATOM   422  C  C   . ASP A 1 52  ? 7.003   -0.345  6.137   1.000 16.308 0 52  ASP AAA C   1 ? 
ATOM   423  O  O   . ASP A 1 52  ? 7.836   0.601   6.330   1.000 17.067 0 52  ASP AAA O   1 ? 
ATOM   424  C  CB  . ASP A 1 52  ? 5.073   0.221   7.623   1.000 18.562 0 52  ASP AAA CB  1 ? 
ATOM   425  C  CG  . ASP A 1 52  ? 3.977   -0.230  8.572   1.000 20.549 0 52  ASP AAA CG  1 ? 
ATOM   426  O  OD1 . ASP A 1 52  ? 3.918   -1.424  8.890   1.000 19.422 0 52  ASP AAA OD1 1 ? 
ATOM   427  O  OD2 . ASP A 1 52  ? 3.082   0.644   8.832   1.000 23.341 0 52  ASP AAA OD2 1 ? 
ATOM   428  N  N   . TYR A 1 53  ? 6.745   -0.903  4.978   1.000 16.061 0 53  TYR AAA N   1 ? 
ATOM   429  C  CA  . TYR A 1 53  ? 7.590   -0.709  3.794   1.000 14.965 0 53  TYR AAA CA  1 ? 
ATOM   430  C  C   . TYR A 1 53  ? 6.789   -0.246  2.581   1.000 15.516 0 53  TYR AAA C   1 ? 
ATOM   431  O  O   . TYR A 1 53  ? 5.836   -0.884  2.185   1.000 16.009 0 53  TYR AAA O   1 ? 
ATOM   432  C  CB  . TYR A 1 53  ? 8.308   -2.022  3.450   1.000 16.128 0 53  TYR AAA CB  1 ? 
ATOM   433  C  CG  . TYR A 1 53  ? 9.303   -2.472  4.482   1.000 15.840 0 53  TYR AAA CG  1 ? 
ATOM   434  C  CD1 . TYR A 1 53  ? 8.917   -3.233  5.557   1.000 17.586 0 53  TYR AAA CD1 1 ? 
ATOM   435  C  CD2 . TYR A 1 53  ? 10.635  -2.056  4.430   1.000 16.336 0 53  TYR AAA CD2 1 ? 
ATOM   436  C  CE1 . TYR A 1 53  ? 9.820   -3.662  6.509   1.000 16.407 0 53  TYR AAA CE1 1 ? 
ATOM   437  C  CE2 . TYR A 1 53  ? 11.557  -2.436  5.379   1.000 17.403 0 53  TYR AAA CE2 1 ? 
ATOM   438  C  CZ  . TYR A 1 53  ? 11.133  -3.202  6.445   1.000 17.644 0 53  TYR AAA CZ  1 ? 
ATOM   439  O  OH  . TYR A 1 53  ? 12.010  -3.624  7.406   1.000 17.339 0 53  TYR AAA OH  1 ? 
ATOM   440  N  N   . GLY A 1 54  ? 7.317   0.745   1.926   1.000 15.644 0 54  GLY AAA N   1 ? 
ATOM   441  C  CA  . GLY A 1 54  ? 6.941   1.122   0.572   1.000 15.729 0 54  GLY AAA CA  1 ? 
ATOM   442  C  C   . GLY A 1 54  ? 5.706   2.015   0.485   1.000 14.588 0 54  GLY AAA C   1 ? 
ATOM   443  O  O   . GLY A 1 54  ? 5.241   2.607   1.458   1.000 15.668 0 54  GLY AAA O   1 ? 
ATOM   444  N  N   . ILE A 1 55  ? 5.238   2.153   -0.739  1.000 17.535 0 55  ILE AAA N   1 ? 
ATOM   445  C  CA  . ILE A 1 55  ? 4.198   3.127   -1.110  1.000 19.358 0 55  ILE AAA CA  1 ? 
ATOM   446  C  C   . ILE A 1 55  ? 2.896   2.802   -0.345  1.000 17.300 0 55  ILE AAA C   1 ? 
ATOM   447  O  O   . ILE A 1 55  ? 2.117   3.713   -0.063  1.000 19.304 0 55  ILE AAA O   1 ? 
ATOM   448  C  CB  . ILE A 1 55  ? 4.097   3.094   -2.643  1.000 26.067 0 55  ILE AAA CB  1 ? 
ATOM   449  C  CG1 . ILE A 1 55  ? 3.504   4.409   -3.141  1.000 31.238 0 55  ILE AAA CG1 1 ? 
ATOM   450  C  CG2 . ILE A 1 55  ? 3.362   1.835   -3.085  1.000 26.719 0 55  ILE AAA CG2 1 ? 
ATOM   451  C  CD1 . ILE A 1 55  ? 4.212   4.989   -4.298  1.000 32.822 0 55  ILE AAA CD1 1 ? 
ATOM   452  N  N   . LEU A 1 56  ? 2.642   1.538   0.050   1.000 17.089 0 56  LEU AAA N   1 ? 
ATOM   453  C  CA  . LEU A 1 56  ? 1.455   1.184   0.861   1.000 18.051 0 56  LEU AAA CA  1 ? 
ATOM   454  C  C   . LEU A 1 56  ? 1.831   0.685   2.263   1.000 18.419 0 56  LEU AAA C   1 ? 
ATOM   455  O  O   . LEU A 1 56  ? 0.985   0.140   2.973   1.000 18.464 0 56  LEU AAA O   1 ? 
ATOM   456  C  CB  . LEU A 1 56  ? 0.564   0.204   0.105   1.000 19.657 0 56  LEU AAA CB  1 ? 
ATOM   457  C  CG  . LEU A 1 56  ? -0.192  0.830   -1.072  1.000 19.079 0 56  LEU AAA CG  1 ? 
ATOM   458  C  CD1 . LEU A 1 56  ? -0.764  -0.298  -1.934  1.000 23.049 0 56  LEU AAA CD1 1 ? 
ATOM   459  C  CD2 . LEU A 1 56  ? -1.296  1.747   -0.578  1.000 21.463 0 56  LEU AAA CD2 1 ? 
ATOM   460  N  N   . GLN A 1 57  ? 3.061   0.940   2.701   1.000 16.804 0 57  GLN AAA N   1 ? 
ATOM   461  C  CA  . GLN A 1 57  ? 3.425   0.723   4.110   1.000 17.274 0 57  GLN AAA CA  1 ? 
ATOM   462  C  C   . GLN A 1 57  ? 2.991   -0.678  4.566   1.000 15.441 0 57  GLN AAA C   1 ? 
ATOM   463  O  O   . GLN A 1 57  ? 2.357   -0.802  5.670   1.000 17.180 0 57  GLN AAA O   1 ? 
ATOM   464  C  CB  . GLN A 1 57  ? 2.889   1.842   4.990   1.000 17.126 0 57  GLN AAA CB  1 ? 
ATOM   465  C  CG  . GLN A 1 57  ? 3.624   3.141   4.710   1.000 16.110 0 57  GLN AAA CG  1 ? 
ATOM   466  C  CD  . GLN A 1 57  ? 5.046   3.091   5.214   1.000 15.919 0 57  GLN AAA CD  1 ? 
ATOM   467  O  OE1 . GLN A 1 57  ? 5.297   3.235   6.409   1.000 17.098 0 57  GLN AAA OE1 1 ? 
ATOM   468  N  NE2 . GLN A 1 57  ? 5.975   2.856   4.306   1.000 15.771 0 57  GLN AAA NE2 1 ? 
ATOM   469  N  N   . ILE A 1 58  ? 3.497   -1.678  3.891   1.000 14.695 0 58  ILE AAA N   1 ? 
ATOM   470  C  CA  . ILE A 1 58  ? 3.138   -3.108  4.144   1.000 16.896 0 58  ILE AAA CA  1 ? 
ATOM   471  C  C   . ILE A 1 58  ? 4.027   -3.576  5.304   1.000 17.262 0 58  ILE AAA C   1 ? 
ATOM   472  O  O   . ILE A 1 58  ? 5.268   -3.355  5.306   1.000 16.874 0 58  ILE AAA O   1 ? 
ATOM   473  C  CB  . ILE A 1 58  ? 3.246   -3.928  2.867   1.000 19.972 0 58  ILE AAA CB  1 ? 
ATOM   474  C  CG1 . ILE A 1 58  ? 2.058   -3.564  1.954   1.000 22.311 0 58  ILE AAA CG1 1 ? 
ATOM   475  C  CG2 . ILE A 1 58  ? 3.349   -5.421  3.160   1.000 19.276 0 58  ILE AAA CG2 1 ? 
ATOM   476  C  CD1 . ILE A 1 58  ? 2.173   -4.068  0.552   1.000 23.834 0 58  ILE AAA CD1 1 ? 
ATOM   477  N  N   A ASN A 1 59  ? 3.448   -4.354  6.193   0.500 16.824 0 59  ASN AAA N   1 ? 
ATOM   478  N  N   B ASN A 1 59  ? 3.404   -4.087  6.363   0.500 17.314 0 59  ASN AAA N   1 ? 
ATOM   479  C  CA  A ASN A 1 59  ? 3.940   -4.567  7.564   0.500 17.253 0 59  ASN AAA CA  1 ? 
ATOM   480  C  CA  B ASN A 1 59  ? 4.123   -4.457  7.595   0.500 19.083 0 59  ASN AAA CA  1 ? 
ATOM   481  C  C   A ASN A 1 59  ? 4.673   -5.908  7.656   0.500 16.787 0 59  ASN AAA C   1 ? 
ATOM   482  C  C   B ASN A 1 59  ? 4.803   -5.828  7.463   0.500 18.372 0 59  ASN AAA C   1 ? 
ATOM   483  O  O   A ASN A 1 59  ? 4.011   -6.934  7.374   0.500 18.405 0 59  ASN AAA O   1 ? 
ATOM   484  O  O   B ASN A 1 59  ? 4.353   -6.744  6.757   0.500 20.543 0 59  ASN AAA O   1 ? 
ATOM   485  C  CB  A ASN A 1 59  ? 2.747   -4.506  8.523   0.500 17.723 0 59  ASN AAA CB  1 ? 
ATOM   486  C  CB  B ASN A 1 59  ? 3.220   -4.369  8.824   0.500 20.543 0 59  ASN AAA CB  1 ? 
ATOM   487  C  CG  A ASN A 1 59  ? 3.174   -4.502  9.965   0.500 18.106 0 59  ASN AAA CG  1 ? 
ATOM   488  C  CG  B ASN A 1 59  ? 2.412   -5.630  9.015   0.500 23.070 0 59  ASN AAA CG  1 ? 
ATOM   489  O  OD1 A ASN A 1 59  ? 4.299   -4.870  10.244  0.500 20.667 0 59  ASN AAA OD1 1 ? 
ATOM   490  O  OD1 B ASN A 1 59  ? 2.984   -6.689  9.257   0.500 28.407 0 59  ASN AAA OD1 1 ? 
ATOM   491  N  ND2 A ASN A 1 59  ? 2.307   -4.076  10.855  0.500 19.980 0 59  ASN AAA ND2 1 ? 
ATOM   492  N  ND2 B ASN A 1 59  ? 1.102   -5.525  8.884   0.500 27.849 0 59  ASN AAA ND2 1 ? 
ATOM   493  N  N   . SER A 1 60  ? 5.937   -5.902  8.125   1.000 19.831 0 60  SER AAA N   1 ? 
ATOM   494  C  CA  . SER A 1 60  ? 6.768   -7.108  8.298   1.000 19.977 0 60  SER AAA CA  1 ? 
ATOM   495  C  C   . SER A 1 60  ? 6.168   -8.022  9.386   1.000 20.280 0 60  SER AAA C   1 ? 
ATOM   496  O  O   . SER A 1 60  ? 6.693   -9.147  9.411   1.000 24.527 0 60  SER AAA O   1 ? 
ATOM   497  C  CB  . SER A 1 60  ? 8.202   -6.669  8.626   1.000 20.045 0 60  SER AAA CB  1 ? 
ATOM   498  O  OG  . SER A 1 60  ? 8.275   -6.051  9.878   1.000 18.484 0 60  SER AAA OG  1 ? 
ATOM   499  N  N   . ARG A 1 61  ? 5.222   -7.576  10.206  1.000 22.853 0 61  ARG AAA N   1 ? 
ATOM   500  C  CA  . ARG A 1 61  ? 4.564   -8.437  11.255  1.000 24.966 0 61  ARG AAA CA  1 ? 
ATOM   501  C  C   . ARG A 1 61  ? 3.906   -9.637  10.547  1.000 26.611 0 61  ARG AAA C   1 ? 
ATOM   502  O  O   . ARG A 1 61  ? 4.025   -10.779 11.072  1.000 29.237 0 61  ARG AAA O   1 ? 
ATOM   503  C  CB  . ARG A 1 61  ? 3.596   -7.588  12.091  1.000 25.338 0 61  ARG AAA CB  1 ? 
ATOM   504  C  CG  . ARG A 1 61  ? 2.827   -8.323  13.190  1.000 30.621 0 61  ARG AAA CG  1 ? 
ATOM   505  C  CD  . ARG A 1 61  ? 3.712   -9.107  14.148  1.000 36.279 0 61  ARG AAA CD  1 ? 
ATOM   506  N  NE  . ARG A 1 61  ? 4.654   -8.228  14.846  1.000 43.714 0 61  ARG AAA NE  1 ? 
ATOM   507  C  CZ  . ARG A 1 61  ? 5.769   -8.618  15.470  1.000 48.750 0 61  ARG AAA CZ  1 ? 
ATOM   508  N  NH1 . ARG A 1 61  ? 6.103   -9.899  15.519  1.000 50.609 0 61  ARG AAA NH1 1 ? 
ATOM   509  N  NH2 . ARG A 1 61  ? 6.544   -7.719  16.063  1.000 44.416 0 61  ARG AAA NH2 1 ? 
ATOM   510  N  N   . TRP A 1 62  ? 3.393   -9.462  9.330   1.000 23.916 0 62  TRP AAA N   1 ? 
ATOM   511  C  CA  . TRP A 1 62  ? 2.572   -10.475 8.615   1.000 24.907 0 62  TRP AAA CA  1 ? 
ATOM   512  C  C   . TRP A 1 62  ? 3.019   -10.755 7.184   1.000 23.346 0 62  TRP AAA C   1 ? 
ATOM   513  O  O   . TRP A 1 62  ? 2.829   -11.867 6.678   1.000 24.904 0 62  TRP AAA O   1 ? 
ATOM   514  C  CB  . TRP A 1 62  ? 1.092   -10.072 8.622   1.000 26.851 0 62  TRP AAA CB  1 ? 
ATOM   515  C  CG  . TRP A 1 62  ? 0.501   -9.925  9.983   1.000 30.740 0 62  TRP AAA CG  1 ? 
ATOM   516  C  CD1 . TRP A 1 62  ? 0.157   -8.768  10.617  1.000 37.089 0 62  TRP AAA CD1 1 ? 
ATOM   517  C  CD2 . TRP A 1 62  ? 0.193   -10.989 10.898  1.000 41.062 0 62  TRP AAA CD2 1 ? 
ATOM   518  N  NE1 . TRP A 1 62  ? -0.360  -9.038  11.854  1.000 41.023 0 62  TRP AAA NE1 1 ? 
ATOM   519  C  CE2 . TRP A 1 62  ? -0.335  -10.392 12.061  1.000 41.469 0 62  TRP AAA CE2 1 ? 
ATOM   520  C  CE3 . TRP A 1 62  ? 0.320   -12.381 10.840  1.000 44.596 0 62  TRP AAA CE3 1 ? 
ATOM   521  C  CZ2 . TRP A 1 62  ? -0.746  -11.152 13.157  1.000 49.876 0 62  TRP AAA CZ2 1 ? 
ATOM   522  C  CZ3 . TRP A 1 62  ? -0.088  -13.131 11.924  1.000 50.150 0 62  TRP AAA CZ3 1 ? 
ATOM   523  C  CH2 . TRP A 1 62  ? -0.603  -12.522 13.066  1.000 50.633 0 62  TRP AAA CH2 1 ? 
ATOM   524  N  N   . TRP A 1 63  ? 3.537   -9.773  6.446   1.000 19.358 0 63  TRP AAA N   1 ? 
ATOM   525  C  CA  . TRP A 1 63  ? 3.458   -9.849  4.978   1.000 19.571 0 63  TRP AAA CA  1 ? 
ATOM   526  C  C   . TRP A 1 63  ? 4.783   -10.084 4.271   1.000 18.083 0 63  TRP AAA C   1 ? 
ATOM   527  O  O   . TRP A 1 63  ? 4.809   -10.424 3.107   1.000 20.131 0 63  TRP AAA O   1 ? 
ATOM   528  C  CB  . TRP A 1 63  ? 2.767   -8.596  4.414   1.000 18.254 0 63  TRP AAA CB  1 ? 
ATOM   529  C  CG  . TRP A 1 63  ? 1.407   -8.399  5.026   1.000 20.534 0 63  TRP AAA CG  1 ? 
ATOM   530  C  CD1 . TRP A 1 63  ? 1.037   -7.486  5.963   1.000 19.081 0 63  TRP AAA CD1 1 ? 
ATOM   531  C  CD2 . TRP A 1 63  ? 0.260   -9.271  4.868   1.000 21.452 0 63  TRP AAA CD2 1 ? 
ATOM   532  N  NE1 . TRP A 1 63  ? -0.277  -7.680  6.347   1.000 22.309 0 63  TRP AAA NE1 1 ? 
ATOM   533  C  CE2 . TRP A 1 63  ? -0.763  -8.762  5.684   1.000 21.749 0 63  TRP AAA CE2 1 ? 
ATOM   534  C  CE3 . TRP A 1 63  ? 0.011   -10.393 4.081   1.000 21.594 0 63  TRP AAA CE3 1 ? 
ATOM   535  C  CZ2 . TRP A 1 63  ? -2.025  -9.353  5.744   1.000 24.517 0 63  TRP AAA CZ2 1 ? 
ATOM   536  C  CZ3 . TRP A 1 63  ? -1.252  -10.941 4.103   1.000 22.406 0 63  TRP AAA CZ3 1 ? 
ATOM   537  C  CH2 . TRP A 1 63  ? -2.219  -10.441 4.953   1.000 23.844 0 63  TRP AAA CH2 1 ? 
ATOM   538  N  N   . CYS A 1 64  ? 5.875   -9.656  4.899   1.000 23.206 0 64  CYS AAA N   1 ? 
ATOM   539  C  CA  . CYS A 1 64  ? 7.198   -9.724  4.263   1.000 22.394 0 64  CYS AAA CA  1 ? 
ATOM   540  C  C   . CYS A 1 64  ? 8.260   -10.020 5.315   1.000 18.440 0 64  CYS AAA C   1 ? 
ATOM   541  O  O   . CYS A 1 64  ? 8.034   -9.816  6.435   1.000 19.415 0 64  CYS AAA O   1 ? 
ATOM   542  C  CB  . CYS A 1 64  ? 7.560   -8.458  3.488   1.000 19.766 0 64  CYS AAA CB  1 ? 
ATOM   543  S  SG  . CYS A 1 64  ? 7.633   -6.940  4.476   1.000 19.041 0 64  CYS AAA SG  1 ? 
ATOM   544  N  N   . ASN A 1 65  ? 9.423   -10.447 4.803   1.000 20.957 0 65  ASN AAA N   1 ? 
ATOM   545  C  CA  . ASN A 1 65  ? 10.576  -10.759 5.673   1.000 22.240 0 65  ASN AAA CA  1 ? 
ATOM   546  C  C   . ASN A 1 65  ? 11.636  -9.653  5.597   1.000 16.727 0 65  ASN AAA C   1 ? 
ATOM   547  O  O   . ASN A 1 65  ? 12.111  -9.400  4.519   1.000 20.079 0 65  ASN AAA O   1 ? 
ATOM   548  C  CB  . ASN A 1 65  ? 11.201  -12.115 5.323   1.000 25.046 0 65  ASN AAA CB  1 ? 
ATOM   549  C  CG  . ASN A 1 65  ? 12.487  -12.336 6.091   1.000 28.190 0 65  ASN AAA CG  1 ? 
ATOM   550  O  OD1 . ASN A 1 65  ? 12.519  -12.105 7.288   1.000 30.420 0 65  ASN AAA OD1 1 ? 
ATOM   551  N  ND2 . ASN A 1 65  ? 13.553  -12.665 5.378   1.000 41.347 0 65  ASN AAA ND2 1 ? 
ATOM   552  N  N   . ASP A 1 66  ? 11.901  -9.067  6.741   1.000 17.999 0 66  ASP AAA N   1 ? 
ATOM   553  C  CA  . ASP A 1 66  ? 12.972  -8.046  6.805   1.000 19.012 0 66  ASP AAA CA  1 ? 
ATOM   554  C  C   . ASP A 1 66  ? 14.139  -8.506  7.679   1.000 21.226 0 66  ASP AAA C   1 ? 
ATOM   555  O  O   . ASP A 1 66  ? 15.010  -7.663  7.924   1.000 21.717 0 66  ASP AAA O   1 ? 
ATOM   556  C  CB  . ASP A 1 66  ? 12.462  -6.676  7.246   1.000 17.788 0 66  ASP AAA CB  1 ? 
ATOM   557  C  CG  . ASP A 1 66  ? 11.970  -6.587  8.648   1.000 17.129 0 66  ASP AAA CG  1 ? 
ATOM   558  O  OD1 . ASP A 1 66  ? 12.123  -7.612  9.399   1.000 19.637 0 66  ASP AAA OD1 1 ? 
ATOM   559  O  OD2 . ASP A 1 66  ? 11.451  -5.515  9.068   1.000 18.219 0 66  ASP AAA OD2 1 ? 
ATOM   560  N  N   . GLY A 1 67  ? 14.123  -9.768  8.089   1.000 22.587 0 67  GLY AAA N   1 ? 
ATOM   561  C  CA  . GLY A 1 67  ? 15.222  -10.360 8.882   1.000 24.216 0 67  GLY AAA CA  1 ? 
ATOM   562  C  C   . GLY A 1 67  ? 15.318  -9.877  10.311  1.000 27.626 0 67  GLY AAA C   1 ? 
ATOM   563  O  O   . GLY A 1 67  ? 16.286  -10.302 11.031  1.000 31.843 0 67  GLY AAA O   1 ? 
ATOM   564  N  N   . ARG A 1 68  ? 14.418  -9.039  10.802  1.000 24.332 0 68  ARG AAA N   1 ? 
ATOM   565  C  CA  . ARG A 1 68  ? 14.532  -8.487  12.182  1.000 21.996 0 68  ARG AAA CA  1 ? 
ATOM   566  C  C   . ARG A 1 68  ? 13.193  -8.411  12.927  1.000 24.950 0 68  ARG AAA C   1 ? 
ATOM   567  O  O   . ARG A 1 68  ? 13.117  -7.743  13.970  1.000 29.671 0 68  ARG AAA O   1 ? 
ATOM   568  C  CB  . ARG A 1 68  ? 15.228  -7.125  12.171  1.000 25.659 0 68  ARG AAA CB  1 ? 
ATOM   569  C  CG  . ARG A 1 68  ? 14.440  -6.039  11.464  1.000 24.536 0 68  ARG AAA CG  1 ? 
ATOM   570  C  CD  . ARG A 1 68  ? 15.093  -4.721  11.796  1.000 27.655 0 68  ARG AAA CD  1 ? 
ATOM   571  N  NE  . ARG A 1 68  ? 14.155  -3.654  11.501  1.000 25.179 0 68  ARG AAA NE  1 ? 
ATOM   572  C  CZ  . ARG A 1 68  ? 14.499  -2.377  11.308  1.000 25.160 0 68  ARG AAA CZ  1 ? 
ATOM   573  N  NH1 . ARG A 1 68  ? 15.787  -2.043  11.410  1.000 24.164 0 68  ARG AAA NH1 1 ? 
ATOM   574  N  NH2 . ARG A 1 68  ? 13.578  -1.429  11.096  1.000 24.747 0 68  ARG AAA NH2 1 ? 
ATOM   575  N  N   . THR A 1 69  ? 12.135  -9.030  12.409  1.000 24.325 0 69  THR AAA N   1 ? 
ATOM   576  C  CA  . THR A 1 69  ? 10.801  -8.978  13.060  1.000 23.913 0 69  THR AAA CA  1 ? 
ATOM   577  C  C   . THR A 1 69  ? 10.478  -10.370 13.627  1.000 27.069 0 69  THR AAA C   1 ? 
ATOM   578  O  O   . THR A 1 69  ? 10.024  -11.242 12.895  1.000 28.128 0 69  THR AAA O   1 ? 
ATOM   579  C  CB  . THR A 1 69  ? 9.736   -8.525  12.047  1.000 25.139 0 69  THR AAA CB  1 ? 
ATOM   580  O  OG1 . THR A 1 69  ? 10.197  -7.336  11.376  1.000 21.451 0 69  THR AAA OG1 1 ? 
ATOM   581  C  CG2 . THR A 1 69  ? 8.411   -8.243  12.721  1.000 24.743 0 69  THR AAA CG2 1 ? 
ATOM   582  N  N   . PRO A 1 70  ? 10.806  -10.643 14.906  1.000 32.713 0 70  PRO AAA N   1 ? 
ATOM   583  C  CA  . PRO A 1 70  ? 10.632  -11.985 15.461  1.000 35.629 0 70  PRO AAA CA  1 ? 
ATOM   584  C  C   . PRO A 1 70  ? 9.205   -12.517 15.431  1.000 41.152 0 70  PRO AAA C   1 ? 
ATOM   585  O  O   . PRO A 1 70  ? 8.291   -11.746 15.599  1.000 45.092 0 70  PRO AAA O   1 ? 
ATOM   586  C  CB  . PRO A 1 70  ? 11.022  -11.770 16.932  1.000 39.907 0 70  PRO AAA CB  1 ? 
ATOM   587  C  CG  . PRO A 1 70  ? 12.099  -10.745 16.835  1.000 36.485 0 70  PRO AAA CG  1 ? 
ATOM   588  C  CD  . PRO A 1 70  ? 11.523  -9.764  15.836  1.000 33.822 0 70  PRO AAA CD  1 ? 
ATOM   589  N  N   . GLY A 1 71  ? 9.075   -13.827 15.222  1.000 43.373 0 71  GLY AAA N   1 ? 
ATOM   590  C  CA  . GLY A 1 71  ? 7.788   -14.538 15.345  1.000 48.649 0 71  GLY AAA CA  1 ? 
ATOM   591  C  C   . GLY A 1 71  ? 6.722   -13.868 14.503  1.000 46.085 0 71  GLY AAA C   1 ? 
ATOM   592  O  O   . GLY A 1 71  ? 5.579   -13.749 14.969  1.000 52.427 0 71  GLY AAA O   1 ? 
ATOM   593  N  N   . SER A 1 72  ? 7.123   -13.396 13.323  1.000 42.565 0 72  SER AAA N   1 ? 
ATOM   594  C  CA  . SER A 1 72  ? 6.263   -12.718 12.329  1.000 38.308 0 72  SER AAA CA  1 ? 
ATOM   595  C  C   . SER A 1 72  ? 6.052   -13.682 11.161  1.000 37.252 0 72  SER AAA C   1 ? 
ATOM   596  O  O   . SER A 1 72  ? 6.734   -14.725 11.120  1.000 38.658 0 72  SER AAA O   1 ? 
ATOM   597  C  CB  . SER A 1 72  ? 6.911   -11.423 11.878  1.000 32.663 0 72  SER AAA CB  1 ? 
ATOM   598  O  OG  . SER A 1 72  ? 7.985   -11.683 10.989  1.000 32.031 0 72  SER AAA OG  1 ? 
ATOM   599  N  N   . ARG A 1 73  ? 5.122   -13.374 10.259  1.000 31.209 0 73  ARG AAA N   1 ? 
ATOM   600  C  CA  . ARG A 1 73  ? 4.890   -14.164 9.031   1.000 33.117 0 73  ARG AAA CA  1 ? 
ATOM   601  C  C   . ARG A 1 73  ? 5.409   -13.367 7.833   1.000 29.102 0 73  ARG AAA C   1 ? 
ATOM   602  O  O   . ARG A 1 73  ? 5.806   -12.161 8.024   1.000 31.700 0 73  ARG AAA O   1 ? 
ATOM   603  C  CB  . ARG A 1 73  ? 3.402   -14.504 8.901   1.000 38.534 0 73  ARG AAA CB  1 ? 
ATOM   604  C  CG  . ARG A 1 73  ? 2.772   -15.052 10.173  1.000 41.076 0 73  ARG AAA CG  1 ? 
ATOM   605  C  CD  . ARG A 1 73  ? 3.185   -16.470 10.514  1.000 46.454 0 73  ARG AAA CD  1 ? 
ATOM   606  N  NE  . ARG A 1 73  ? 3.471   -17.309 9.348   1.000 47.765 0 73  ARG AAA NE  1 ? 
ATOM   607  C  CZ  . ARG A 1 73  ? 2.661   -18.219 8.792   1.000 48.810 0 73  ARG AAA CZ  1 ? 
ATOM   608  N  NH1 . ARG A 1 73  ? 3.078   -18.901 7.739   1.000 52.793 0 73  ARG AAA NH1 1 ? 
ATOM   609  N  NH2 . ARG A 1 73  ? 1.447   -18.442 9.264   1.000 45.124 0 73  ARG AAA NH2 1 ? 
ATOM   610  N  N   . ASN A 1 74  ? 5.472   -14.033 6.694   1.000 26.758 0 74  ASN AAA N   1 ? 
ATOM   611  C  CA  . ASN A 1 74  ? 5.900   -13.556 5.358   1.000 25.531 0 74  ASN AAA CA  1 ? 
ATOM   612  C  C   . ASN A 1 74  ? 4.852   -14.063 4.352   1.000 24.014 0 74  ASN AAA C   1 ? 
ATOM   613  O  O   . ASN A 1 74  ? 5.202   -14.776 3.418   1.000 27.272 0 74  ASN AAA O   1 ? 
ATOM   614  C  CB  . ASN A 1 74  ? 7.324   -14.013 5.034   1.000 26.212 0 74  ASN AAA CB  1 ? 
ATOM   615  C  CG  . ASN A 1 74  ? 7.818   -13.600 3.671   1.000 26.678 0 74  ASN AAA CG  1 ? 
ATOM   616  O  OD1 . ASN A 1 74  ? 7.215   -12.775 2.992   1.000 25.703 0 74  ASN AAA OD1 1 ? 
ATOM   617  N  ND2 . ASN A 1 74  ? 8.939   -14.128 3.235   1.000 28.202 0 74  ASN AAA ND2 1 ? 
ATOM   618  N  N   . LEU A 1 75  ? 3.610   -13.628 4.544   1.000 27.071 0 75  LEU AAA N   1 ? 
ATOM   619  C  CA  . LEU A 1 75  ? 2.454   -14.160 3.758   1.000 26.727 0 75  LEU AAA CA  1 ? 
ATOM   620  C  C   . LEU A 1 75  ? 2.554   -13.755 2.293   1.000 28.302 0 75  LEU AAA C   1 ? 
ATOM   621  O  O   . LEU A 1 75  ? 1.945   -14.423 1.468   1.000 28.556 0 75  LEU AAA O   1 ? 
ATOM   622  C  CB  . LEU A 1 75  ? 1.147   -13.745 4.429   1.000 27.420 0 75  LEU AAA CB  1 ? 
ATOM   623  C  CG  . LEU A 1 75  ? 0.945   -14.330 5.828   1.000 28.591 0 75  LEU AAA CG  1 ? 
ATOM   624  C  CD1 . LEU A 1 75  ? -0.294  -13.769 6.507   1.000 28.195 0 75  LEU AAA CD1 1 ? 
ATOM   625  C  CD2 . LEU A 1 75  ? 0.862   -15.872 5.777   1.000 31.379 0 75  LEU AAA CD2 1 ? 
ATOM   626  N  N   . CYS A 1 76  ? 3.323   -12.721 1.913   1.000 24.454 0 76  CYS AAA N   1 ? 
ATOM   627  C  CA  . CYS A 1 76  ? 3.493   -12.375 0.496   1.000 23.366 0 76  CYS AAA CA  1 ? 
ATOM   628  C  C   . CYS A 1 76  ? 4.727   -13.050 -0.108  1.000 22.123 0 76  CYS AAA C   1 ? 
ATOM   629  O  O   . CYS A 1 76  ? 5.006   -12.834 -1.258  1.000 26.899 0 76  CYS AAA O   1 ? 
ATOM   630  C  CB  . CYS A 1 76  ? 3.541   -10.864 0.318   1.000 21.107 0 76  CYS AAA CB  1 ? 
ATOM   631  S  SG  . CYS A 1 76  ? 1.916   -10.115 0.658   1.000 23.914 0 76  CYS AAA SG  1 ? 
ATOM   632  N  N   A ASN A 1 77  ? 5.448   -13.832 0.694   0.500 26.803 0 77  ASN AAA N   1 ? 
ATOM   633  N  N   B ASN A 1 77  ? 5.482   -13.729 0.756   0.500 26.408 0 77  ASN AAA N   1 ? 
ATOM   634  C  CA  A ASN A 1 77  ? 6.674   -14.563 0.264   0.500 26.379 0 77  ASN AAA CA  1 ? 
ATOM   635  C  CA  B ASN A 1 77  ? 6.656   -14.568 0.395   0.500 25.756 0 77  ASN AAA CA  1 ? 
ATOM   636  C  C   A ASN A 1 77  ? 7.627   -13.608 -0.451  0.500 26.463 0 77  ASN AAA C   1 ? 
ATOM   637  C  C   B ASN A 1 77  ? 7.719   -13.724 -0.313  0.500 25.755 0 77  ASN AAA C   1 ? 
ATOM   638  O  O   A ASN A 1 77  ? 7.898   -13.797 -1.650  0.500 27.954 0 77  ASN AAA O   1 ? 
ATOM   639  O  O   B ASN A 1 77  ? 8.243   -14.188 -1.306  0.500 28.915 0 77  ASN AAA O   1 ? 
ATOM   640  C  CB  A ASN A 1 77  ? 6.334   -15.739 -0.654  0.500 29.255 0 77  ASN AAA CB  1 ? 
ATOM   641  C  CB  B ASN A 1 77  ? 6.187   -15.768 -0.431  0.500 27.771 0 77  ASN AAA CB  1 ? 
ATOM   642  C  CG  A ASN A 1 77  ? 7.419   -16.798 -0.645  0.500 32.458 0 77  ASN AAA CG  1 ? 
ATOM   643  C  CG  B ASN A 1 77  ? 5.355   -16.732 0.385   0.500 30.523 0 77  ASN AAA CG  1 ? 
ATOM   644  O  OD1 A ASN A 1 77  ? 8.133   -16.950 0.343   0.500 31.287 0 77  ASN AAA OD1 1 ? 
ATOM   645  O  OD1 B ASN A 1 77  ? 5.808   -17.229 1.413   0.500 34.037 0 77  ASN AAA OD1 1 ? 
ATOM   646  N  ND2 A ASN A 1 77  ? 7.543   -17.535 -1.737  0.500 33.923 0 77  ASN AAA ND2 1 ? 
ATOM   647  N  ND2 B ASN A 1 77  ? 4.125   -16.983 -0.051  0.500 32.366 0 77  ASN AAA ND2 1 ? 
ATOM   648  N  N   . ILE A 1 78  ? 8.035   -12.536 0.237   1.000 24.070 0 78  ILE AAA N   1 ? 
ATOM   649  C  CA  . ILE A 1 78  ? 8.962   -11.536 -0.361  1.000 27.006 0 78  ILE AAA CA  1 ? 
ATOM   650  C  C   . ILE A 1 78  ? 9.834   -10.952 0.746   1.000 21.934 0 78  ILE AAA C   1 ? 
ATOM   651  O  O   . ILE A 1 78  ? 9.411   -10.833 1.906   1.000 23.391 0 78  ILE AAA O   1 ? 
ATOM   652  C  CB  . ILE A 1 78  ? 8.230   -10.386 -1.086  1.000 30.153 0 78  ILE AAA CB  1 ? 
ATOM   653  C  CG1 . ILE A 1 78  ? 7.198   -9.759  -0.150  1.000 27.793 0 78  ILE AAA CG1 1 ? 
ATOM   654  C  CG2 . ILE A 1 78  ? 7.668   -10.837 -2.414  1.000 32.942 0 78  ILE AAA CG2 1 ? 
ATOM   655  C  CD1 . ILE A 1 78  ? 6.498   -8.521  -0.670  1.000 30.765 0 78  ILE AAA CD1 1 ? 
ATOM   656  N  N   . PRO A 1 79  ? 11.079  -10.574 0.375   1.000 24.399 0 79  PRO AAA N   1 ? 
ATOM   657  C  CA  . PRO A 1 79  ? 11.846  -9.705  1.229   1.000 22.574 0 79  PRO AAA CA  1 ? 
ATOM   658  C  C   . PRO A 1 79  ? 11.151  -8.337  1.248   1.000 19.099 0 79  PRO AAA C   1 ? 
ATOM   659  O  O   . PRO A 1 79  ? 10.742  -7.831  0.227   1.000 20.519 0 79  PRO AAA O   1 ? 
ATOM   660  C  CB  . PRO A 1 79  ? 13.237  -9.656  0.598   1.000 23.419 0 79  PRO AAA CB  1 ? 
ATOM   661  C  CG  . PRO A 1 79  ? 13.069  -10.082 -0.849  1.000 28.540 0 79  PRO AAA CG  1 ? 
ATOM   662  C  CD  . PRO A 1 79  ? 11.705  -10.747 -0.945  1.000 24.074 0 79  PRO AAA CD  1 ? 
ATOM   663  N  N   . CYS A 1 80  ? 11.108  -7.750  2.422   1.000 18.806 0 80  CYS AAA N   1 ? 
ATOM   664  C  CA  . CYS A 1 80  ? 10.484  -6.410  2.554   1.000 17.846 0 80  CYS AAA CA  1 ? 
ATOM   665  C  C   . CYS A 1 80  ? 11.153  -5.394  1.633   1.000 19.376 0 80  CYS AAA C   1 ? 
ATOM   666  O  O   . CYS A 1 80  ? 10.445  -4.520  1.126   1.000 19.248 0 80  CYS AAA O   1 ? 
ATOM   667  C  CB  . CYS A 1 80  ? 10.474  -5.912  3.970   1.000 18.365 0 80  CYS AAA CB  1 ? 
ATOM   668  S  SG  . CYS A 1 80  ? 9.567   -6.968  5.110   1.000 18.770 0 80  CYS AAA SG  1 ? 
ATOM   669  N  N   . SER A 1 81  ? 12.455  -5.517  1.335   1.000 21.482 0 81  SER AAA N   1 ? 
ATOM   670  C  CA  . SER A 1 81  ? 13.174  -4.591  0.439   1.000 22.437 0 81  SER AAA CA  1 ? 
ATOM   671  C  C   . SER A 1 81  ? 12.573  -4.582  -0.971  1.000 21.406 0 81  SER AAA C   1 ? 
ATOM   672  O  O   . SER A 1 81  ? 12.675  -3.532  -1.638  1.000 26.061 0 81  SER AAA O   1 ? 
ATOM   673  C  CB  . SER A 1 81  ? 14.661  -4.944  0.393   1.000 23.327 0 81  SER AAA CB  1 ? 
ATOM   674  O  OG  . SER A 1 81  ? 14.785  -6.251  -0.140  1.000 27.365 0 81  SER AAA OG  1 ? 
ATOM   675  N  N   . ALA A 1 82  ? 11.899  -5.661  -1.399  1.000 23.826 0 82  ALA AAA N   1 ? 
ATOM   676  C  CA  . ALA A 1 82  ? 11.232  -5.703  -2.733  1.000 26.701 0 82  ALA AAA CA  1 ? 
ATOM   677  C  C   . ALA A 1 82  ? 10.138  -4.633  -2.778  1.000 26.739 0 82  ALA AAA C   1 ? 
ATOM   678  O  O   . ALA A 1 82  ? 9.744   -4.134  -3.894  1.000 29.585 0 82  ALA AAA O   1 ? 
ATOM   679  C  CB  . ALA A 1 82  ? 10.637  -7.046  -3.021  1.000 28.125 0 82  ALA AAA CB  1 ? 
ATOM   680  N  N   . LEU A 1 83  ? 9.610   -4.286  -1.618  1.000 23.421 0 83  LEU AAA N   1 ? 
ATOM   681  C  CA  . LEU A 1 83  ? 8.490   -3.324  -1.523  1.000 23.076 0 83  LEU AAA CA  1 ? 
ATOM   682  C  C   . LEU A 1 83  ? 8.981   -1.879  -1.649  1.000 24.108 0 83  LEU AAA C   1 ? 
ATOM   683  O  O   . LEU A 1 83  ? 8.145   -0.999  -1.605  1.000 22.897 0 83  LEU AAA O   1 ? 
ATOM   684  C  CB  . LEU A 1 83  ? 7.724   -3.552  -0.221  1.000 22.087 0 83  LEU AAA CB  1 ? 
ATOM   685  C  CG  . LEU A 1 83  ? 7.110   -4.943  -0.069  1.000 24.492 0 83  LEU AAA CG  1 ? 
ATOM   686  C  CD1 . LEU A 1 83  ? 6.535   -5.154  1.318   1.000 25.209 0 83  LEU AAA CD1 1 ? 
ATOM   687  C  CD2 . LEU A 1 83  ? 6.017   -5.161  -1.127  1.000 29.017 0 83  LEU AAA CD2 1 ? 
ATOM   688  N  N   . LEU A 1 84  ? 10.303  -1.613  -1.781  1.000 24.206 0 84  LEU AAA N   1 ? 
ATOM   689  C  CA  . LEU A 1 84  ? 10.855  -0.245  -1.885  1.000 22.779 0 84  LEU AAA CA  1 ? 
ATOM   690  C  C   . LEU A 1 84  ? 11.256  0.089   -3.320  1.000 23.743 0 84  LEU AAA C   1 ? 
ATOM   691  O  O   . LEU A 1 84  ? 11.653  1.212   -3.543  1.000 25.478 0 84  LEU AAA O   1 ? 
ATOM   692  C  CB  . LEU A 1 84  ? 12.049  -0.130  -0.930  1.000 21.798 0 84  LEU AAA CB  1 ? 
ATOM   693  C  CG  . LEU A 1 84  ? 11.750  -0.472  0.528   1.000 21.165 0 84  LEU AAA CG  1 ? 
ATOM   694  C  CD1 . LEU A 1 84  ? 12.976  -0.330  1.427   1.000 24.607 0 84  LEU AAA CD1 1 ? 
ATOM   695  C  CD2 . LEU A 1 84  ? 10.632  0.408   1.053   1.000 20.022 0 84  LEU AAA CD2 1 ? 
ATOM   696  N  N   . SER A 1 85  ? 11.089  -0.835  -4.245  1.000 25.116 0 85  SER AAA N   1 ? 
ATOM   697  C  CA  . SER A 1 85  ? 11.465  -0.697  -5.670  1.000 25.516 0 85  SER AAA CA  1 ? 
ATOM   698  C  C   . SER A 1 85  ? 10.726  0.487   -6.315  1.000 28.804 0 85  SER AAA C   1 ? 
ATOM   699  O  O   . SER A 1 85  ? 9.599   0.843   -5.905  1.000 26.971 0 85  SER AAA O   1 ? 
ATOM   700  C  CB  . SER A 1 85  ? 11.182  -1.988  -6.392  1.000 27.254 0 85  SER AAA CB  1 ? 
ATOM   701  O  OG  . SER A 1 85  ? 11.375  -1.817  -7.773  1.000 35.211 0 85  SER AAA OG  1 ? 
ATOM   702  N  N   . SER A 1 86  ? 11.303  1.065   -7.356  1.000 25.395 0 86  SER AAA N   1 ? 
ATOM   703  C  CA  . SER A 1 86  ? 10.616  2.045   -8.233  1.000 26.594 0 86  SER AAA CA  1 ? 
ATOM   704  C  C   . SER A 1 86  ? 9.427   1.386   -8.931  1.000 25.838 0 86  SER AAA C   1 ? 
ATOM   705  O  O   . SER A 1 86  ? 8.498   2.104   -9.333  1.000 28.948 0 86  SER AAA O   1 ? 
ATOM   706  C  CB  A SER A 1 86  ? 11.571  2.658   -9.223  0.500 26.279 0 86  SER AAA CB  1 ? 
ATOM   707  C  CB  B SER A 1 86  ? 11.555  2.625   -9.257  0.500 28.864 0 86  SER AAA CB  1 ? 
ATOM   708  O  OG  A SER A 1 86  ? 12.153  1.662   -10.040 0.500 26.365 0 86  SER AAA OG  1 ? 
ATOM   709  O  OG  B SER A 1 86  ? 12.524  3.445   -8.637  0.500 34.570 0 86  SER AAA OG  1 ? 
ATOM   710  N  N   A ASP A 1 87  ? 9.449   0.059   -9.050  0.500 24.747 0 87  ASP AAA N   1 ? 
ATOM   711  N  N   B ASP A 1 87  ? 9.508   0.077   -9.146  0.500 26.834 0 87  ASP AAA N   1 ? 
ATOM   712  C  CA  A ASP A 1 87  ? 8.415   -0.772  -9.725  0.500 26.068 0 87  ASP AAA CA  1 ? 
ATOM   713  C  CA  B ASP A 1 87  ? 8.428   -0.757  -9.723  0.500 28.794 0 87  ASP AAA CA  1 ? 
ATOM   714  C  C   A ASP A 1 87  ? 7.469   -1.322  -8.652  0.500 22.937 0 87  ASP AAA C   1 ? 
ATOM   715  C  C   B ASP A 1 87  ? 7.511   -1.141  -8.563  0.500 24.789 0 87  ASP AAA C   1 ? 
ATOM   716  O  O   A ASP A 1 87  ? 7.883   -2.180  -7.838  0.500 21.175 0 87  ASP AAA O   1 ? 
ATOM   717  O  O   B ASP A 1 87  ? 8.014   -1.645  -7.567  0.500 24.905 0 87  ASP AAA O   1 ? 
ATOM   718  C  CB  A ASP A 1 87  ? 9.090   -1.830  -10.596 0.500 27.261 0 87  ASP AAA CB  1 ? 
ATOM   719  C  CB  B ASP A 1 87  ? 9.002   -1.974  -10.440 0.500 31.685 0 87  ASP AAA CB  1 ? 
ATOM   720  C  CG  A ASP A 1 87  ? 8.341   -3.143  -10.751 0.500 28.894 0 87  ASP AAA CG  1 ? 
ATOM   721  C  CG  B ASP A 1 87  ? 8.076   -2.542  -11.499 0.500 34.848 0 87  ASP AAA CG  1 ? 
ATOM   722  O  OD1 A ASP A 1 87  ? 7.102   -3.125  -10.776 0.500 24.735 0 87  ASP AAA OD1 1 ? 
ATOM   723  O  OD1 B ASP A 1 87  ? 6.861   -2.333  -11.380 0.500 36.268 0 87  ASP AAA OD1 1 ? 
ATOM   724  O  OD2 A ASP A 1 87  ? 9.019   -4.184  -10.897 0.500 35.132 0 87  ASP AAA OD2 1 ? 
ATOM   725  O  OD2 B ASP A 1 87  ? 8.586   -3.197  -12.426 0.500 39.363 0 87  ASP AAA OD2 1 ? 
ATOM   726  N  N   . ILE A 1 88  ? 6.214   -0.861  -8.667  1.000 24.131 0 88  ILE AAA N   1 ? 
ATOM   727  C  CA  . ILE A 1 88  ? 5.245   -1.131  -7.565  1.000 21.991 0 88  ILE AAA CA  1 ? 
ATOM   728  C  C   . ILE A 1 88  ? 4.611   -2.503  -7.692  1.000 24.171 0 88  ILE AAA C   1 ? 
ATOM   729  O  O   . ILE A 1 88  ? 3.713   -2.791  -6.893  1.000 21.518 0 88  ILE AAA O   1 ? 
ATOM   730  C  CB  . ILE A 1 88  ? 4.150   -0.061  -7.527  1.000 21.950 0 88  ILE AAA CB  1 ? 
ATOM   731  C  CG1 . ILE A 1 88  ? 3.198   -0.139  -8.718  1.000 23.405 0 88  ILE AAA CG1 1 ? 
ATOM   732  C  CG2 . ILE A 1 88  ? 4.785   1.312   -7.345  1.000 23.000 0 88  ILE AAA CG2 1 ? 
ATOM   733  C  CD1 . ILE A 1 88  ? 2.017   0.780   -8.593  1.000 25.045 0 88  ILE AAA CD1 1 ? 
ATOM   734  N  N   . THR A 1 89  ? 5.019   -3.351  -8.639  1.000 24.772 0 89  THR AAA N   1 ? 
ATOM   735  C  CA  . THR A 1 89  ? 4.415   -4.682  -8.853  1.000 24.639 0 89  THR AAA CA  1 ? 
ATOM   736  C  C   . THR A 1 89  ? 4.327   -5.451  -7.523  1.000 24.055 0 89  THR AAA C   1 ? 
ATOM   737  O  O   . THR A 1 89  ? 3.263   -5.969  -7.177  1.000 23.917 0 89  THR AAA O   1 ? 
ATOM   738  C  CB  . THR A 1 89  ? 5.174   -5.502  -9.911  1.000 26.053 0 89  THR AAA CB  1 ? 
ATOM   739  O  OG1 . THR A 1 89  ? 5.113   -4.794  -11.141 1.000 29.558 0 89  THR AAA OG1 1 ? 
ATOM   740  C  CG2 . THR A 1 89  ? 4.567   -6.870  -10.069 1.000 29.174 0 89  THR AAA CG2 1 ? 
ATOM   741  N  N   . ALA A 1 90  ? 5.412   -5.588  -6.782  1.000 22.366 0 90  ALA AAA N   1 ? 
ATOM   742  C  CA  . ALA A 1 90  ? 5.442   -6.417  -5.567  1.000 21.943 0 90  ALA AAA CA  1 ? 
ATOM   743  C  C   . ALA A 1 90  ? 4.479   -5.815  -4.526  1.000 21.218 0 90  ALA AAA C   1 ? 
ATOM   744  O  O   . ALA A 1 90  ? 3.735   -6.570  -3.898  1.000 22.626 0 90  ALA AAA O   1 ? 
ATOM   745  C  CB  . ALA A 1 90  ? 6.865   -6.599  -5.062  1.000 24.007 0 90  ALA AAA CB  1 ? 
ATOM   746  N  N   . SER A 1 91  ? 4.482   -4.504  -4.393  1.000 20.250 0 91  SER AAA N   1 ? 
ATOM   747  C  CA  . SER A 1 91  ? 3.571   -3.831  -3.436  1.000 19.292 0 91  SER AAA CA  1 ? 
ATOM   748  C  C   . SER A 1 91  ? 2.103   -4.087  -3.822  1.000 18.241 0 91  SER AAA C   1 ? 
ATOM   749  O  O   . SER A 1 91  ? 1.308   -4.369  -2.932  1.000 19.396 0 91  SER AAA O   1 ? 
ATOM   750  C  CB  . SER A 1 91  ? 3.867   -2.381  -3.331  1.000 21.013 0 91  SER AAA CB  1 ? 
ATOM   751  O  OG  . SER A 1 91  ? 5.021   -2.129  -2.511  1.000 20.738 0 91  SER AAA OG  1 ? 
ATOM   752  N  N   . VAL A 1 92  ? 1.778   -3.969  -5.103  1.000 19.826 0 92  VAL AAA N   1 ? 
ATOM   753  C  CA  . VAL A 1 92  ? 0.381   -4.163  -5.570  1.000 20.016 0 92  VAL AAA CA  1 ? 
ATOM   754  C  C   . VAL A 1 92  ? -0.015  -5.620  -5.355  1.000 22.733 0 92  VAL AAA C   1 ? 
ATOM   755  O  O   . VAL A 1 92  ? -1.084  -5.893  -4.803  1.000 22.030 0 92  VAL AAA O   1 ? 
ATOM   756  C  CB  . VAL A 1 92  ? 0.225   -3.690  -7.017  1.000 20.813 0 92  VAL AAA CB  1 ? 
ATOM   757  C  CG1 . VAL A 1 92  ? -1.122  -4.163  -7.567  1.000 23.335 0 92  VAL AAA CG1 1 ? 
ATOM   758  C  CG2 . VAL A 1 92  ? 0.392   -2.202  -7.155  1.000 23.195 0 92  VAL AAA CG2 1 ? 
ATOM   759  N  N   . ASN A 1 93  ? 0.807   -6.575  -5.764  1.000 22.350 0 93  ASN AAA N   1 ? 
ATOM   760  C  CA  . ASN A 1 93  ? 0.435   -7.989  -5.594  1.000 23.038 0 93  ASN AAA CA  1 ? 
ATOM   761  C  C   . ASN A 1 93  ? 0.253   -8.285  -4.116  1.000 22.198 0 93  ASN AAA C   1 ? 
ATOM   762  O  O   . ASN A 1 93  ? -0.665  -9.043  -3.780  1.000 24.157 0 93  ASN AAA O   1 ? 
ATOM   763  C  CB  . ASN A 1 93  ? 1.457   -8.909  -6.278  1.000 28.430 0 93  ASN AAA CB  1 ? 
ATOM   764  C  CG  . ASN A 1 93  ? 1.384   -8.789  -7.782  1.000 33.413 0 93  ASN AAA CG  1 ? 
ATOM   765  O  OD1 . ASN A 1 93  ? 0.401   -8.293  -8.321  1.000 42.077 0 93  ASN AAA OD1 1 ? 
ATOM   766  N  ND2 . ASN A 1 93  ? 2.443   -9.182  -8.462  1.000 37.319 0 93  ASN AAA ND2 1 ? 
ATOM   767  N  N   . CYS A 1 94  ? 1.109   -7.781  -3.222  1.000 18.776 0 94  CYS AAA N   1 ? 
ATOM   768  C  CA  . CYS A 1 94  ? 0.954   -8.078  -1.788  1.000 19.178 0 94  CYS AAA CA  1 ? 
ATOM   769  C  C   . CYS A 1 94  ? -0.315  -7.371  -1.256  1.000 20.003 0 94  CYS AAA C   1 ? 
ATOM   770  O  O   . CYS A 1 94  ? -1.084  -7.983  -0.535  1.000 20.122 0 94  CYS AAA O   1 ? 
ATOM   771  C  CB  . CYS A 1 94  ? 2.244   -7.667  -1.079  1.000 21.718 0 94  CYS AAA CB  1 ? 
ATOM   772  S  SG  . CYS A 1 94  ? 2.244   -8.101  0.654   1.000 21.724 0 94  CYS AAA SG  1 ? 
ATOM   773  N  N   . ALA A 1 95  ? -0.548  -6.132  -1.654  1.000 19.053 0 95  ALA AAA N   1 ? 
ATOM   774  C  CA  . ALA A 1 95  ? -1.758  -5.381  -1.258  1.000 18.244 0 95  ALA AAA CA  1 ? 
ATOM   775  C  C   . ALA A 1 95  ? -3.029  -6.148  -1.611  1.000 18.382 0 95  ALA AAA C   1 ? 
ATOM   776  O  O   . ALA A 1 95  ? -3.954  -6.132  -0.819  1.000 18.188 0 95  ALA AAA O   1 ? 
ATOM   777  C  CB  . ALA A 1 95  ? -1.763  -4.033  -1.870  1.000 18.092 0 95  ALA AAA CB  1 ? 
ATOM   778  N  N   . LYS A 1 96  ? -3.065  -6.797  -2.770  1.000 19.165 0 96  LYS AAA N   1 ? 
ATOM   779  C  CA  . LYS A 1 96  ? -4.254  -7.612  -3.148  1.000 19.627 0 96  LYS AAA CA  1 ? 
ATOM   780  C  C   . LYS A 1 96  ? -4.495  -8.727  -2.140  1.000 21.694 0 96  LYS AAA C   1 ? 
ATOM   781  O  O   . LYS A 1 96  ? -5.690  -9.013  -1.806  1.000 22.429 0 96  LYS AAA O   1 ? 
ATOM   782  C  CB  . LYS A 1 96  ? -4.033  -8.175  -4.557  1.000 19.934 0 96  LYS AAA CB  1 ? 
ATOM   783  C  CG  . LYS A 1 96  ? -4.137  -7.115  -5.608  1.000 21.109 0 96  LYS AAA CG  1 ? 
ATOM   784  C  CD  . LYS A 1 96  ? -3.851  -7.656  -7.032  1.000 23.175 0 96  LYS AAA CD  1 ? 
ATOM   785  C  CE  . LYS A 1 96  ? -4.134  -6.645  -8.110  1.000 26.021 0 96  LYS AAA CE  1 ? 
ATOM   786  N  NZ  . LYS A 1 96  ? -3.782  -7.181  -9.440  1.000 29.539 0 96  LYS AAA NZ  1 ? 
ATOM   787  N  N   . LYS A 1 97  ? -3.461  -9.388  -1.665  1.000 19.873 0 97  LYS AAA N   1 ? 
ATOM   788  C  CA  . LYS A 1 97  ? -3.616  -10.417 -0.628  1.000 21.288 0 97  LYS AAA CA  1 ? 
ATOM   789  C  C   . LYS A 1 97  ? -4.148  -9.770  0.650   1.000 21.071 0 97  LYS AAA C   1 ? 
ATOM   790  O  O   . LYS A 1 97  ? -4.987  -10.333 1.391   1.000 20.367 0 97  LYS AAA O   1 ? 
ATOM   791  C  CB  . LYS A 1 97  ? -2.263  -11.110 -0.414  1.000 24.154 0 97  LYS AAA CB  1 ? 
ATOM   792  C  CG  . LYS A 1 97  ? -1.785  -11.929 -1.607  1.000 36.832 0 97  LYS AAA CG  1 ? 
ATOM   793  C  CD  . LYS A 1 97  ? -0.513  -12.757 -1.384  1.000 40.072 0 97  LYS AAA CD  1 ? 
ATOM   794  C  CE  . LYS A 1 97  ? 0.263   -12.924 -2.678  1.000 44.216 0 97  LYS AAA CE  1 ? 
ATOM   795  N  NZ  . LYS A 1 97  ? 1.664   -13.336 -2.427  1.000 50.042 0 97  LYS AAA NZ  1 ? 
ATOM   796  N  N   . ILE A 1 98  ? -3.589  -8.621  1.030   1.000 19.046 0 98  ILE AAA N   1 ? 
ATOM   797  C  CA  . ILE A 1 98  ? -3.930  -8.000  2.329   1.000 19.228 0 98  ILE AAA CA  1 ? 
ATOM   798  C  C   . ILE A 1 98  ? -5.426  -7.661  2.316   1.000 18.295 0 98  ILE AAA C   1 ? 
ATOM   799  O  O   . ILE A 1 98  ? -6.134  -7.907  3.304   1.000 18.981 0 98  ILE AAA O   1 ? 
ATOM   800  C  CB  . ILE A 1 98  ? -3.055  -6.750  2.580   1.000 19.638 0 98  ILE AAA CB  1 ? 
ATOM   801  C  CG1 . ILE A 1 98  ? -1.564  -7.112  2.670   1.000 19.391 0 98  ILE AAA CG1 1 ? 
ATOM   802  C  CG2 . ILE A 1 98  ? -3.568  -6.080  3.827   1.000 18.710 0 98  ILE AAA CG2 1 ? 
ATOM   803  C  CD1 . ILE A 1 98  ? -0.620  -5.960  2.639   1.000 21.074 0 98  ILE AAA CD1 1 ? 
ATOM   804  N  N   . VAL A 1 99  ? -5.855  -7.013  1.264   1.000 17.181 0 99  VAL AAA N   1 ? 
ATOM   805  C  CA  . VAL A 1 99  ? -7.211  -6.432  1.241   1.000 18.513 0 99  VAL AAA CA  1 ? 
ATOM   806  C  C   . VAL A 1 99  ? -8.207  -7.583  1.155   1.000 21.245 0 99  VAL AAA C   1 ? 
ATOM   807  O  O   . VAL A 1 99  ? -9.371  -7.324  1.481   1.000 21.004 0 99  VAL AAA O   1 ? 
ATOM   808  C  CB  . VAL A 1 99  ? -7.334  -5.429  0.103   1.000 17.308 0 99  VAL AAA CB  1 ? 
ATOM   809  C  CG1 . VAL A 1 99  ? -7.370  -6.117  -1.269  1.000 19.336 0 99  VAL AAA CG1 1 ? 
ATOM   810  C  CG2 . VAL A 1 99  ? -8.550  -4.554  0.258   1.000 17.635 0 99  VAL AAA CG2 1 ? 
ATOM   811  N  N   . SER A 1 100 ? -7.768  -8.788  0.750   1.000 22.481 0 100 SER AAA N   1 ? 
ATOM   812  C  CA  . SER A 1 100 ? -8.620  -10.011 0.697   1.000 23.856 0 100 SER AAA CA  1 ? 
ATOM   813  C  C   . SER A 1 100 ? -8.717  -10.775 2.024   1.000 23.772 0 100 SER AAA C   1 ? 
ATOM   814  O  O   . SER A 1 100 ? -9.401  -11.835 2.053   1.000 28.983 0 100 SER AAA O   1 ? 
ATOM   815  C  CB  . SER A 1 100 ? -8.105  -10.893 -0.411  1.000 26.071 0 100 SER AAA CB  1 ? 
ATOM   816  O  OG  . SER A 1 100 ? -8.135  -10.186 -1.624  1.000 27.814 0 100 SER AAA OG  1 ? 
ATOM   817  N  N   A ASP A 1 101 ? -8.092  -10.337 3.110   0.500 25.322 0 101 ASP AAA N   1 ? 
ATOM   818  N  N   B ASP A 1 101 ? -8.116  -10.262 3.091   0.500 27.172 0 101 ASP AAA N   1 ? 
ATOM   819  C  CA  A ASP A 1 101 ? -7.934  -11.181 4.328   0.500 26.740 0 101 ASP AAA CA  1 ? 
ATOM   820  C  CA  B ASP A 1 101 ? -7.850  -10.979 4.365   0.500 28.306 0 101 ASP AAA CA  1 ? 
ATOM   821  C  C   A ASP A 1 101 ? -9.043  -10.935 5.360   0.500 28.164 0 101 ASP AAA C   1 ? 
ATOM   822  C  C   B ASP A 1 101 ? -9.119  -11.083 5.227   0.500 29.525 0 101 ASP AAA C   1 ? 
ATOM   823  O  O   A ASP A 1 101 ? -8.890  -11.429 6.507   0.500 32.875 0 101 ASP AAA O   1 ? 
ATOM   824  O  O   B ASP A 1 101 ? -9.169  -11.974 6.088   0.500 29.865 0 101 ASP AAA O   1 ? 
ATOM   825  C  CB  A ASP A 1 101 ? -6.588  -10.949 5.003   0.500 26.877 0 101 ASP AAA CB  1 ? 
ATOM   826  C  CB  B ASP A 1 101 ? -6.721  -10.270 5.109   0.500 31.584 0 101 ASP AAA CB  1 ? 
ATOM   827  C  CG  A ASP A 1 101 ? -6.591  -9.694  5.846   0.500 28.328 0 101 ASP AAA CG  1 ? 
ATOM   828  C  CG  B ASP A 1 101 ? -6.230  -10.996 6.337   0.500 31.504 0 101 ASP AAA CG  1 ? 
ATOM   829  O  OD1 A ASP A 1 101 ? -7.668  -9.061  5.936   0.500 24.725 0 101 ASP AAA OD1 1 ? 
ATOM   830  O  OD1 B ASP A 1 101 ? -6.435  -12.212 6.410   0.500 32.257 0 101 ASP AAA OD1 1 ? 
ATOM   831  O  OD2 A ASP A 1 101 ? -5.528  -9.351  6.396   0.500 31.198 0 101 ASP AAA OD2 1 ? 
ATOM   832  O  OD2 B ASP A 1 101 ? -5.641  -10.331 7.196   0.500 32.925 0 101 ASP AAA OD2 1 ? 
ATOM   833  N  N   . GLY A 1 102 ? -10.128 -10.239 4.995   1.000 27.900 0 102 GLY AAA N   1 ? 
ATOM   834  C  CA  . GLY A 1 102 ? -11.310 -10.165 5.878   1.000 26.481 0 102 GLY AAA CA  1 ? 
ATOM   835  C  C   . GLY A 1 102 ? -11.629 -8.741  6.301   1.000 26.920 0 102 GLY AAA C   1 ? 
ATOM   836  O  O   . GLY A 1 102 ? -12.832 -8.423  6.538   1.000 27.952 0 102 GLY AAA O   1 ? 
ATOM   837  N  N   . ASN A 1 103 ? -10.621 -7.870  6.416   1.000 25.540 0 103 ASN AAA N   1 ? 
ATOM   838  C  CA  . ASN A 1 103 ? -10.879 -6.493  6.918   1.000 22.449 0 103 ASN AAA CA  1 ? 
ATOM   839  C  C   . ASN A 1 103 ? -10.818 -5.493  5.767   1.000 17.398 0 103 ASN AAA C   1 ? 
ATOM   840  O  O   . ASN A 1 103 ? -10.977 -4.281  6.056   1.000 16.939 0 103 ASN AAA O   1 ? 
ATOM   841  C  CB  . ASN A 1 103 ? -9.976  -6.133  8.107   1.000 28.152 0 103 ASN AAA CB  1 ? 
ATOM   842  C  CG  . ASN A 1 103 ? -10.255 -7.029  9.315   1.000 31.843 0 103 ASN AAA CG  1 ? 
ATOM   843  O  OD1 . ASN A 1 103 ? -11.406 -7.271  9.676   1.000 35.758 0 103 ASN AAA OD1 1 ? 
ATOM   844  N  ND2 . ASN A 1 103 ? -9.215  -7.524  9.952   1.000 38.880 0 103 ASN AAA ND2 1 ? 
ATOM   845  N  N   . GLY A 1 104 ? -10.645 -5.899  4.542   1.000 17.021 0 104 GLY AAA N   1 ? 
ATOM   846  C  CA  . GLY A 1 104 ? -10.613 -4.979  3.420   1.000 16.971 0 104 GLY AAA CA  1 ? 
ATOM   847  C  C   . GLY A 1 104 ? -9.552  -3.927  3.639   1.000 16.385 0 104 GLY AAA C   1 ? 
ATOM   848  O  O   . GLY A 1 104 ? -8.469  -4.228  4.174   1.000 16.792 0 104 GLY AAA O   1 ? 
ATOM   849  N  N   . MET A 1 105 ? -9.835  -2.701  3.228   1.000 14.522 0 105 MET AAA N   1 ? 
ATOM   850  C  CA  . MET A 1 105 ? -8.822  -1.614  3.330   1.000 14.269 0 105 MET AAA CA  1 ? 
ATOM   851  C  C   . MET A 1 105 ? -8.677  -1.116  4.761   1.000 14.049 0 105 MET AAA C   1 ? 
ATOM   852  O  O   . MET A 1 105 ? -7.743  -0.320  5.003   1.000 14.399 0 105 MET AAA O   1 ? 
ATOM   853  C  CB  . MET A 1 105 ? -9.092  -0.479  2.358   1.000 13.832 0 105 MET AAA CB  1 ? 
ATOM   854  C  CG  . MET A 1 105 ? -8.759  -0.878  0.920   1.000 15.117 0 105 MET AAA CG  1 ? 
ATOM   855  S  SD  . MET A 1 105 ? -8.633  0.531   -0.207  1.000 15.994 0 105 MET AAA SD  1 ? 
ATOM   856  C  CE  . MET A 1 105 ? -7.033  1.215   0.221   1.000 15.328 0 105 MET AAA CE  1 ? 
ATOM   857  N  N   . ASN A 1 106 ? -9.464  -1.579  5.730   1.000 15.048 0 106 ASN AAA N   1 ? 
ATOM   858  C  CA  . ASN A 1 106 ? -9.257  -1.209  7.152   1.000 15.052 0 106 ASN AAA CA  1 ? 
ATOM   859  C  C   . ASN A 1 106 ? -7.887  -1.677  7.633   1.000 16.057 0 106 ASN AAA C   1 ? 
ATOM   860  O  O   . ASN A 1 106 ? -7.460  -1.124  8.677   1.000 18.056 0 106 ASN AAA O   1 ? 
ATOM   861  C  CB  . ASN A 1 106 ? -10.379 -1.711  8.056   1.000 15.520 0 106 ASN AAA CB  1 ? 
ATOM   862  C  CG  . ASN A 1 106 ? -11.712 -1.117  7.644   1.000 16.341 0 106 ASN AAA CG  1 ? 
ATOM   863  O  OD1 . ASN A 1 106 ? -11.956 0.075   7.845   1.000 16.781 0 106 ASN AAA OD1 1 ? 
ATOM   864  N  ND2 . ASN A 1 106 ? -12.588 -1.941  7.052   1.000 18.473 0 106 ASN AAA ND2 1 ? 
ATOM   865  N  N   . ALA A 1 107 ? -7.281  -2.638  6.949   1.000 16.977 0 107 ALA AAA N   1 ? 
ATOM   866  C  CA  . ALA A 1 107 ? -5.901  -3.053  7.290   1.000 18.600 0 107 ALA AAA CA  1 ? 
ATOM   867  C  C   . ALA A 1 107 ? -4.938  -1.850  7.282   1.000 17.629 0 107 ALA AAA C   1 ? 
ATOM   868  O  O   . ALA A 1 107 ? -3.972  -1.809  8.057   1.000 19.873 0 107 ALA AAA O   1 ? 
ATOM   869  C  CB  . ALA A 1 107 ? -5.416  -4.110  6.351   1.000 19.165 0 107 ALA AAA CB  1 ? 
ATOM   870  N  N   . TRP A 1 108 ? -5.204  -0.822  6.459   1.000 15.986 0 108 TRP AAA N   1 ? 
ATOM   871  C  CA  . TRP A 1 108 ? -4.381  0.408   6.347   1.000 16.037 0 108 TRP AAA CA  1 ? 
ATOM   872  C  C   . TRP A 1 108 ? -4.984  1.461   7.259   1.000 17.856 0 108 TRP AAA C   1 ? 
ATOM   873  O  O   . TRP A 1 108 ? -6.070  2.012   6.977   1.000 16.825 0 108 TRP AAA O   1 ? 
ATOM   874  C  CB  . TRP A 1 108 ? -4.308  0.918   4.923   1.000 15.775 0 108 TRP AAA CB  1 ? 
ATOM   875  C  CG  . TRP A 1 108 ? -3.466  0.044   4.067   1.000 15.426 0 108 TRP AAA CG  1 ? 
ATOM   876  C  CD1 . TRP A 1 108 ? -2.097  0.120   3.957   1.000 16.545 0 108 TRP AAA CD1 1 ? 
ATOM   877  C  CD2 . TRP A 1 108 ? -3.855  -1.043  3.211   1.000 14.845 0 108 TRP AAA CD2 1 ? 
ATOM   878  N  NE1 . TRP A 1 108 ? -1.660  -0.826  3.101   1.000 17.311 0 108 TRP AAA NE1 1 ? 
ATOM   879  C  CE2 . TRP A 1 108 ? -2.699  -1.590  2.639   1.000 15.442 0 108 TRP AAA CE2 1 ? 
ATOM   880  C  CE3 . TRP A 1 108 ? -5.088  -1.645  2.922   1.000 15.501 0 108 TRP AAA CE3 1 ? 
ATOM   881  C  CZ2 . TRP A 1 108 ? -2.735  -2.642  1.743   1.000 16.193 0 108 TRP AAA CZ2 1 ? 
ATOM   882  C  CZ3 . TRP A 1 108 ? -5.122  -2.713  2.049   1.000 16.607 0 108 TRP AAA CZ3 1 ? 
ATOM   883  C  CH2 . TRP A 1 108 ? -3.960  -3.205  1.456   1.000 15.761 0 108 TRP AAA CH2 1 ? 
ATOM   884  N  N   . VAL A 1 109 ? -4.321  1.716   8.369   1.000 20.742 0 109 VAL AAA N   1 ? 
ATOM   885  C  CA  . VAL A 1 109 ? -4.838  2.654   9.404   1.000 22.169 0 109 VAL AAA CA  1 ? 
ATOM   886  C  C   . VAL A 1 109 ? -4.997  4.026   8.759   1.000 17.223 0 109 VAL AAA C   1 ? 
ATOM   887  O  O   . VAL A 1 109 ? -6.010  4.690   9.101   1.000 21.060 0 109 VAL AAA O   1 ? 
ATOM   888  C  CB  A VAL A 1 109 ? -3.798  2.730   10.553  0.520 22.294 0 109 VAL AAA CB  1 ? 
ATOM   889  C  CB  B VAL A 1 109 ? -4.003  2.652   10.701  0.480 24.691 0 109 VAL AAA CB  1 ? 
ATOM   890  C  CG1 A VAL A 1 109 ? -4.008  3.910   11.482  0.520 20.851 0 109 VAL AAA CG1 1 ? 
ATOM   891  C  CG1 B VAL A 1 109 ? -2.657  3.329   10.545  0.480 26.582 0 109 VAL AAA CG1 1 ? 
ATOM   892  C  CG2 A VAL A 1 109 ? -3.680  1.428   11.333  0.520 24.532 0 109 VAL AAA CG2 1 ? 
ATOM   893  C  CG2 B VAL A 1 109 ? -4.799  3.232   11.858  0.480 26.177 0 109 VAL AAA CG2 1 ? 
ATOM   894  N  N   . ALA A 1 110 ? -4.101  4.484   7.922   1.000 19.709 0 110 ALA AAA N   1 ? 
ATOM   895  C  CA  . ALA A 1 110 ? -4.261  5.824   7.313   1.000 19.420 0 110 ALA AAA CA  1 ? 
ATOM   896  C  C   . ALA A 1 110 ? -5.495  5.788   6.390   1.000 18.895 0 110 ALA AAA C   1 ? 
ATOM   897  O  O   . ALA A 1 110 ? -6.166  6.818   6.292   1.000 18.215 0 110 ALA AAA O   1 ? 
ATOM   898  C  CB  . ALA A 1 110 ? -3.076  6.275   6.557   1.000 20.498 0 110 ALA AAA CB  1 ? 
ATOM   899  N  N   . TRP A 1 111 ? -5.818  4.672   5.727   1.000 16.261 0 111 TRP AAA N   1 ? 
ATOM   900  C  CA  . TRP A 1 111 ? -7.042  4.644   4.897   1.000 15.210 0 111 TRP AAA CA  1 ? 
ATOM   901  C  C   . TRP A 1 111 ? -8.270  4.802   5.776   1.000 14.175 0 111 TRP AAA C   1 ? 
ATOM   902  O  O   . TRP A 1 111 ? -9.116  5.636   5.452   1.000 14.835 0 111 TRP AAA O   1 ? 
ATOM   903  C  CB  . TRP A 1 111 ? -7.144  3.397   4.045   1.000 15.230 0 111 TRP AAA CB  1 ? 
ATOM   904  C  CG  . TRP A 1 111 ? -8.395  3.365   3.231   1.000 15.216 0 111 TRP AAA CG  1 ? 
ATOM   905  C  CD1 . TRP A 1 111 ? -8.630  3.981   2.025   1.000 15.393 0 111 TRP AAA CD1 1 ? 
ATOM   906  C  CD2 . TRP A 1 111 ? -9.634  2.760   3.611   1.000 14.537 0 111 TRP AAA CD2 1 ? 
ATOM   907  N  NE1 . TRP A 1 111 ? -9.914  3.750   1.646   1.000 14.502 0 111 TRP AAA NE1 1 ? 
ATOM   908  C  CE2 . TRP A 1 111 ? -10.576 3.074   2.608   1.000 14.193 0 111 TRP AAA CE2 1 ? 
ATOM   909  C  CE3 . TRP A 1 111 ? -10.058 2.019   4.712   1.000 15.165 0 111 TRP AAA CE3 1 ? 
ATOM   910  C  CZ2 . TRP A 1 111 ? -11.876 2.569   2.640   1.000 15.713 0 111 TRP AAA CZ2 1 ? 
ATOM   911  C  CZ3 . TRP A 1 111 ? -11.332 1.532   4.734   1.000 16.011 0 111 TRP AAA CZ3 1 ? 
ATOM   912  C  CH2 . TRP A 1 111 ? -12.248 1.813   3.728   1.000 16.356 0 111 TRP AAA CH2 1 ? 
ATOM   913  N  N   . ARG A 1 112 ? -8.387  4.012   6.852   1.000 15.023 0 112 ARG AAA N   1 ? 
ATOM   914  C  CA  . ARG A 1 112 ? -9.557  4.075   7.733   1.000 17.663 0 112 ARG AAA CA  1 ? 
ATOM   915  C  C   . ARG A 1 112 ? -9.689  5.500   8.301   1.000 16.088 0 112 ARG AAA C   1 ? 
ATOM   916  O  O   . ARG A 1 112 ? -10.804 6.004   8.322   1.000 18.131 0 112 ARG AAA O   1 ? 
ATOM   917  C  CB  . ARG A 1 112 ? -9.428  3.061   8.874   1.000 22.470 0 112 ARG AAA CB  1 ? 
ATOM   918  C  CG  . ARG A 1 112 ? -10.679 2.999   9.733   1.000 30.358 0 112 ARG AAA CG  1 ? 
ATOM   919  C  CD  . ARG A 1 112 ? -10.641 1.891   10.780  1.000 32.153 0 112 ARG AAA CD  1 ? 
ATOM   920  N  NE  . ARG A 1 112 ? -9.327  1.294   10.781  1.000 39.990 0 112 ARG AAA NE  1 ? 
ATOM   921  C  CZ  . ARG A 1 112 ? -8.394  1.360   11.728  1.000 47.047 0 112 ARG AAA CZ  1 ? 
ATOM   922  N  NH1 . ARG A 1 112 ? -8.589  2.008   12.868  1.000 51.934 0 112 ARG AAA NH1 1 ? 
ATOM   923  N  NH2 . ARG A 1 112 ? -7.255  0.711   11.528  1.000 46.687 0 112 ARG AAA NH2 1 ? 
ATOM   924  N  N   . ASN A 1 113 ? -8.601  6.098   8.725   1.000 15.719 0 113 ASN AAA N   1 ? 
ATOM   925  C  CA  . ASN A 1 113 ? -8.707  7.408   9.449   1.000 16.877 0 113 ASN AAA CA  1 ? 
ATOM   926  C  C   . ASN A 1 113 ? -8.751  8.619   8.517   1.000 19.266 0 113 ASN AAA C   1 ? 
ATOM   927  O  O   . ASN A 1 113 ? -9.179  9.689   8.976   1.000 19.759 0 113 ASN AAA O   1 ? 
ATOM   928  C  CB  . ASN A 1 113 ? -7.607  7.503   10.492  1.000 18.108 0 113 ASN AAA CB  1 ? 
ATOM   929  C  CG  . ASN A 1 113 ? -7.839  6.537   11.625  1.000 19.121 0 113 ASN AAA CG  1 ? 
ATOM   930  O  OD1 . ASN A 1 113 ? -8.973  6.293   11.972  1.000 21.421 0 113 ASN AAA OD1 1 ? 
ATOM   931  N  ND2 . ASN A 1 113 ? -6.744  6.092   12.227  1.000 21.679 0 113 ASN AAA ND2 1 ? 
ATOM   932  N  N   . ARG A 1 114 ? -8.321  8.511   7.274   1.000 18.023 0 114 ARG AAA N   1 ? 
ATOM   933  C  CA  . ARG A 1 114 ? -8.153  9.705   6.413   1.000 18.384 0 114 ARG AAA CA  1 ? 
ATOM   934  C  C   . ARG A 1 114 ? -8.850  9.588   5.071   1.000 18.050 0 114 ARG AAA C   1 ? 
ATOM   935  O  O   . ARG A 1 114 ? -9.078  10.654  4.459   1.000 18.662 0 114 ARG AAA O   1 ? 
ATOM   936  C  CB  . ARG A 1 114 ? -6.691  10.008  6.249   1.000 18.981 0 114 ARG AAA CB  1 ? 
ATOM   937  C  CG  . ARG A 1 114 ? -6.092  10.148  7.645   1.000 20.232 0 114 ARG AAA CG  1 ? 
ATOM   938  C  CD  . ARG A 1 114 ? -4.686  10.529  7.621   1.000 21.515 0 114 ARG AAA CD  1 ? 
ATOM   939  N  NE  . ARG A 1 114 ? -4.495  11.899  7.220   1.000 20.028 0 114 ARG AAA NE  1 ? 
ATOM   940  C  CZ  . ARG A 1 114 ? -3.305  12.462  7.154   1.000 19.746 0 114 ARG AAA CZ  1 ? 
ATOM   941  N  NH1 . ARG A 1 114 ? -2.223  11.743  7.401   1.000 19.301 0 114 ARG AAA NH1 1 ? 
ATOM   942  N  NH2 . ARG A 1 114 ? -3.230  13.703  6.744   1.000 19.470 0 114 ARG AAA NH2 1 ? 
ATOM   943  N  N   . CYS A 1 115 ? -9.235  8.406   4.645   1.000 16.541 0 115 CYS AAA N   1 ? 
ATOM   944  C  CA  . CYS A 1 115 ? -9.797  8.229   3.285   1.000 14.927 0 115 CYS AAA CA  1 ? 
ATOM   945  C  C   . CYS A 1 115 ? -11.223 7.700   3.355   1.000 15.925 0 115 CYS AAA C   1 ? 
ATOM   946  O  O   . CYS A 1 115 ? -12.111 8.144   2.589   1.000 17.212 0 115 CYS AAA O   1 ? 
ATOM   947  C  CB  . CYS A 1 115 ? -8.936  7.255   2.495   1.000 15.801 0 115 CYS AAA CB  1 ? 
ATOM   948  S  SG  . CYS A 1 115 ? -7.223  7.805   2.292   1.000 16.073 0 115 CYS AAA SG  1 ? 
ATOM   949  N  N   . LYS A 1 116 ? -11.475 6.719   4.221   1.000 15.106 0 116 LYS AAA N   1 ? 
ATOM   950  C  CA  . LYS A 1 116 ? -12.816 6.081   4.370   1.000 16.871 0 116 LYS AAA CA  1 ? 
ATOM   951  C  C   . LYS A 1 116 ? -13.882 7.142   4.645   1.000 16.869 0 116 LYS AAA C   1 ? 
ATOM   952  O  O   . LYS A 1 116 ? -13.666 7.996   5.482   1.000 18.964 0 116 LYS AAA O   1 ? 
ATOM   953  C  CB  . LYS A 1 116 ? -12.694 5.046   5.494   1.000 16.551 0 116 LYS AAA CB  1 ? 
ATOM   954  C  CG  . LYS A 1 116 ? -13.898 4.167   5.727   1.000 17.478 0 116 LYS AAA CG  1 ? 
ATOM   955  C  CD  . LYS A 1 116 ? -13.719 3.235   6.898   1.000 16.729 0 116 LYS AAA CD  1 ? 
ATOM   956  C  CE  . LYS A 1 116 ? -14.857 2.242   7.026   1.000 18.683 0 116 LYS AAA CE  1 ? 
ATOM   957  N  NZ  . LYS A 1 116 ? -14.628 1.235   8.088   1.000 18.991 0 116 LYS AAA NZ  1 ? 
ATOM   958  N  N   . GLY A 1 117 ? -14.979 7.108   3.882   1.000 20.034 0 117 GLY AAA N   1 ? 
ATOM   959  C  CA  . GLY A 1 117 ? -16.110 8.022   4.085   1.000 21.933 0 117 GLY AAA CA  1 ? 
ATOM   960  C  C   . GLY A 1 117 ? -15.852 9.404   3.507   1.000 24.235 0 117 GLY AAA C   1 ? 
ATOM   961  O  O   . GLY A 1 117 ? -16.618 10.322  3.867   1.000 29.952 0 117 GLY AAA O   1 ? 
ATOM   962  N  N   . THR A 1 118 ? -14.805 9.595   2.720   1.000 21.109 0 118 THR AAA N   1 ? 
ATOM   963  C  CA  . THR A 1 118 ? -14.480 10.888  2.084   1.000 21.199 0 118 THR AAA CA  1 ? 
ATOM   964  C  C   . THR A 1 118 ? -14.705 10.769  0.581   1.000 20.479 0 118 THR AAA C   1 ? 
ATOM   965  O  O   . THR A 1 118 ? -14.865 9.687   0.049   1.000 20.216 0 118 THR AAA O   1 ? 
ATOM   966  C  CB  . THR A 1 118 ? -13.048 11.366  2.385   1.000 21.355 0 118 THR AAA CB  1 ? 
ATOM   967  O  OG1 . THR A 1 118 ? -12.104 10.608  1.628   1.000 18.666 0 118 THR AAA OG1 1 ? 
ATOM   968  C  CG2 . THR A 1 118 ? -12.650 11.301  3.849   1.000 23.169 0 118 THR AAA CG2 1 ? 
ATOM   969  N  N   A ASP A 1 119 ? -14.538 11.903  -0.105  0.500 20.574 0 119 ASP AAA N   1 ? 
ATOM   970  N  N   B ASP A 1 119 ? -14.786 11.899  -0.126  0.500 23.843 0 119 ASP AAA N   1 ? 
ATOM   971  C  CA  A ASP A 1 119 ? -14.754 12.063  -1.557  0.500 21.252 0 119 ASP AAA CA  1 ? 
ATOM   972  C  CA  B ASP A 1 119 ? -14.877 11.875  -1.603  0.500 26.091 0 119 ASP AAA CA  1 ? 
ATOM   973  C  C   A ASP A 1 119 ? -13.477 11.572  -2.267  0.500 21.623 0 119 ASP AAA C   1 ? 
ATOM   974  C  C   B ASP A 1 119 ? -13.481 11.560  -2.119  0.500 24.659 0 119 ASP AAA C   1 ? 
ATOM   975  O  O   A ASP A 1 119 ? -12.768 12.390  -2.876  0.500 21.344 0 119 ASP AAA O   1 ? 
ATOM   976  O  O   B ASP A 1 119 ? -12.720 12.512  -2.365  0.500 24.859 0 119 ASP AAA O   1 ? 
ATOM   977  C  CB  A ASP A 1 119 ? -15.212 13.509  -1.814  0.500 21.239 0 119 ASP AAA CB  1 ? 
ATOM   978  C  CB  B ASP A 1 119 ? -15.345 13.177  -2.247  0.500 30.503 0 119 ASP AAA CB  1 ? 
ATOM   979  C  CG  A ASP A 1 119 ? -16.687 13.750  -1.461  0.500 22.971 0 119 ASP AAA CG  1 ? 
ATOM   980  C  CG  B ASP A 1 119 ? -15.369 13.040  -3.758  0.500 32.891 0 119 ASP AAA CG  1 ? 
ATOM   981  O  OD1 A ASP A 1 119 ? -17.476 12.797  -1.580  0.500 24.085 0 119 ASP AAA OD1 1 ? 
ATOM   982  O  OD1 B ASP A 1 119 ? -15.594 11.888  -4.242  0.500 36.133 0 119 ASP AAA OD1 1 ? 
ATOM   983  O  OD2 A ASP A 1 119 ? -17.069 14.914  -1.121  0.500 21.508 0 119 ASP AAA OD2 1 ? 
ATOM   984  O  OD2 B ASP A 1 119 ? -15.150 14.071  -4.446  0.500 39.781 0 119 ASP AAA OD2 1 ? 
ATOM   985  N  N   . VAL A 1 120 ? -13.177 10.267  -2.217  1.000 23.394 0 120 VAL AAA N   1 ? 
ATOM   986  C  CA  . VAL A 1 120 ? -11.843 9.782   -2.668  1.000 24.199 0 120 VAL AAA CA  1 ? 
ATOM   987  C  C   . VAL A 1 120 ? -11.690 10.011  -4.175  1.000 26.485 0 120 VAL AAA C   1 ? 
ATOM   988  O  O   . VAL A 1 120 ? -10.577 9.943   -4.657  1.000 24.044 0 120 VAL AAA O   1 ? 
ATOM   989  C  CB  . VAL A 1 120 ? -11.606 8.313   -2.295  1.000 23.076 0 120 VAL AAA CB  1 ? 
ATOM   990  C  CG1 . VAL A 1 120 ? -11.451 8.138   -0.795  1.000 24.495 0 120 VAL AAA CG1 1 ? 
ATOM   991  C  CG2 . VAL A 1 120 ? -12.712 7.416   -2.840  1.000 24.405 0 120 VAL AAA CG2 1 ? 
ATOM   992  N  N   . GLN A 1 121 ? -12.775 10.220  -4.922  1.000 26.822 0 121 GLN AAA N   1 ? 
ATOM   993  C  CA  . GLN A 1 121 ? -12.645 10.428  -6.391  1.000 28.974 0 121 GLN AAA CA  1 ? 
ATOM   994  C  C   . GLN A 1 121 ? -11.807 11.691  -6.638  1.000 26.095 0 121 GLN AAA C   1 ? 
ATOM   995  O  O   . GLN A 1 121 ? -11.157 11.773  -7.701  1.000 28.191 0 121 GLN AAA O   1 ? 
ATOM   996  C  CB  . GLN A 1 121 ? -14.024 10.437  -7.069  1.000 34.186 0 121 GLN AAA CB  1 ? 
ATOM   997  C  CG  . GLN A 1 121 ? -13.937 10.593  -8.590  1.000 43.993 0 121 GLN AAA CG  1 ? 
ATOM   998  C  CD  . GLN A 1 121 ? -14.687 9.574   -9.420  1.000 56.779 0 121 GLN AAA CD  1 ? 
ATOM   999  O  OE1 . GLN A 1 121 ? -14.294 9.265   -10.547 1.000 63.880 0 121 GLN AAA OE1 1 ? 
ATOM   1000 N  NE2 . GLN A 1 121 ? -15.769 9.029   -8.880  1.000 63.312 0 121 GLN AAA NE2 1 ? 
ATOM   1001 N  N   . ALA A 1 122 ? -11.743 12.615  -5.686  1.000 23.174 0 122 ALA AAA N   1 ? 
ATOM   1002 C  CA  . ALA A 1 122 ? -10.895 13.831  -5.783  1.000 24.779 0 122 ALA AAA CA  1 ? 
ATOM   1003 C  C   . ALA A 1 122 ? -9.431  13.430  -6.073  1.000 25.398 0 122 ALA AAA C   1 ? 
ATOM   1004 O  O   . ALA A 1 122 ? -8.683  14.186  -6.701  1.000 24.483 0 122 ALA AAA O   1 ? 
ATOM   1005 C  CB  . ALA A 1 122 ? -10.996 14.693  -4.559  1.000 27.598 0 122 ALA AAA CB  1 ? 
ATOM   1006 N  N   . TRP A 1 123 ? -8.974  12.285  -5.544  1.000 22.163 0 123 TRP AAA N   1 ? 
ATOM   1007 C  CA  . TRP A 1 123 ? -7.564  11.855  -5.720  1.000 20.782 0 123 TRP AAA CA  1 ? 
ATOM   1008 C  C   . TRP A 1 123 ? -7.219  11.535  -7.173  1.000 22.493 0 123 TRP AAA C   1 ? 
ATOM   1009 O  O   . TRP A 1 123 ? -6.033  11.517  -7.451  1.000 22.856 0 123 TRP AAA O   1 ? 
ATOM   1010 C  CB  . TRP A 1 123 ? -7.218  10.685  -4.777  1.000 20.642 0 123 TRP AAA CB  1 ? 
ATOM   1011 C  CG  . TRP A 1 123 ? -7.163  11.150  -3.364  1.000 20.708 0 123 TRP AAA CG  1 ? 
ATOM   1012 C  CD1 . TRP A 1 123 ? -8.191  11.118  -2.456  1.000 22.084 0 123 TRP AAA CD1 1 ? 
ATOM   1013 C  CD2 . TRP A 1 123 ? -6.169  12.008  -2.785  1.000 20.780 0 123 TRP AAA CD2 1 ? 
ATOM   1014 N  NE1 . TRP A 1 123 ? -7.831  11.746  -1.313  1.000 21.944 0 123 TRP AAA NE1 1 ? 
ATOM   1015 C  CE2 . TRP A 1 123 ? -6.607  12.311  -1.476  1.000 21.549 0 123 TRP AAA CE2 1 ? 
ATOM   1016 C  CE3 . TRP A 1 123 ? -4.897  12.439  -3.183  1.000 22.670 0 123 TRP AAA CE3 1 ? 
ATOM   1017 C  CZ2 . TRP A 1 123 ? -5.850  13.077  -0.587  1.000 24.498 0 123 TRP AAA CZ2 1 ? 
ATOM   1018 C  CZ3 . TRP A 1 123 ? -4.154  13.216  -2.313  1.000 23.965 0 123 TRP AAA CZ3 1 ? 
ATOM   1019 C  CH2 . TRP A 1 123 ? -4.640  13.542  -1.040  1.000 26.307 0 123 TRP AAA CH2 1 ? 
ATOM   1020 N  N   . ILE A 1 124 ? -8.189  11.252  -8.048  1.000 23.433 0 124 ILE AAA N   1 ? 
ATOM   1021 C  CA  . ILE A 1 124 ? -7.863  10.947  -9.475  1.000 23.041 0 124 ILE AAA CA  1 ? 
ATOM   1022 C  C   . ILE A 1 124 ? -8.394  12.045  -10.395 1.000 23.939 0 124 ILE AAA C   1 ? 
ATOM   1023 O  O   . ILE A 1 124 ? -8.297  11.841  -11.621 1.000 26.121 0 124 ILE AAA O   1 ? 
ATOM   1024 C  CB  . ILE A 1 124 ? -8.400  9.569   -9.871  1.000 26.300 0 124 ILE AAA CB  1 ? 
ATOM   1025 C  CG1 . ILE A 1 124 ? -9.915  9.485   -9.689  1.000 29.094 0 124 ILE AAA CG1 1 ? 
ATOM   1026 C  CG2 . ILE A 1 124 ? -7.663  8.510   -9.078  1.000 26.068 0 124 ILE AAA CG2 1 ? 
ATOM   1027 C  CD1 . ILE A 1 124 ? -10.577 8.416   -10.542 1.000 34.372 0 124 ILE AAA CD1 1 ? 
ATOM   1028 N  N   . ARG A 1 125 ? -8.799  13.171  -9.830  1.000 25.294 0 125 ARG AAA N   1 ? 
ATOM   1029 C  CA  . ARG A 1 125 ? -9.429  14.252  -10.650 1.000 31.357 0 125 ARG AAA CA  1 ? 
ATOM   1030 C  C   . ARG A 1 125 ? -8.327  14.849  -11.530 1.000 32.175 0 125 ARG AAA C   1 ? 
ATOM   1031 O  O   . ARG A 1 125 ? -7.223  15.066  -11.033 1.000 33.577 0 125 ARG AAA O   1 ? 
ATOM   1032 C  CB  . ARG A 1 125 ? -10.134 15.243  -9.723  1.000 35.133 0 125 ARG AAA CB  1 ? 
ATOM   1033 C  CG  . ARG A 1 125 ? -9.221  16.294  -9.106  1.000 46.852 0 125 ARG AAA CG  1 ? 
ATOM   1034 C  CD  . ARG A 1 125 ? -9.240  17.595  -9.892  1.000 55.726 0 125 ARG AAA CD  1 ? 
ATOM   1035 N  NE  . ARG A 1 125 ? -8.140  18.482  -9.521  1.000 65.180 0 125 ARG AAA NE  1 ? 
ATOM   1036 C  CZ  . ARG A 1 125 ? -7.227  18.984  -10.357 1.000 74.288 0 125 ARG AAA CZ  1 ? 
ATOM   1037 N  NH1 . ARG A 1 125 ? -7.261  18.712  -11.654 1.000 75.383 0 125 ARG AAA NH1 1 ? 
ATOM   1038 N  NH2 . ARG A 1 125 ? -6.284  19.784  -9.888  1.000 81.772 0 125 ARG AAA NH2 1 ? 
ATOM   1039 N  N   . GLY A 1 126 ? -8.586  15.028  -12.835 1.000 31.662 0 126 GLY AAA N   1 ? 
ATOM   1040 C  CA  . GLY A 1 126 ? -7.574  15.575  -13.756 1.000 31.785 0 126 GLY AAA CA  1 ? 
ATOM   1041 C  C   . GLY A 1 126 ? -6.724  14.516  -14.437 1.000 33.137 0 126 GLY AAA C   1 ? 
ATOM   1042 O  O   . GLY A 1 126 ? -6.118  14.814  -15.461 1.000 33.730 0 126 GLY AAA O   1 ? 
ATOM   1043 N  N   . CYS A 1 127 ? -6.671  13.295  -13.929 1.000 26.743 0 127 CYS AAA N   1 ? 
ATOM   1044 C  CA  . CYS A 1 127 ? -5.727  12.266  -14.410 1.000 28.238 0 127 CYS AAA CA  1 ? 
ATOM   1045 C  C   . CYS A 1 127 ? -6.252  11.592  -15.676 1.000 29.591 0 127 CYS AAA C   1 ? 
ATOM   1046 O  O   . CYS A 1 127 ? -7.443  11.226  -15.754 1.000 26.869 0 127 CYS AAA O   1 ? 
ATOM   1047 C  CB  . CYS A 1 127 ? -5.506  11.179  -13.360 1.000 26.239 0 127 CYS AAA CB  1 ? 
ATOM   1048 S  SG  . CYS A 1 127 ? -4.900  11.803  -11.770 1.000 27.938 0 127 CYS AAA SG  1 ? 
ATOM   1049 N  N   . ARG A 1 128 ? -5.364  11.440  -16.651 1.000 30.317 0 128 ARG AAA N   1 ? 
ATOM   1050 C  CA  . ARG A 1 128 ? -5.639  10.696  -17.896 1.000 35.103 0 128 ARG AAA CA  1 ? 
ATOM   1051 C  C   . ARG A 1 128 ? -5.509  9.200   -17.635 1.000 39.292 0 128 ARG AAA C   1 ? 
ATOM   1052 O  O   . ARG A 1 128 ? -4.356  8.704   -17.614 1.000 51.337 0 128 ARG AAA O   1 ? 
ATOM   1053 C  CB  . ARG A 1 128 ? -4.649  11.183  -18.950 1.000 38.887 0 128 ARG AAA CB  1 ? 
ATOM   1054 C  CG  . ARG A 1 128 ? -5.302  11.555  -20.259 1.000 42.034 0 128 ARG AAA CG  1 ? 
ATOM   1055 C  CD  . ARG A 1 128 ? -4.308  12.186  -21.200 1.000 44.619 0 128 ARG AAA CD  1 ? 
ATOM   1056 N  NE  . ARG A 1 128 ? -3.076  12.720  -20.629 1.000 47.776 0 128 ARG AAA NE  1 ? 
ATOM   1057 C  CZ  . ARG A 1 128 ? -2.648  13.982  -20.746 1.000 49.560 0 128 ARG AAA CZ  1 ? 
ATOM   1058 N  NH1 . ARG A 1 128 ? -3.368  14.898  -21.377 1.000 57.775 0 128 ARG AAA NH1 1 ? 
ATOM   1059 N  NH2 . ARG A 1 128 ? -1.486  14.333  -20.226 1.000 51.905 0 128 ARG AAA NH2 1 ? 
ATOM   1060 N  N   . LEU A 1 129 ? -6.636  8.501   -17.452 1.000 36.389 0 129 LEU AAA N   1 ? 
ATOM   1061 C  CA  . LEU A 1 129 ? -6.642  7.068   -17.046 1.000 40.558 0 129 LEU AAA CA  1 ? 
ATOM   1062 C  C   . LEU A 1 129 ? -7.271  6.204   -18.144 1.000 43.525 0 129 LEU AAA C   1 ? 
ATOM   1063 O  O   . LEU A 1 129 ? -7.143  4.971   -18.020 1.000 46.069 0 129 LEU AAA O   1 ? 
ATOM   1064 C  CB  . LEU A 1 129 ? -7.405  6.912   -15.727 1.000 41.412 0 129 LEU AAA CB  1 ? 
ATOM   1065 C  CG  . LEU A 1 129 ? -6.591  6.895   -14.430 1.000 46.372 0 129 LEU AAA CG  1 ? 
ATOM   1066 C  CD1 . LEU A 1 129 ? -5.100  7.101   -14.647 1.000 48.553 0 129 LEU AAA CD1 1 ? 
ATOM   1067 C  CD2 . LEU A 1 129 ? -7.137  7.928   -13.463 1.000 45.256 0 129 LEU AAA CD2 1 ? 
ATOM   1068 O  OXT . LEU A 1 129 ? -7.887  6.679   -19.110 1.000 45.351 0 129 LEU AAA OXT 1 ? 
HETATM 1069 NA NA  . NA  B 2 .   ? 7.698   -10.973 8.659   1.000 26.168 0 201 NA  AAA NA  1 ? 
HETATM 1070 N  N   . NO3 C 3 .   ? 11.097  -11.210 9.712   1.000 40.264 0 202 NO3 AAA N   1 ? 
HETATM 1071 O  O1  . NO3 C 3 .   ? 10.774  -12.400 9.782   1.000 37.857 0 202 NO3 AAA O1  1 ? 
HETATM 1072 O  O2  . NO3 C 3 .   ? 12.146  -10.897 10.267  1.000 35.038 0 202 NO3 AAA O2  1 ? 
HETATM 1073 O  O3  . NO3 C 3 .   ? 10.384  -10.349 9.075   1.000 31.233 0 202 NO3 AAA O3  1 ? 
HETATM 1074 N  N   . NO3 D 3 .   ? 4.886   0.614   -11.884 0.500 24.515 0 203 NO3 AAA N   1 ? 
HETATM 1075 O  O1  . NO3 D 3 .   ? 4.405   -0.481  -11.840 0.500 26.479 0 203 NO3 AAA O1  1 ? 
HETATM 1076 O  O2  . NO3 D 3 .   ? 4.626   1.353   -12.811 0.500 29.700 0 203 NO3 AAA O2  1 ? 
HETATM 1077 O  O3  . NO3 D 3 .   ? 5.677   0.941   -11.040 0.500 20.719 0 203 NO3 AAA O3  1 ? 
HETATM 1078 N  N   . NO3 E 3 .   ? -12.334 6.905   -7.827  1.000 36.730 0 204 NO3 AAA N   1 ? 
HETATM 1079 O  O1  . NO3 E 3 .   ? -11.647 6.059   -8.349  1.000 34.728 0 204 NO3 AAA O1  1 ? 
HETATM 1080 O  O2  . NO3 E 3 .   ? -12.256 7.086   -6.653  1.000 35.012 0 204 NO3 AAA O2  1 ? 
HETATM 1081 O  O3  . NO3 E 3 .   ? -13.190 7.520   -8.494  1.000 41.466 0 204 NO3 AAA O3  1 ? 
HETATM 1082 N  N   . NO3 F 3 .   ? -15.689 5.393   -2.982  1.000 43.248 0 205 NO3 AAA N   1 ? 
HETATM 1083 O  O1  . NO3 F 3 .   ? -15.749 4.825   -4.075  1.000 43.268 0 205 NO3 AAA O1  1 ? 
HETATM 1084 O  O2  . NO3 F 3 .   ? -15.098 4.870   -2.056  1.000 30.458 0 205 NO3 AAA O2  1 ? 
HETATM 1085 O  O3  . NO3 F 3 .   ? -16.281 6.463   -2.795  1.000 44.032 0 205 NO3 AAA O3  1 ? 
HETATM 1086 N  N   . NO3 G 3 .   ? 11.720  -13.896 1.836   1.000 55.940 0 206 NO3 AAA N   1 ? 
HETATM 1087 O  O1  . NO3 G 3 .   ? 12.733  -13.323 2.252   1.000 49.910 0 206 NO3 AAA O1  1 ? 
HETATM 1088 O  O2  . NO3 G 3 .   ? 11.340  -13.732 0.679   1.000 46.193 0 206 NO3 AAA O2  1 ? 
HETATM 1089 O  O3  . NO3 G 3 .   ? 11.077  -14.629 2.587   1.000 56.790 0 206 NO3 AAA O3  1 ? 
HETATM 1090 C  C11 A TZ6 H 4 .   ? -12.793 -17.635 14.190  0.500 28.609 0 207 TZ6 AAA C11 1 ? 
HETATM 1091 C  C12 A TZ6 H 4 .   ? -13.623 -17.386 13.138  0.500 31.280 0 207 TZ6 AAA C12 1 ? 
HETATM 1092 C  C13 A TZ6 H 4 .   ? -13.518 -16.191 12.474  0.500 30.801 0 207 TZ6 AAA C13 1 ? 
HETATM 1093 RU RU1 A TZ6 H 4 .   ? -11.767 -11.311 11.054  0.500 24.975 0 207 TZ6 AAA RU1 1 ? 
HETATM 1094 RU RU2 A TZ6 H 4 .   ? -10.745 -13.268 11.502  0.500 25.682 0 207 TZ6 AAA RU2 1 ? 
HETATM 1095 F  F1  A TZ6 H 4 .   ? -18.353 -9.224  12.271  0.500 35.932 0 207 TZ6 AAA F1  1 ? 
HETATM 1096 F  F2  A TZ6 H 4 .   ? -12.887 -18.806 14.858  0.500 28.837 0 207 TZ6 AAA F2  1 ? 
HETATM 1097 O  O3  A TZ6 H 4 .   ? -12.414 -12.036 9.262   0.500 26.623 0 207 TZ6 AAA O3  1 ? 
HETATM 1098 O  O1  A TZ6 H 4 .   ? -10.043 -10.561 10.193  0.500 20.501 0 207 TZ6 AAA O1  1 ? 
HETATM 1099 O  O2  A TZ6 H 4 .   ? -9.018  -12.408 10.838  0.500 26.141 0 207 TZ6 AAA O2  1 ? 
HETATM 1100 O  O4  A TZ6 H 4 .   ? -11.179 -13.867 9.595   0.500 25.201 0 207 TZ6 AAA O4  1 ? 
HETATM 1101 N  N1  A TZ6 H 4 .   ? -13.453 -11.924 12.000  0.500 27.832 0 207 TZ6 AAA N1  1 ? 
HETATM 1102 N  N2  A TZ6 H 4 .   ? -12.478 -14.002 12.193  0.500 25.733 0 207 TZ6 AAA N2  1 ? 
HETATM 1103 C  C2  A TZ6 H 4 .   ? -14.707 -11.224 12.057  0.500 32.005 0 207 TZ6 AAA C2  1 ? 
HETATM 1104 C  C3  A TZ6 H 4 .   ? -15.886 -11.770 11.549  0.500 33.126 0 207 TZ6 AAA C3  1 ? 
HETATM 1105 C  C4  A TZ6 H 4 .   ? -17.124 -11.128 11.593  0.500 33.500 0 207 TZ6 AAA C4  1 ? 
HETATM 1106 C  C7  A TZ6 H 4 .   ? -14.810 -9.956  12.621  0.500 33.955 0 207 TZ6 AAA C7  1 ? 
HETATM 1107 C  C1  A TZ6 H 4 .   ? -13.446 -13.144 12.493  0.500 30.081 0 207 TZ6 AAA C1  1 ? 
HETATM 1108 C  C6  A TZ6 H 4 .   ? -16.017 -9.300  12.677  0.500 37.012 0 207 TZ6 AAA C6  1 ? 
HETATM 1109 C  C5  A TZ6 H 4 .   ? -17.157 -9.884  12.192  0.500 35.138 0 207 TZ6 AAA C5  1 ? 
HETATM 1110 C  C8  A TZ6 H 4 .   ? -12.590 -15.255 12.879  0.500 28.938 0 207 TZ6 AAA C8  1 ? 
HETATM 1111 C  C10 A TZ6 H 4 .   ? -11.885 -16.724 14.608  0.500 28.333 0 207 TZ6 AAA C10 1 ? 
HETATM 1112 C  C9  A TZ6 H 4 .   ? -11.746 -15.520 13.957  0.500 24.642 0 207 TZ6 AAA C9  1 ? 
HETATM 1113 C  C15 A TZ6 H 4 .   ? -9.089  -11.402 10.088  0.500 23.558 0 207 TZ6 AAA C15 1 ? 
HETATM 1114 C  C16 A TZ6 H 4 .   ? -11.964 -13.155 8.878   0.500 27.347 0 207 TZ6 AAA C16 1 ? 
HETATM 1115 C  C14 A TZ6 H 4 .   ? -12.388 -13.600 7.528   0.500 27.662 0 207 TZ6 AAA C14 1 ? 
HETATM 1116 C  C17 A TZ6 H 4 .   ? -8.037  -11.225 9.044   0.500 27.562 0 207 TZ6 AAA C17 1 ? 
HETATM 1117 C  C11 B TZ6 I 4 .   ? -5.925  -18.077 10.133  0.400 50.511 0 208 TZ6 AAA C11 1 ? 
HETATM 1118 C  C12 B TZ6 I 4 .   ? -6.148  -17.469 11.330  0.400 51.867 0 208 TZ6 AAA C12 1 ? 
HETATM 1119 C  C13 B TZ6 I 4 .   ? -6.114  -16.101 11.410  0.400 52.414 0 208 TZ6 AAA C13 1 ? 
HETATM 1120 RU RU1 B TZ6 I 4 .   ? -5.720  -10.983 9.237   0.400 40.091 0 208 TZ6 AAA RU1 1 ? 
HETATM 1121 RU RU2 B TZ6 I 4 .   ? -6.296  -13.082 8.494   0.400 36.170 0 208 TZ6 AAA RU2 1 ? 
HETATM 1122 F  F1  B TZ6 I 4 .   ? -4.228  -8.259  15.105  0.400 53.498 0 208 TZ6 AAA F1  1 ? 
HETATM 1123 F  F2  B TZ6 I 4 .   ? -5.953  -19.418 10.072  0.400 48.350 0 208 TZ6 AAA F2  1 ? 
HETATM 1124 O  O3  B TZ6 I 4 .   ? -3.797  -11.489 8.830   0.400 38.819 0 208 TZ6 AAA O3  1 ? 
HETATM 1125 O  O1  B TZ6 I 4 .   ? -7.667  -10.553 9.651   0.400 35.994 0 208 TZ6 AAA O1  1 ? 
HETATM 1126 O  O2  B TZ6 I 4 .   ? -8.250  -13.024 9.093   0.400 33.287 0 208 TZ6 AAA O2  1 ? 
HETATM 1127 O  O4  B TZ6 I 4 .   ? -4.439  -13.148 7.706   0.400 30.718 0 208 TZ6 AAA O4  1 ? 
HETATM 1128 N  N1  B TZ6 I 4 .   ? -5.499  -11.820 11.071  0.400 41.653 0 208 TZ6 AAA N1  1 ? 
HETATM 1129 N  N2  B TZ6 I 4 .   ? -5.786  -13.926 10.233  0.400 40.763 0 208 TZ6 AAA N2  1 ? 
HETATM 1130 C  C2  B TZ6 I 4 .   ? -5.178  -10.933 12.140  0.400 45.987 0 208 TZ6 AAA C2  1 ? 
HETATM 1131 C  C3  B TZ6 I 4 .   ? -3.895  -10.407 12.237  0.400 49.225 0 208 TZ6 AAA C3  1 ? 
HETATM 1132 C  C4  B TZ6 I 4 .   ? -3.568  -9.508  13.247  0.400 51.681 0 208 TZ6 AAA C4  1 ? 
HETATM 1133 C  C7  B TZ6 I 4 .   ? -6.157  -10.509 13.031  0.400 46.490 0 208 TZ6 AAA C7  1 ? 
HETATM 1134 C  C1  B TZ6 I 4 .   ? -5.705  -13.110 11.281  0.400 40.000 0 208 TZ6 AAA C1  1 ? 
HETATM 1135 C  C6  B TZ6 I 4 .   ? -5.846  -9.618  14.024  0.400 49.446 0 208 TZ6 AAA C6  1 ? 
HETATM 1136 C  C5  B TZ6 I 4 .   ? -4.571  -9.138  14.121  0.400 51.809 0 208 TZ6 AAA C5  1 ? 
HETATM 1137 C  C8  B TZ6 I 4 .   ? -5.842  -15.355 10.281  0.400 47.707 0 208 TZ6 AAA C8  1 ? 
HETATM 1138 C  C10 B TZ6 I 4 .   ? -5.667  -17.374 9.008   0.400 51.160 0 208 TZ6 AAA C10 1 ? 
HETATM 1139 C  C9  B TZ6 I 4 .   ? -5.621  -16.001 9.067   0.400 50.955 0 208 TZ6 AAA C9  1 ? 
HETATM 1140 O  O   . HOH J 5 .   ? 2.832   1.036   -14.870 1.000 38.843 0 301 HOH AAA O   1 ? 
HETATM 1141 O  O   A HOH J 5 .   ? -12.174 -7.925  1.958   0.500 28.401 0 302 HOH AAA O   1 ? 
HETATM 1142 O  O   B HOH J 5 .   ? -11.068 -8.440  3.200   0.500 22.926 0 302 HOH AAA O   1 ? 
HETATM 1143 O  O   A HOH J 5 .   ? 7.909   -15.419 9.276   0.500 30.843 0 303 HOH AAA O   1 ? 
HETATM 1144 O  O   B HOH J 5 .   ? 9.149   -15.812 7.772   0.500 40.270 0 303 HOH AAA O   1 ? 
HETATM 1145 O  O   . HOH J 5 .   ? -14.424 6.573   -6.021  1.000 39.179 0 304 HOH AAA O   1 ? 
HETATM 1146 O  O   . HOH J 5 .   ? 4.450   -9.711  -7.399  1.000 52.924 0 305 HOH AAA O   1 ? 
HETATM 1147 O  O   . HOH J 5 .   ? -1.825  2.751   8.205   1.000 34.370 0 306 HOH AAA O   1 ? 
HETATM 1148 O  O   . HOH J 5 .   ? -18.163 10.701  5.626   1.000 48.479 0 307 HOH AAA O   1 ? 
HETATM 1149 O  O   . HOH J 5 .   ? 8.024   -4.620  -7.761  1.000 29.215 0 308 HOH AAA O   1 ? 
HETATM 1150 O  O   . HOH J 5 .   ? -10.277 3.785   12.911  1.000 37.662 0 309 HOH AAA O   1 ? 
HETATM 1151 O  O   . HOH J 5 .   ? 13.504  4.277   -6.515  1.000 35.289 0 310 HOH AAA O   1 ? 
HETATM 1152 O  O   . HOH J 5 .   ? 7.964   2.914   -11.647 1.000 40.484 0 311 HOH AAA O   1 ? 
HETATM 1153 O  O   . HOH J 5 .   ? 2.736   -15.478 -1.596  1.000 57.945 0 312 HOH AAA O   1 ? 
HETATM 1154 O  O   . HOH J 5 .   ? -7.514  -6.588  5.323   1.000 27.286 0 313 HOH AAA O   1 ? 
HETATM 1155 O  O   . HOH J 5 .   ? -9.462  11.180  -13.801 1.000 33.451 0 314 HOH AAA O   1 ? 
HETATM 1156 O  O   . HOH J 5 .   ? 8.787   -12.958 8.214   1.000 30.547 0 315 HOH AAA O   1 ? 
HETATM 1157 O  O   . HOH J 5 .   ? -8.951  13.254  4.456   1.000 27.834 0 316 HOH AAA O   1 ? 
HETATM 1158 O  O   . HOH J 5 .   ? 0.308   7.226   7.650   1.000 31.462 0 317 HOH AAA O   1 ? 
HETATM 1159 O  O   . HOH J 5 .   ? -15.113 2.301   -3.836  1.000 23.929 0 318 HOH AAA O   1 ? 
HETATM 1160 O  O   . HOH J 5 .   ? 0.334   -7.051  -10.619 1.000 54.287 0 319 HOH AAA O   1 ? 
HETATM 1161 O  O   . HOH J 5 .   ? 6.629   0.793   -2.771  1.000 31.917 0 320 HOH AAA O   1 ? 
HETATM 1162 O  O   . HOH J 5 .   ? 4.418   2.675   10.900  1.000 34.445 0 321 HOH AAA O   1 ? 
HETATM 1163 O  O   . HOH J 5 .   ? 1.452   -6.109  16.977  1.000 45.751 0 322 HOH AAA O   1 ? 
HETATM 1164 O  O   . HOH J 5 .   ? 1.368   -4.122  -17.915 1.000 51.659 0 323 HOH AAA O   1 ? 
HETATM 1165 O  O   . HOH J 5 .   ? 4.848   -6.003  -13.491 1.000 46.266 0 324 HOH AAA O   1 ? 
HETATM 1166 O  O   . HOH J 5 .   ? 0.916   2.851   8.450   1.000 27.830 0 325 HOH AAA O   1 ? 
HETATM 1167 O  O   . HOH J 5 .   ? -11.548 14.295  -0.777  1.000 35.886 0 326 HOH AAA O   1 ? 
HETATM 1168 O  O   . HOH J 5 .   ? 4.854   -16.623 6.592   1.000 43.335 0 327 HOH AAA O   1 ? 
HETATM 1169 O  O   . HOH J 5 .   ? 11.344  -4.502  11.618  1.000 19.275 0 328 HOH AAA O   1 ? 
HETATM 1170 O  O   A HOH J 5 .   ? 17.296  -7.129  0.091   0.700 28.620 0 329 HOH AAA O   1 ? 
HETATM 1171 O  O   B HOH J 5 .   ? 18.301  -7.293  1.551   0.300 23.309 0 329 HOH AAA O   1 ? 
HETATM 1172 O  O   . HOH J 5 .   ? 1.285   -0.321  10.560  1.000 34.353 0 330 HOH AAA O   1 ? 
HETATM 1173 O  O   . HOH J 5 .   ? 4.178   13.468  -5.547  1.000 28.013 0 331 HOH AAA O   1 ? 
HETATM 1174 O  O   . HOH J 5 .   ? -17.527 -0.695  -4.961  1.000 38.991 0 332 HOH AAA O   1 ? 
HETATM 1175 O  O   . HOH J 5 .   ? -5.798  -12.849 1.907   1.000 36.789 0 333 HOH AAA O   1 ? 
HETATM 1176 O  O   . HOH J 5 .   ? 10.984  -15.344 14.054  0.500 44.725 0 334 HOH AAA O   1 ? 
HETATM 1177 O  O   . HOH J 5 .   ? -1.595  -11.302 -4.944  1.000 38.943 0 335 HOH AAA O   1 ? 
HETATM 1178 O  O   . HOH J 5 .   ? 12.705  4.992   4.321   1.000 18.007 0 336 HOH AAA O   1 ? 
HETATM 1179 O  O   . HOH J 5 .   ? 0.445   0.494   7.118   1.000 37.214 0 337 HOH AAA O   1 ? 
HETATM 1180 O  O   . HOH J 5 .   ? -5.753  -8.888  -10.250 1.000 43.980 0 338 HOH AAA O   1 ? 
HETATM 1181 O  O   . HOH J 5 .   ? -9.795  -14.988 11.690  0.500 29.033 0 339 HOH AAA O   1 ? 
HETATM 1182 O  O   . HOH J 5 .   ? -12.620 -9.485  10.778  0.500 35.626 0 340 HOH AAA O   1 ? 
HETATM 1183 O  O   . HOH J 5 .   ? 4.557   13.327  -2.890  1.000 28.756 0 341 HOH AAA O   1 ? 
HETATM 1184 O  O   . HOH J 5 .   ? 12.253  7.874   -3.466  1.000 20.355 0 342 HOH AAA O   1 ? 
HETATM 1185 O  O   . HOH J 5 .   ? 7.176   -0.127  -4.998  1.000 25.493 0 343 HOH AAA O   1 ? 
HETATM 1186 O  O   . HOH J 5 .   ? -11.736 8.669   7.346   1.000 22.095 0 344 HOH AAA O   1 ? 
HETATM 1187 O  O   . HOH J 5 .   ? 6.668   -7.284  19.796  1.000 40.505 0 345 HOH AAA O   1 ? 
HETATM 1188 O  O   . HOH J 5 .   ? 3.470   3.679   8.460   1.000 23.036 0 346 HOH AAA O   1 ? 
HETATM 1189 O  O   . HOH J 5 .   ? -2.653  12.034  -16.362 1.000 43.147 0 347 HOH AAA O   1 ? 
HETATM 1190 O  O   . HOH J 5 .   ? -14.954 3.037   10.197  1.000 29.780 0 348 HOH AAA O   1 ? 
HETATM 1191 O  O   . HOH J 5 .   ? -10.151 12.188  0.390   1.000 25.176 0 349 HOH AAA O   1 ? 
HETATM 1192 O  O   B HOH J 5 .   ? -5.741  -7.528  7.224   0.500 26.765 0 350 HOH AAA O   1 ? 
HETATM 1193 O  O   . HOH J 5 .   ? 4.155   -0.960  -0.108  1.000 18.162 0 351 HOH AAA O   1 ? 
HETATM 1194 O  O   . HOH J 5 .   ? 10.229  -5.564  -6.272  1.000 34.233 0 352 HOH AAA O   1 ? 
HETATM 1195 O  O   . HOH J 5 .   ? 12.845  2.649   9.026   0.500 23.132 0 353 HOH AAA O   1 ? 
HETATM 1196 O  O   . HOH J 5 .   ? 8.138   10.035  -10.495 1.000 42.714 0 354 HOH AAA O   1 ? 
HETATM 1197 O  O   . HOH J 5 .   ? -13.934 5.019   0.983   1.000 29.869 0 355 HOH AAA O   1 ? 
HETATM 1198 O  O   . HOH J 5 .   ? -7.455  -1.501  -12.370 1.000 27.785 0 356 HOH AAA O   1 ? 
HETATM 1199 O  O   . HOH J 5 .   ? -15.162 9.992   6.825   1.000 38.987 0 357 HOH AAA O   1 ? 
HETATM 1200 O  O   . HOH J 5 .   ? 2.905   6.573   7.496   1.000 40.151 0 358 HOH AAA O   1 ? 
HETATM 1201 O  O   . HOH J 5 .   ? -1.639  9.110   8.320   1.000 28.421 0 359 HOH AAA O   1 ? 
HETATM 1202 O  O   . HOH J 5 .   ? -16.306 5.053   2.400   1.000 31.509 0 360 HOH AAA O   1 ? 
HETATM 1203 O  O   . HOH J 5 .   ? 4.454   -9.315  -3.532  1.000 33.153 0 361 HOH AAA O   1 ? 
HETATM 1204 O  O   . HOH J 5 .   ? -15.714 6.938   0.248   1.000 27.034 0 362 HOH AAA O   1 ? 
HETATM 1205 O  O   . HOH J 5 .   ? -13.886 -5.200  2.010   1.000 26.338 0 363 HOH AAA O   1 ? 
HETATM 1206 O  O   . HOH J 5 .   ? -1.858  0.323   8.966   1.000 30.608 0 364 HOH AAA O   1 ? 
HETATM 1207 O  O   . HOH J 5 .   ? 7.891   9.436   2.271   1.000 24.507 0 365 HOH AAA O   1 ? 
HETATM 1208 O  O   . HOH J 5 .   ? 2.055   -9.474  -11.321 1.000 51.297 0 366 HOH AAA O   1 ? 
HETATM 1209 O  O   . HOH J 5 .   ? 0.110   -2.537  9.738   1.000 38.906 0 367 HOH AAA O   1 ? 
HETATM 1210 O  O   . HOH J 5 .   ? -2.780  9.433   -15.074 1.000 37.474 0 368 HOH AAA O   1 ? 
HETATM 1211 O  O   . HOH J 5 .   ? -11.667 -7.835  -7.216  1.000 35.888 0 369 HOH AAA O   1 ? 
HETATM 1212 O  O   . HOH J 5 .   ? 16.349  -12.098 6.013   1.000 30.483 0 370 HOH AAA O   1 ? 
HETATM 1213 O  O   . HOH J 5 .   ? 14.588  -2.212  -3.411  1.000 36.924 0 371 HOH AAA O   1 ? 
HETATM 1214 O  O   . HOH J 5 .   ? 14.673  -6.376  -3.064  1.000 39.014 0 372 HOH AAA O   1 ? 
HETATM 1215 O  O   . HOH J 5 .   ? 3.033   1.240   15.807  1.000 46.894 0 373 HOH AAA O   1 ? 
HETATM 1216 O  O   . HOH J 5 .   ? -14.728 14.369  1.488   1.000 34.709 0 374 HOH AAA O   1 ? 
HETATM 1217 O  O   . HOH J 5 .   ? 18.158  -3.328  12.605  1.000 32.603 0 375 HOH AAA O   1 ? 
HETATM 1218 O  O   . HOH J 5 .   ? 10.374  -15.703 5.296   1.000 38.456 0 376 HOH AAA O   1 ? 
HETATM 1219 O  O   . HOH J 5 .   ? 1.526   14.887  -8.826  1.000 61.312 0 377 HOH AAA O   1 ? 
HETATM 1220 O  O   . HOH J 5 .   ? -3.208  2.802   -16.682 1.000 40.831 0 378 HOH AAA O   1 ? 
HETATM 1221 O  O   . HOH J 5 .   ? -6.760  13.595  6.256   1.000 23.586 0 379 HOH AAA O   1 ? 
HETATM 1222 O  O   A HOH J 5 .   ? 10.662  4.753   12.174  0.500 22.344 0 380 HOH AAA O   1 ? 
HETATM 1223 O  O   B HOH J 5 .   ? 11.490  4.046   10.922  0.500 21.993 0 380 HOH AAA O   1 ? 
HETATM 1224 O  O   . HOH J 5 .   ? 11.653  10.448  -7.547  1.000 38.527 0 381 HOH AAA O   1 ? 
HETATM 1225 O  O   . HOH J 5 .   ? 0.127   14.101  -11.039 1.000 34.210 0 382 HOH AAA O   1 ? 
HETATM 1226 O  O   . HOH J 5 .   ? 14.223  0.293   -7.662  1.000 38.710 0 383 HOH AAA O   1 ? 
HETATM 1227 O  O   . HOH J 5 .   ? 6.866   -13.612 -4.517  1.000 46.991 0 384 HOH AAA O   1 ? 
HETATM 1228 O  O   . HOH J 5 .   ? 6.967   -2.746  -4.897  1.000 26.905 0 385 HOH AAA O   1 ? 
HETATM 1229 O  O   . HOH J 5 .   ? 15.475  -11.899 3.083   1.000 46.882 0 386 HOH AAA O   1 ? 
HETATM 1230 O  O   A HOH J 5 .   ? 2.285   -3.386  14.055  0.500 28.924 0 387 HOH AAA O   1 ? 
HETATM 1231 O  O   B HOH J 5 .   ? 2.210   -4.734  13.586  0.500 28.889 0 387 HOH AAA O   1 ? 
HETATM 1232 O  O   . HOH J 5 .   ? -15.592 -5.160  0.000   1.000 36.275 0 388 HOH AAA O   1 ? 
HETATM 1233 O  O   . HOH J 5 .   ? 2.887   -1.894  16.329  1.000 37.735 0 389 HOH AAA O   1 ? 
HETATM 1234 O  O   A HOH J 5 .   ? 0.319   -4.008  6.140   0.500 18.441 0 390 HOH AAA O   1 ? 
HETATM 1235 O  O   B HOH J 5 .   ? -0.813  -2.920  5.857   0.500 27.458 0 390 HOH AAA O   1 ? 
HETATM 1236 O  O   . HOH J 5 .   ? 1.640   12.726  -11.903 1.000 30.125 0 391 HOH AAA O   1 ? 
HETATM 1237 O  O   A HOH J 5 .   ? -1.588  -5.708  8.546   0.500 25.801 0 392 HOH AAA O   1 ? 
HETATM 1238 O  O   B HOH J 5 .   ? -2.811  -6.501  7.713   0.500 31.807 0 392 HOH AAA O   1 ? 
HETATM 1239 O  O   . HOH J 5 .   ? 2.326   -6.602  -13.366 1.000 66.770 0 393 HOH AAA O   1 ? 
HETATM 1240 O  O   A HOH J 5 .   ? -16.671 2.088   -6.423  0.500 27.937 0 394 HOH AAA O   1 ? 
HETATM 1241 O  O   B HOH J 5 .   ? -18.328 1.511   -5.323  0.500 28.967 0 394 HOH AAA O   1 ? 
HETATM 1242 O  O   . HOH J 5 .   ? -16.975 4.973   -7.202  1.000 54.989 0 395 HOH AAA O   1 ? 
HETATM 1243 O  O   . HOH J 5 .   ? 13.435  -12.400 13.525  1.000 56.270 0 396 HOH AAA O   1 ? 
HETATM 1244 O  O   . HOH J 5 .   ? -15.933 13.781  4.042   1.000 39.848 0 397 HOH AAA O   1 ? 
HETATM 1245 O  O   . HOH J 5 .   ? 10.543  -2.197  19.859  1.000 53.025 0 398 HOH AAA O   1 ? 
HETATM 1246 O  O   . HOH J 5 .   ? -17.080 6.236   6.612   1.000 28.508 0 399 HOH AAA O   1 ? 
HETATM 1247 O  O   . HOH J 5 .   ? -10.309 5.189   -13.574 1.000 54.708 0 400 HOH AAA O   1 ? 
HETATM 1248 O  O   . HOH J 5 .   ? 14.084  -15.371 7.862   1.000 52.743 0 401 HOH AAA O   1 ? 
HETATM 1249 O  O   . HOH J 5 .   ? 17.210  -5.411  -2.958  1.000 57.461 0 402 HOH AAA O   1 ? 
HETATM 1250 O  O   . HOH J 5 .   ? 1.135   3.927   -16.368 0.500 36.290 0 403 HOH AAA O   1 ? 
HETATM 1251 O  O   . HOH J 5 .   ? 4.727   17.731  -0.465  1.000 46.087 0 404 HOH AAA O   1 ? 
HETATM 1252 O  O   . HOH J 5 .   ? -15.233 -6.033  11.309  1.000 37.282 0 405 HOH AAA O   1 ? 
HETATM 1253 O  O   A HOH J 5 .   ? 5.198   -11.556 19.629  0.500 22.476 0 406 HOH AAA O   1 ? 
HETATM 1254 O  O   B HOH J 5 .   ? 6.634   -12.772 20.608  0.500 22.840 0 406 HOH AAA O   1 ? 
HETATM 1255 O  O   . HOH J 5 .   ? -15.779 5.622   8.883   1.000 30.446 0 407 HOH AAA O   1 ? 
HETATM 1256 O  O   . HOH J 5 .   ? 6.036   -10.213 -5.754  1.000 39.054 0 408 HOH AAA O   1 ? 
HETATM 1257 O  O   . HOH J 5 .   ? -0.113  -13.192 -9.023  0.500 41.599 0 409 HOH AAA O   1 ? 
# 
